data_7B9Q
#
_entry.id   7B9Q
#
_cell.length_a   161.588
_cell.length_b   161.588
_cell.length_c   97.308
_cell.angle_alpha   90.000
_cell.angle_beta   90.000
_cell.angle_gamma   90.000
#
_symmetry.space_group_name_H-M   'P 43'
#
loop_
_entity.id
_entity.type
_entity.pdbx_description
1 polymer 'Vitamin B12-dependent ribonucleotide reductase'
2 non-polymer "2'-DEOXYADENOSINE 5'-TRIPHOSPHATE"
3 non-polymer 'MAGNESIUM ION'
4 water water
#
_entity_poly.entity_id   1
_entity_poly.type   'polypeptide(L)'
_entity_poly.pdbx_seq_one_letter_code
;MKIERKFTTAEGGAYGGVGFTTTVSEIRNPDGTVVFRNESVEVPEGWSQVASDVLAQKYFRKAGVPARLKRVKEKGVPDF
LWRSVPDEAELAKLPAAARFVGETSARQVFDRLAGAWAYWGWKGGYFSTEADARAYYDEMRHMLARQMAAPNSPQWFNTG
LHWAYGIDGPSQGHFYVDHATGKLQKSDSAYEHPQPHACFIQSVQDDLVNEGGIMDLWVREARLFKYGSGTGTNFSSLRG
EGEKLSGGGKSSGLMGFLKIGDRAAGAIKSGGTTRRAAKMVICDMDHPDIEQFINWKVIEEQKVASLVAGSKQHEAKLND
IFAAIRSFDGSIEGATDPAGNAGLKTAIRAAKKAMIPETYINRVLQYARQGFSSIEFPTYDTDWDSEAYTTVSGQNSNNS
VRVTDAFLQAVKDDADWALVRRTDGKVAKTIKARELWDQVGHAAWACADPGIQFHDTVNAWHTCPEDGQIRGSNPCSEYM
FLDDTACNLASMNLLTFFEAGRFDAEGYVHATRLWTVTLEISVMMAQFPSKEIAQLSYDFRTLGLGYANIGGLLMNMGLG
YDSSEGRALCGALSAIMTGVAYATSAEMAGELGAFSGYERNAGHMLRVIRNHRTAAHGHTTGYEGVNVSPVALDQVNCPD
PRLVALAKSSWDEALRLGEAHGYRNAQVTVIAPTGTIGLVMDCDTTGIEPDFALVKFKKLAGGGYFKIINRSVPAALETL
GYASAQISQIVAYAVGHGTLANCPTISHSALVGHGFGAREIEKIEAALPSAFDIRFVFNQWTLGEDFCKGALGIPADKLA
DPTFDLLRHLGFTRAQIEAANDHVCGTMTLEGAPHLKAEHLPVFDCANPCGKKGKRYLSVESHIHMMAAAQSFISGAISK
TINMPNSATIAETLAAYELSHSLGIKANALYRDGSKLSQPLASAL
;
_entity_poly.pdbx_strand_id   A,B
#
loop_
_chem_comp.id
_chem_comp.type
_chem_comp.name
_chem_comp.formula
DTP non-polymer '2'-DEOXYADENOSINE 5'-TRIPHOSPHATE' 'C10 H16 N5 O12 P3'
MG non-polymer 'MAGNESIUM ION' 'Mg 2'
#
# COMPACT_ATOMS: atom_id res chain seq x y z
N MET A 1 27.79 -26.99 -31.96
CA MET A 1 26.99 -26.16 -32.86
C MET A 1 27.87 -25.25 -33.71
N LYS A 2 27.60 -25.21 -35.02
CA LYS A 2 28.36 -24.41 -35.96
C LYS A 2 27.64 -23.10 -36.23
N ILE A 3 28.42 -22.01 -36.30
CA ILE A 3 27.90 -20.67 -36.56
C ILE A 3 28.57 -20.15 -37.82
N GLU A 4 27.76 -19.88 -38.84
CA GLU A 4 28.25 -19.45 -40.14
C GLU A 4 28.19 -17.93 -40.25
N ARG A 5 28.81 -17.41 -41.30
CA ARG A 5 28.84 -15.98 -41.57
C ARG A 5 27.99 -15.69 -42.81
N LYS A 6 27.19 -14.62 -42.73
CA LYS A 6 26.42 -14.18 -43.87
C LYS A 6 26.56 -12.68 -44.06
N PHE A 7 26.76 -11.95 -42.96
CA PHE A 7 26.90 -10.51 -42.98
C PHE A 7 28.33 -10.03 -42.84
N THR A 8 29.27 -10.91 -42.47
CA THR A 8 30.64 -10.51 -42.20
C THR A 8 31.61 -11.51 -42.84
N THR A 9 32.87 -11.10 -42.92
CA THR A 9 33.98 -12.00 -43.20
C THR A 9 34.94 -11.98 -42.02
N ALA A 10 35.67 -13.08 -41.84
CA ALA A 10 36.64 -13.15 -40.74
C ALA A 10 37.70 -12.07 -40.87
N GLU A 11 38.03 -11.66 -42.09
CA GLU A 11 39.04 -10.62 -42.28
C GLU A 11 38.47 -9.22 -42.04
N GLY A 12 37.20 -9.01 -42.36
CA GLY A 12 36.59 -7.70 -42.19
C GLY A 12 36.14 -7.45 -40.77
N GLY A 13 35.69 -8.50 -40.10
CA GLY A 13 35.22 -8.40 -38.74
C GLY A 13 33.77 -7.99 -38.67
N ALA A 14 33.39 -7.44 -37.52
CA ALA A 14 32.00 -7.04 -37.31
C ALA A 14 31.66 -5.73 -38.01
N TYR A 15 32.63 -4.85 -38.22
CA TYR A 15 32.36 -3.50 -38.71
C TYR A 15 32.93 -3.26 -40.10
N GLY A 16 33.11 -4.33 -40.88
CA GLY A 16 33.52 -4.20 -42.26
C GLY A 16 32.42 -3.55 -43.06
N GLY A 17 32.72 -2.44 -43.74
CA GLY A 17 31.71 -1.70 -44.46
C GLY A 17 30.77 -0.90 -43.59
N VAL A 18 30.98 -0.87 -42.28
CA VAL A 18 30.15 -0.11 -41.36
C VAL A 18 30.93 1.13 -40.95
N GLY A 19 30.52 2.29 -41.45
CA GLY A 19 31.20 3.53 -41.11
C GLY A 19 30.72 4.06 -39.77
N PHE A 20 31.66 4.57 -38.98
CA PHE A 20 31.38 5.13 -37.67
C PHE A 20 31.73 6.60 -37.64
N THR A 21 30.85 7.40 -37.04
CA THR A 21 31.06 8.83 -36.89
C THR A 21 30.52 9.25 -35.52
N THR A 22 30.85 10.48 -35.13
CA THR A 22 30.57 10.94 -33.77
C THR A 22 29.56 12.08 -33.77
N THR A 23 28.68 12.09 -32.78
CA THR A 23 27.68 13.15 -32.69
C THR A 23 27.65 13.75 -31.29
N VAL A 24 26.64 14.56 -31.00
CA VAL A 24 26.46 15.19 -29.71
C VAL A 24 25.06 14.92 -29.22
N SER A 25 24.92 14.55 -27.95
CA SER A 25 23.62 14.35 -27.31
C SER A 25 23.47 15.32 -26.15
N GLU A 26 22.31 15.95 -26.06
CA GLU A 26 22.09 17.02 -25.08
C GLU A 26 20.62 17.08 -24.66
N ILE A 27 20.39 17.42 -23.39
CA ILE A 27 19.06 17.56 -22.82
C ILE A 27 19.06 18.78 -21.90
N ARG A 28 17.96 19.54 -21.90
CA ARG A 28 17.82 20.66 -20.99
C ARG A 28 16.35 21.09 -20.96
N ASN A 29 16.06 22.02 -20.06
CA ASN A 29 14.75 22.63 -19.92
C ASN A 29 14.71 23.94 -20.70
N PRO A 30 13.53 24.58 -20.80
CA PRO A 30 13.48 25.92 -21.41
C PRO A 30 14.31 26.95 -20.64
N VAL A 35 21.77 20.63 -18.45
CA VAL A 35 21.35 19.54 -17.59
C VAL A 35 22.26 18.31 -17.78
N PHE A 36 22.22 17.75 -18.98
CA PHE A 36 23.10 16.66 -19.36
C PHE A 36 23.51 16.86 -20.81
N ARG A 37 24.79 16.61 -21.10
CA ARG A 37 25.28 16.69 -22.46
C ARG A 37 26.44 15.72 -22.61
N ASN A 38 26.46 14.99 -23.72
CA ASN A 38 27.55 14.09 -24.07
C ASN A 38 28.10 14.54 -25.41
N GLU A 39 29.30 15.12 -25.39
CA GLU A 39 29.99 15.58 -26.59
C GLU A 39 30.76 14.47 -27.29
N SER A 40 30.58 13.23 -26.86
CA SER A 40 31.50 12.16 -27.19
C SER A 40 30.85 10.99 -27.95
N VAL A 41 29.58 11.12 -28.35
CA VAL A 41 28.81 9.97 -28.80
C VAL A 41 29.29 9.53 -30.18
N GLU A 42 29.87 8.34 -30.26
CA GLU A 42 30.25 7.72 -31.53
C GLU A 42 29.24 6.64 -31.90
N VAL A 43 28.66 6.76 -33.09
CA VAL A 43 27.60 5.86 -33.54
C VAL A 43 27.85 5.48 -34.99
N PRO A 44 27.23 4.39 -35.46
CA PRO A 44 27.23 4.11 -36.90
C PRO A 44 26.60 5.23 -37.69
N GLU A 45 27.10 5.41 -38.92
CA GLU A 45 26.73 6.57 -39.73
C GLU A 45 25.23 6.60 -40.03
N GLY A 46 24.63 5.44 -40.25
CA GLY A 46 23.21 5.42 -40.56
C GLY A 46 22.30 5.77 -39.39
N TRP A 47 22.82 5.85 -38.18
CA TRP A 47 21.97 6.08 -37.02
C TRP A 47 21.45 7.50 -36.99
N SER A 48 20.18 7.64 -36.63
CA SER A 48 19.57 8.95 -36.50
C SER A 48 20.02 9.61 -35.20
N GLN A 49 19.73 10.90 -35.09
CA GLN A 49 20.02 11.62 -33.85
C GLN A 49 19.20 11.08 -32.69
N VAL A 50 17.99 10.58 -32.97
CA VAL A 50 17.14 10.04 -31.90
C VAL A 50 17.75 8.74 -31.38
N ALA A 51 18.16 7.84 -32.28
CA ALA A 51 18.78 6.60 -31.84
C ALA A 51 20.04 6.87 -31.04
N SER A 52 20.81 7.88 -31.43
CA SER A 52 22.00 8.26 -30.67
C SER A 52 21.64 8.79 -29.29
N ASP A 53 20.55 9.56 -29.21
CA ASP A 53 20.10 10.08 -27.92
C ASP A 53 19.68 8.97 -26.98
N VAL A 54 18.89 8.01 -27.49
CA VAL A 54 18.50 6.86 -26.68
C VAL A 54 19.73 6.12 -26.18
N LEU A 55 20.70 5.88 -27.08
CA LEU A 55 21.92 5.18 -26.69
C LEU A 55 22.68 5.92 -25.61
N ALA A 56 22.87 7.23 -25.80
CA ALA A 56 23.75 7.99 -24.91
C ALA A 56 23.09 8.25 -23.56
N GLN A 57 21.81 8.58 -23.55
CA GLN A 57 21.13 9.00 -22.34
C GLN A 57 20.56 7.84 -21.51
N LYS A 58 20.37 6.68 -22.12
CA LYS A 58 19.79 5.54 -21.43
C LYS A 58 20.71 4.33 -21.33
N TYR A 59 21.39 3.98 -22.44
CA TYR A 59 22.13 2.73 -22.51
C TYR A 59 23.60 2.85 -22.18
N PHE A 60 24.23 4.01 -22.42
CA PHE A 60 25.63 4.19 -22.06
C PHE A 60 25.80 4.06 -20.56
N ARG A 61 26.82 3.31 -20.14
CA ARG A 61 27.21 3.30 -18.73
C ARG A 61 27.76 4.67 -18.39
N LYS A 62 27.00 5.44 -17.60
CA LYS A 62 27.31 6.85 -17.43
C LYS A 62 28.48 7.10 -16.50
N ALA A 63 28.87 6.12 -15.68
CA ALA A 63 30.00 6.29 -14.77
C ALA A 63 30.58 4.93 -14.42
N GLY A 64 31.82 4.95 -13.95
CA GLY A 64 32.47 3.75 -13.47
C GLY A 64 33.21 2.94 -14.52
N VAL A 65 33.32 3.44 -15.74
CA VAL A 65 34.04 2.74 -16.81
C VAL A 65 35.51 3.12 -16.70
N PRO A 66 36.39 2.18 -16.36
CA PRO A 66 37.81 2.54 -16.19
C PRO A 66 38.46 2.90 -17.51
N ALA A 67 39.33 3.91 -17.46
CA ALA A 67 39.97 4.42 -18.66
C ALA A 67 41.11 3.54 -19.16
N ARG A 68 41.61 2.63 -18.32
CA ARG A 68 42.67 1.70 -18.70
C ARG A 68 42.26 0.30 -18.26
N LEU A 69 42.30 -0.64 -19.20
CA LEU A 69 41.83 -1.99 -18.95
C LEU A 69 42.95 -2.99 -19.18
N LYS A 70 42.71 -4.22 -18.71
CA LYS A 70 43.68 -5.30 -18.80
C LYS A 70 42.92 -6.62 -18.79
N ARG A 71 43.37 -7.57 -19.59
CA ARG A 71 42.63 -8.82 -19.76
C ARG A 71 42.92 -9.79 -18.63
N VAL A 72 41.90 -10.57 -18.27
CA VAL A 72 42.03 -11.63 -17.28
C VAL A 72 42.10 -12.96 -18.03
N LYS A 73 43.30 -13.54 -18.09
CA LYS A 73 43.49 -14.80 -18.80
C LYS A 73 42.79 -15.93 -18.07
N GLU A 74 42.01 -16.72 -18.81
CA GLU A 74 41.34 -17.90 -18.30
C GLU A 74 41.76 -19.11 -19.11
N LYS A 75 41.71 -20.28 -18.48
CA LYS A 75 42.07 -21.52 -19.15
CA LYS A 75 42.07 -21.51 -19.15
C LYS A 75 40.92 -22.01 -20.01
N GLY A 76 41.23 -22.41 -21.24
CA GLY A 76 40.22 -22.87 -22.16
C GLY A 76 39.40 -21.79 -22.82
N VAL A 77 39.55 -20.54 -22.39
CA VAL A 77 38.80 -19.41 -22.96
C VAL A 77 39.64 -18.76 -24.05
N PRO A 78 39.09 -18.55 -25.25
CA PRO A 78 39.84 -17.84 -26.30
C PRO A 78 40.23 -16.44 -25.84
N ASP A 79 41.35 -15.96 -26.39
CA ASP A 79 41.92 -14.70 -25.92
C ASP A 79 40.99 -13.52 -26.17
N PHE A 80 40.24 -13.52 -27.27
CA PHE A 80 39.35 -12.42 -27.58
C PHE A 80 38.08 -12.43 -26.74
N LEU A 81 37.85 -13.49 -25.97
CA LEU A 81 36.69 -13.58 -25.09
C LEU A 81 37.03 -13.35 -23.62
N TRP A 82 38.27 -12.97 -23.32
CA TRP A 82 38.70 -12.85 -21.93
C TRP A 82 38.01 -11.67 -21.24
N ARG A 83 37.78 -11.82 -19.94
CA ARG A 83 37.32 -10.69 -19.13
C ARG A 83 38.38 -9.61 -19.10
N SER A 84 37.97 -8.42 -18.66
CA SER A 84 38.91 -7.32 -18.43
C SER A 84 38.57 -6.63 -17.12
N VAL A 85 39.60 -6.08 -16.50
CA VAL A 85 39.46 -5.43 -15.19
C VAL A 85 40.23 -4.11 -15.22
N PRO A 86 40.01 -3.21 -14.27
CA PRO A 86 40.77 -1.96 -14.25
C PRO A 86 42.27 -2.21 -14.21
N ASP A 87 43.00 -1.46 -15.03
CA ASP A 87 44.46 -1.49 -15.02
C ASP A 87 44.94 -0.49 -13.97
N GLU A 88 45.02 -0.95 -12.72
CA GLU A 88 45.31 -0.05 -11.62
C GLU A 88 46.67 0.63 -11.78
N ALA A 89 47.66 -0.09 -12.31
CA ALA A 89 48.99 0.49 -12.48
C ALA A 89 48.97 1.62 -13.49
N GLU A 90 48.33 1.40 -14.63
CA GLU A 90 48.26 2.43 -15.66
C GLU A 90 47.21 3.49 -15.37
N LEU A 91 46.27 3.21 -14.48
CA LEU A 91 45.29 4.23 -14.10
C LEU A 91 45.92 5.28 -13.20
N ALA A 92 46.98 4.93 -12.48
CA ALA A 92 47.66 5.89 -11.61
C ALA A 92 48.48 6.91 -12.39
N LYS A 93 48.76 6.64 -13.67
CA LYS A 93 49.43 7.58 -14.54
C LYS A 93 48.49 8.66 -15.08
N LEU A 94 47.25 8.71 -14.59
CA LEU A 94 46.26 9.67 -15.06
C LEU A 94 45.75 10.53 -13.90
N PRO A 95 45.29 11.75 -14.18
CA PRO A 95 44.59 12.51 -13.14
C PRO A 95 43.39 11.74 -12.63
N ALA A 96 43.10 11.91 -11.34
CA ALA A 96 42.04 11.13 -10.70
C ALA A 96 40.68 11.32 -11.40
N ALA A 97 40.47 12.46 -12.06
CA ALA A 97 39.21 12.70 -12.74
C ALA A 97 39.06 11.88 -14.02
N ALA A 98 40.16 11.45 -14.63
CA ALA A 98 40.11 10.74 -15.90
C ALA A 98 40.19 9.23 -15.75
N ARG A 99 40.23 8.71 -14.53
CA ARG A 99 40.47 7.28 -14.34
C ARG A 99 39.21 6.45 -14.56
N PHE A 100 38.06 6.95 -14.14
CA PHE A 100 36.79 6.26 -14.31
C PHE A 100 35.81 7.22 -14.98
N VAL A 101 35.49 6.94 -16.24
CA VAL A 101 34.62 7.80 -17.03
C VAL A 101 33.35 7.04 -17.38
N GLY A 102 32.60 7.56 -18.33
CA GLY A 102 31.42 6.90 -18.86
C GLY A 102 31.67 6.36 -20.26
N GLU A 103 30.76 5.51 -20.72
CA GLU A 103 30.87 4.97 -22.06
C GLU A 103 30.76 6.08 -23.09
N THR A 104 31.33 5.84 -24.26
CA THR A 104 31.50 6.90 -25.24
C THR A 104 31.19 6.49 -26.67
N SER A 105 31.14 5.20 -26.99
CA SER A 105 30.93 4.76 -28.36
C SER A 105 29.95 3.60 -28.38
N ALA A 106 29.20 3.51 -29.49
CA ALA A 106 28.32 2.36 -29.68
C ALA A 106 29.11 1.07 -29.80
N ARG A 107 30.37 1.15 -30.25
CA ARG A 107 31.20 -0.05 -30.32
C ARG A 107 31.38 -0.67 -28.95
N GLN A 108 31.56 0.17 -27.92
CA GLN A 108 31.72 -0.35 -26.57
C GLN A 108 30.48 -1.11 -26.14
N VAL A 109 29.30 -0.56 -26.43
CA VAL A 109 28.06 -1.26 -26.11
C VAL A 109 27.96 -2.56 -26.92
N PHE A 110 28.17 -2.47 -28.24
CA PHE A 110 28.10 -3.66 -29.08
C PHE A 110 29.09 -4.72 -28.62
N ASP A 111 30.32 -4.31 -28.31
CA ASP A 111 31.36 -5.29 -27.98
C ASP A 111 31.04 -5.99 -26.66
N ARG A 112 30.66 -5.22 -25.62
CA ARG A 112 30.37 -5.85 -24.34
C ARG A 112 29.08 -6.67 -24.39
N LEU A 113 28.14 -6.31 -25.27
CA LEU A 113 26.93 -7.12 -25.41
C LEU A 113 27.25 -8.48 -26.01
N ALA A 114 27.84 -8.49 -27.21
CA ALA A 114 28.18 -9.75 -27.86
C ALA A 114 29.35 -10.44 -27.19
N GLY A 115 30.27 -9.67 -26.60
CA GLY A 115 31.36 -10.29 -25.86
C GLY A 115 30.86 -11.17 -24.72
N ALA A 116 29.91 -10.65 -23.93
CA ALA A 116 29.37 -11.42 -22.82
C ALA A 116 28.57 -12.63 -23.33
N TRP A 117 27.80 -12.44 -24.40
CA TRP A 117 27.08 -13.57 -25.00
C TRP A 117 28.04 -14.64 -25.48
N ALA A 118 29.08 -14.22 -26.22
CA ALA A 118 30.07 -15.19 -26.71
C ALA A 118 30.85 -15.80 -25.57
N TYR A 119 31.27 -14.99 -24.59
CA TYR A 119 32.01 -15.50 -23.44
C TYR A 119 31.19 -16.54 -22.68
N TRP A 120 29.96 -16.19 -22.31
CA TRP A 120 29.13 -17.11 -21.54
C TRP A 120 28.68 -18.29 -22.41
N GLY A 121 28.39 -18.04 -23.68
CA GLY A 121 28.04 -19.12 -24.58
C GLY A 121 29.17 -20.12 -24.75
N TRP A 122 30.41 -19.62 -24.78
CA TRP A 122 31.57 -20.51 -24.89
C TRP A 122 31.67 -21.43 -23.68
N LYS A 123 31.61 -20.85 -22.48
CA LYS A 123 31.70 -21.65 -21.26
C LYS A 123 30.53 -22.61 -21.13
N GLY A 124 29.38 -22.26 -21.70
CA GLY A 124 28.24 -23.15 -21.73
C GLY A 124 28.29 -24.23 -22.78
N GLY A 125 29.34 -24.24 -23.59
CA GLY A 125 29.50 -25.26 -24.61
C GLY A 125 28.58 -25.10 -25.80
N TYR A 126 28.25 -23.87 -26.17
CA TYR A 126 27.33 -23.61 -27.27
C TYR A 126 28.03 -23.52 -28.62
N PHE A 127 29.35 -23.55 -28.66
CA PHE A 127 30.09 -23.33 -29.90
C PHE A 127 31.03 -24.50 -30.15
N SER A 128 31.03 -25.00 -31.39
CA SER A 128 31.84 -26.17 -31.73
C SER A 128 33.33 -25.85 -31.65
N THR A 129 33.73 -24.73 -32.23
CA THR A 129 35.14 -24.35 -32.29
C THR A 129 35.29 -22.88 -31.93
N GLU A 130 36.54 -22.43 -31.83
CA GLU A 130 36.80 -21.01 -31.63
C GLU A 130 36.31 -20.19 -32.82
N ALA A 131 36.36 -20.75 -34.03
CA ALA A 131 35.90 -20.02 -35.20
C ALA A 131 34.40 -19.73 -35.13
N ASP A 132 33.61 -20.70 -34.68
CA ASP A 132 32.18 -20.46 -34.51
C ASP A 132 31.92 -19.35 -33.49
N ALA A 133 32.68 -19.35 -32.39
CA ALA A 133 32.48 -18.31 -31.38
C ALA A 133 32.88 -16.94 -31.91
N ARG A 134 33.90 -16.88 -32.75
CA ARG A 134 34.30 -15.59 -33.33
C ARG A 134 33.31 -15.15 -34.40
N ALA A 135 32.80 -16.11 -35.19
CA ALA A 135 31.75 -15.78 -36.16
C ALA A 135 30.53 -15.23 -35.44
N TYR A 136 30.10 -15.90 -34.37
CA TYR A 136 29.00 -15.38 -33.56
C TYR A 136 29.31 -14.00 -33.02
N TYR A 137 30.50 -13.82 -32.43
CA TYR A 137 30.90 -12.52 -31.92
C TYR A 137 30.85 -11.46 -33.00
N ASP A 138 31.28 -11.81 -34.22
CA ASP A 138 31.32 -10.83 -35.31
C ASP A 138 29.92 -10.58 -35.90
N GLU A 139 29.15 -11.64 -36.12
CA GLU A 139 27.82 -11.45 -36.71
C GLU A 139 26.88 -10.73 -35.75
N MET A 140 27.04 -10.96 -34.45
CA MET A 140 26.17 -10.33 -33.46
C MET A 140 26.37 -8.81 -33.47
N ARG A 141 27.63 -8.38 -33.40
CA ARG A 141 27.92 -6.95 -33.35
C ARG A 141 27.56 -6.26 -34.65
N HIS A 142 27.72 -6.94 -35.79
CA HIS A 142 27.33 -6.36 -37.07
C HIS A 142 25.85 -6.05 -37.11
N MET A 143 25.02 -7.00 -36.65
CA MET A 143 23.57 -6.79 -36.63
C MET A 143 23.18 -5.66 -35.68
N LEU A 144 23.83 -5.58 -34.51
CA LEU A 144 23.58 -4.47 -33.61
C LEU A 144 23.93 -3.14 -34.25
N ALA A 145 25.07 -3.08 -34.94
CA ALA A 145 25.47 -1.84 -35.59
C ALA A 145 24.56 -1.51 -36.76
N ARG A 146 24.04 -2.53 -37.44
CA ARG A 146 23.19 -2.35 -38.61
C ARG A 146 21.71 -2.21 -38.26
N GLN A 147 21.38 -2.16 -36.97
CA GLN A 147 20.00 -1.97 -36.50
C GLN A 147 19.06 -3.06 -37.03
N MET A 148 19.59 -4.28 -37.23
CA MET A 148 18.75 -5.39 -37.67
C MET A 148 17.98 -6.01 -36.52
N ALA A 149 18.52 -5.96 -35.31
CA ALA A 149 17.88 -6.54 -34.15
C ALA A 149 18.46 -5.92 -32.89
N ALA A 150 17.75 -6.11 -31.78
CA ALA A 150 18.17 -5.54 -30.51
C ALA A 150 17.55 -6.33 -29.37
N PRO A 151 18.25 -6.55 -28.28
CA PRO A 151 17.64 -7.14 -27.09
C PRO A 151 16.86 -6.08 -26.31
N ASN A 152 16.12 -6.55 -25.30
CA ASN A 152 15.37 -5.61 -24.48
C ASN A 152 16.32 -4.73 -23.69
N SER A 153 15.81 -3.56 -23.27
CA SER A 153 16.64 -2.55 -22.63
C SER A 153 17.53 -3.06 -21.50
N PRO A 154 17.09 -3.95 -20.60
CA PRO A 154 18.01 -4.41 -19.53
C PRO A 154 19.33 -4.98 -20.05
N GLN A 155 19.34 -5.62 -21.23
CA GLN A 155 20.60 -6.08 -21.79
C GLN A 155 21.50 -4.90 -22.18
N TRP A 156 20.92 -3.88 -22.81
CA TRP A 156 21.67 -2.66 -23.11
C TRP A 156 22.23 -2.04 -21.85
N PHE A 157 21.46 -2.05 -20.74
CA PHE A 157 21.93 -1.45 -19.50
C PHE A 157 23.08 -2.24 -18.90
N ASN A 158 22.97 -3.56 -18.89
CA ASN A 158 23.64 -4.39 -17.90
C ASN A 158 24.60 -5.44 -18.49
N THR A 159 24.29 -6.01 -19.64
CA THR A 159 25.11 -7.08 -20.19
C THR A 159 26.50 -6.57 -20.57
N GLY A 160 27.52 -7.24 -20.07
CA GLY A 160 28.89 -6.95 -20.44
C GLY A 160 29.63 -5.96 -19.55
N LEU A 161 28.94 -5.33 -18.59
CA LEU A 161 29.61 -4.40 -17.70
C LEU A 161 30.72 -5.08 -16.92
N HIS A 162 30.43 -6.26 -16.35
CA HIS A 162 31.46 -7.00 -15.63
C HIS A 162 32.47 -7.61 -16.59
N TRP A 163 32.00 -8.12 -17.73
CA TRP A 163 32.89 -8.79 -18.67
C TRP A 163 33.85 -7.81 -19.34
N ALA A 164 33.39 -6.60 -19.63
CA ALA A 164 34.21 -5.62 -20.33
C ALA A 164 35.01 -4.71 -19.41
N TYR A 165 34.47 -4.37 -18.23
CA TYR A 165 35.10 -3.39 -17.35
C TYR A 165 35.38 -3.92 -15.95
N GLY A 166 35.02 -5.16 -15.65
CA GLY A 166 35.18 -5.64 -14.28
C GLY A 166 34.28 -4.97 -13.28
N ILE A 167 33.29 -4.20 -13.73
CA ILE A 167 32.38 -3.51 -12.83
C ILE A 167 31.67 -4.53 -11.95
N ASP A 168 31.65 -4.25 -10.65
CA ASP A 168 31.10 -5.20 -9.69
C ASP A 168 30.39 -4.46 -8.57
N GLY A 169 29.62 -5.21 -7.79
CA GLY A 169 28.93 -4.69 -6.63
C GLY A 169 28.33 -5.80 -5.79
N PRO A 170 27.81 -5.45 -4.62
CA PRO A 170 27.18 -6.47 -3.76
C PRO A 170 25.76 -6.77 -4.22
N SER A 171 25.30 -7.96 -3.84
CA SER A 171 23.99 -8.43 -4.27
C SER A 171 23.32 -9.21 -3.14
N GLN A 172 22.04 -8.94 -2.94
CA GLN A 172 21.22 -9.65 -1.97
C GLN A 172 19.89 -10.03 -2.60
N GLY A 173 19.44 -11.25 -2.29
CA GLY A 173 18.13 -11.70 -2.74
C GLY A 173 18.06 -12.17 -4.18
N HIS A 174 19.20 -12.35 -4.85
CA HIS A 174 19.23 -12.81 -6.23
C HIS A 174 19.88 -14.18 -6.31
N PHE A 175 19.45 -14.97 -7.29
CA PHE A 175 19.81 -16.38 -7.38
C PHE A 175 19.98 -16.78 -8.84
N TYR A 176 20.69 -17.88 -9.05
CA TYR A 176 20.84 -18.47 -10.37
C TYR A 176 21.09 -19.97 -10.18
N VAL A 177 21.01 -20.69 -11.29
CA VAL A 177 21.35 -22.12 -11.31
C VAL A 177 22.66 -22.28 -12.06
N ASP A 178 23.61 -22.95 -11.43
CA ASP A 178 24.88 -23.24 -12.08
C ASP A 178 24.63 -24.10 -13.32
N HIS A 179 25.09 -23.61 -14.47
CA HIS A 179 24.85 -24.33 -15.72
C HIS A 179 25.53 -25.70 -15.73
N ALA A 180 26.63 -25.84 -14.98
CA ALA A 180 27.36 -27.10 -14.96
C ALA A 180 26.77 -28.06 -13.93
N THR A 181 26.57 -27.60 -12.70
CA THR A 181 26.11 -28.47 -11.62
C THR A 181 24.59 -28.59 -11.57
N GLY A 182 23.86 -27.59 -12.03
CA GLY A 182 22.42 -27.60 -11.92
C GLY A 182 21.88 -27.28 -10.54
N LYS A 183 22.74 -26.89 -9.60
CA LYS A 183 22.32 -26.59 -8.24
C LYS A 183 22.03 -25.10 -8.09
N LEU A 184 20.99 -24.79 -7.32
CA LEU A 184 20.65 -23.40 -7.05
C LEU A 184 21.75 -22.73 -6.23
N GLN A 185 22.05 -21.48 -6.58
CA GLN A 185 23.08 -20.71 -5.92
C GLN A 185 22.55 -19.32 -5.60
N LYS A 186 23.27 -18.63 -4.71
CA LYS A 186 23.00 -17.23 -4.39
C LYS A 186 24.11 -16.37 -4.98
N SER A 187 23.73 -15.23 -5.56
CA SER A 187 24.70 -14.36 -6.21
C SER A 187 25.58 -13.65 -5.19
N ASP A 188 26.89 -13.69 -5.40
CA ASP A 188 27.79 -12.86 -4.61
C ASP A 188 27.86 -11.45 -5.16
N SER A 189 27.58 -11.29 -6.46
CA SER A 189 27.81 -10.06 -7.17
C SER A 189 26.55 -9.64 -7.91
N ALA A 190 26.42 -8.34 -8.14
CA ALA A 190 25.27 -7.79 -8.84
C ALA A 190 25.50 -7.62 -10.33
N TYR A 191 26.69 -7.94 -10.86
CA TYR A 191 26.98 -7.66 -12.26
C TYR A 191 27.54 -8.86 -13.01
N GLU A 192 28.21 -9.79 -12.32
CA GLU A 192 28.86 -10.89 -13.01
C GLU A 192 27.86 -11.73 -13.78
N HIS A 193 26.74 -12.07 -13.15
CA HIS A 193 25.64 -12.72 -13.84
C HIS A 193 24.68 -11.65 -14.32
N PRO A 194 24.58 -11.38 -15.62
CA PRO A 194 23.70 -10.31 -16.09
C PRO A 194 22.25 -10.58 -15.77
N GLN A 195 21.46 -9.51 -15.76
CA GLN A 195 20.02 -9.56 -15.52
C GLN A 195 19.32 -9.10 -16.79
N PRO A 196 19.12 -10.00 -17.76
CA PRO A 196 18.54 -9.61 -19.05
C PRO A 196 17.03 -9.70 -19.14
N HIS A 197 16.35 -10.25 -18.13
CA HIS A 197 14.91 -10.48 -18.19
C HIS A 197 14.15 -9.23 -17.76
N ALA A 198 13.25 -8.77 -18.62
CA ALA A 198 12.46 -7.56 -18.37
C ALA A 198 11.07 -7.85 -17.83
N CYS A 199 10.48 -8.98 -18.20
CA CYS A 199 9.12 -9.30 -17.79
C CYS A 199 9.12 -10.49 -16.83
N PHE A 200 8.19 -10.45 -15.87
CA PHE A 200 8.03 -11.52 -14.90
C PHE A 200 6.55 -11.79 -14.68
N ILE A 201 6.18 -13.07 -14.66
CA ILE A 201 4.86 -13.50 -14.22
C ILE A 201 5.01 -14.09 -12.84
N GLN A 202 4.24 -13.58 -11.88
CA GLN A 202 4.40 -13.97 -10.48
C GLN A 202 3.11 -14.51 -9.91
N SER A 203 3.23 -15.55 -9.10
CA SER A 203 2.08 -16.16 -8.44
C SER A 203 1.86 -15.52 -7.07
N VAL A 204 0.62 -15.64 -6.58
CA VAL A 204 0.28 -15.23 -5.22
C VAL A 204 -0.73 -16.23 -4.66
N GLN A 205 -0.55 -16.59 -3.39
CA GLN A 205 -1.39 -17.57 -2.73
C GLN A 205 -2.38 -16.88 -1.78
N ASP A 206 -3.47 -17.59 -1.49
CA ASP A 206 -4.47 -17.11 -0.55
C ASP A 206 -3.92 -17.08 0.87
N ASP A 207 -2.90 -16.25 1.09
CA ASP A 207 -2.22 -16.15 2.37
C ASP A 207 -1.73 -14.72 2.53
N LEU A 208 -1.76 -14.21 3.76
CA LEU A 208 -1.43 -12.81 4.00
C LEU A 208 0.07 -12.60 4.12
N VAL A 209 0.72 -13.27 5.07
CA VAL A 209 2.09 -12.92 5.46
C VAL A 209 3.07 -14.06 5.28
N ASN A 210 2.65 -15.17 4.68
CA ASN A 210 3.60 -16.24 4.41
C ASN A 210 4.30 -15.98 3.07
N GLU A 211 5.40 -16.70 2.86
CA GLU A 211 6.15 -16.54 1.61
C GLU A 211 5.30 -17.02 0.45
N GLY A 212 5.25 -16.21 -0.60
CA GLY A 212 4.35 -16.45 -1.70
C GLY A 212 2.96 -15.90 -1.49
N GLY A 213 2.71 -15.23 -0.37
CA GLY A 213 1.40 -14.68 -0.05
C GLY A 213 1.22 -13.27 -0.55
N ILE A 214 0.34 -12.53 0.11
CA ILE A 214 -0.05 -11.21 -0.37
C ILE A 214 1.01 -10.16 -0.04
N MET A 215 1.27 -9.95 1.26
CA MET A 215 2.25 -8.95 1.65
C MET A 215 3.64 -9.29 1.12
N ASP A 216 3.98 -10.58 1.02
CA ASP A 216 5.25 -11.00 0.44
C ASP A 216 5.33 -10.67 -1.05
N LEU A 217 4.19 -10.66 -1.74
CA LEU A 217 4.21 -10.31 -3.15
C LEU A 217 4.64 -8.86 -3.37
N TRP A 218 4.19 -7.95 -2.49
CA TRP A 218 4.61 -6.56 -2.61
C TRP A 218 6.12 -6.43 -2.45
N VAL A 219 6.71 -7.24 -1.57
CA VAL A 219 8.16 -7.27 -1.44
C VAL A 219 8.79 -7.74 -2.75
N ARG A 220 8.26 -8.82 -3.33
CA ARG A 220 8.80 -9.33 -4.59
C ARG A 220 8.60 -8.33 -5.72
N GLU A 221 7.41 -7.75 -5.81
CA GLU A 221 7.16 -6.74 -6.84
C GLU A 221 8.08 -5.54 -6.67
N ALA A 222 8.27 -5.08 -5.43
CA ALA A 222 9.16 -3.95 -5.19
C ALA A 222 10.58 -4.26 -5.63
N ARG A 223 11.01 -5.52 -5.50
CA ARG A 223 12.36 -5.89 -5.94
C ARG A 223 12.51 -5.73 -7.45
N LEU A 224 11.47 -6.09 -8.21
CA LEU A 224 11.54 -5.92 -9.66
C LEU A 224 11.49 -4.45 -10.03
N PHE A 225 10.63 -3.68 -9.38
CA PHE A 225 10.48 -2.27 -9.71
C PHE A 225 11.78 -1.51 -9.52
N LYS A 226 12.58 -1.89 -8.52
CA LYS A 226 13.83 -1.18 -8.28
C LYS A 226 14.80 -1.33 -9.45
N TYR A 227 14.88 -2.53 -10.04
CA TYR A 227 15.76 -2.77 -11.18
C TYR A 227 15.17 -2.28 -12.49
N GLY A 228 13.85 -2.07 -12.55
CA GLY A 228 13.19 -1.62 -13.77
C GLY A 228 12.34 -2.65 -14.48
N SER A 229 12.06 -3.79 -13.85
CA SER A 229 11.29 -4.85 -14.48
C SER A 229 9.80 -4.70 -14.16
N GLY A 230 8.98 -5.38 -14.97
CA GLY A 230 7.53 -5.31 -14.83
C GLY A 230 6.97 -6.60 -14.29
N THR A 231 5.81 -6.51 -13.65
CA THR A 231 5.19 -7.64 -12.95
C THR A 231 3.80 -7.90 -13.51
N GLY A 232 3.43 -9.18 -13.53
CA GLY A 232 2.08 -9.58 -13.86
C GLY A 232 1.61 -10.73 -12.98
N THR A 233 0.38 -10.65 -12.49
CA THR A 233 -0.12 -11.65 -11.55
C THR A 233 -1.63 -11.79 -11.70
N ASN A 234 -2.11 -13.03 -11.68
CA ASN A 234 -3.53 -13.34 -11.56
C ASN A 234 -3.88 -13.46 -10.08
N PHE A 235 -4.73 -12.57 -9.59
CA PHE A 235 -5.08 -12.51 -8.18
C PHE A 235 -6.33 -13.33 -7.83
N SER A 236 -6.82 -14.16 -8.75
CA SER A 236 -8.09 -14.85 -8.54
C SER A 236 -8.05 -15.83 -7.38
N SER A 237 -6.86 -16.24 -6.92
CA SER A 237 -6.77 -17.16 -5.80
C SER A 237 -7.10 -16.51 -4.47
N LEU A 238 -7.24 -15.19 -4.42
CA LEU A 238 -7.52 -14.50 -3.17
C LEU A 238 -9.00 -14.64 -2.81
N ARG A 239 -9.26 -14.76 -1.50
CA ARG A 239 -10.62 -14.94 -1.01
C ARG A 239 -11.51 -13.76 -1.41
N GLY A 240 -12.77 -14.06 -1.68
CA GLY A 240 -13.75 -13.02 -1.87
C GLY A 240 -14.03 -12.27 -0.58
N GLU A 241 -14.61 -11.08 -0.73
CA GLU A 241 -14.96 -10.27 0.44
C GLU A 241 -16.12 -10.91 1.19
N GLY A 242 -15.88 -11.23 2.47
CA GLY A 242 -16.88 -11.89 3.28
C GLY A 242 -16.68 -13.38 3.45
N GLU A 243 -15.73 -13.97 2.73
CA GLU A 243 -15.44 -15.39 2.93
C GLU A 243 -14.80 -15.61 4.28
N LYS A 244 -15.34 -16.56 5.05
CA LYS A 244 -14.93 -16.72 6.43
C LYS A 244 -13.50 -17.27 6.52
N LEU A 245 -12.80 -16.86 7.58
CA LEU A 245 -11.52 -17.44 7.95
C LEU A 245 -11.76 -18.55 8.96
N SER A 246 -11.01 -19.65 8.79
CA SER A 246 -11.17 -20.78 9.70
C SER A 246 -10.74 -20.44 11.12
N GLY A 247 -9.96 -19.38 11.31
CA GLY A 247 -9.64 -18.85 12.61
C GLY A 247 -10.62 -17.85 13.15
N GLY A 248 -11.77 -17.66 12.48
CA GLY A 248 -12.75 -16.70 12.93
C GLY A 248 -12.67 -15.38 12.20
N GLY A 249 -13.80 -14.93 11.66
CA GLY A 249 -13.87 -13.67 10.94
C GLY A 249 -13.84 -13.87 9.44
N LYS A 250 -14.14 -12.79 8.74
CA LYS A 250 -14.15 -12.78 7.27
C LYS A 250 -12.87 -12.13 6.74
N SER A 251 -12.63 -12.31 5.45
CA SER A 251 -11.56 -11.60 4.76
C SER A 251 -12.10 -10.29 4.20
N SER A 252 -11.27 -9.25 4.25
CA SER A 252 -11.69 -7.93 3.80
C SER A 252 -11.88 -7.85 2.29
N GLY A 253 -11.40 -8.84 1.54
CA GLY A 253 -11.69 -8.93 0.13
C GLY A 253 -10.47 -8.67 -0.75
N LEU A 254 -10.66 -8.94 -2.04
CA LEU A 254 -9.57 -8.83 -3.00
C LEU A 254 -9.20 -7.37 -3.27
N MET A 255 -10.20 -6.50 -3.43
CA MET A 255 -9.91 -5.13 -3.80
C MET A 255 -9.10 -4.40 -2.75
N GLY A 256 -9.26 -4.76 -1.48
CA GLY A 256 -8.51 -4.10 -0.43
C GLY A 256 -7.02 -4.36 -0.54
N PHE A 257 -6.65 -5.61 -0.81
CA PHE A 257 -5.23 -5.95 -0.96
C PHE A 257 -4.68 -5.47 -2.29
N LEU A 258 -5.52 -5.42 -3.32
CA LEU A 258 -5.11 -4.80 -4.58
C LEU A 258 -4.76 -3.32 -4.38
N LYS A 259 -5.52 -2.62 -3.53
CA LYS A 259 -5.22 -1.22 -3.24
C LYS A 259 -3.85 -1.06 -2.60
N ILE A 260 -3.37 -2.08 -1.90
CA ILE A 260 -2.06 -2.00 -1.25
C ILE A 260 -0.95 -1.99 -2.31
N GLY A 261 -0.88 -3.05 -3.12
CA GLY A 261 0.16 -3.14 -4.13
C GLY A 261 0.09 -2.03 -5.15
N ASP A 262 -1.11 -1.48 -5.37
CA ASP A 262 -1.24 -0.33 -6.26
C ASP A 262 -0.59 0.90 -5.65
N ARG A 263 -0.81 1.13 -4.34
CA ARG A 263 -0.17 2.24 -3.66
C ARG A 263 1.33 2.05 -3.57
N ALA A 264 1.80 0.81 -3.44
CA ALA A 264 3.24 0.57 -3.41
C ALA A 264 3.88 0.85 -4.77
N ALA A 265 3.21 0.44 -5.85
CA ALA A 265 3.75 0.64 -7.19
C ALA A 265 3.87 2.13 -7.54
N GLY A 266 2.94 2.95 -7.05
CA GLY A 266 3.04 4.38 -7.29
C GLY A 266 4.16 5.06 -6.55
N ALA A 267 4.64 4.46 -5.47
CA ALA A 267 5.69 5.06 -4.67
C ALA A 267 7.08 4.57 -5.04
N ILE A 268 7.18 3.56 -5.89
CA ILE A 268 8.47 3.00 -6.31
C ILE A 268 8.64 3.29 -7.80
N LYS A 269 9.70 4.01 -8.13
CA LYS A 269 10.00 4.37 -9.51
C LYS A 269 10.77 3.24 -10.17
N SER A 270 10.29 2.79 -11.33
CA SER A 270 10.93 1.69 -12.04
C SER A 270 12.33 2.11 -12.48
N GLY A 271 13.34 1.37 -12.00
CA GLY A 271 14.71 1.73 -12.24
C GLY A 271 15.18 2.98 -11.54
N GLY A 272 14.39 3.53 -10.61
CA GLY A 272 14.70 4.77 -9.95
C GLY A 272 14.55 6.00 -10.81
N THR A 273 14.29 5.86 -12.10
CA THR A 273 14.18 6.98 -13.03
C THR A 273 12.80 7.62 -12.86
N THR A 274 12.45 8.54 -13.76
CA THR A 274 11.11 9.11 -13.83
C THR A 274 10.07 8.09 -14.30
N ARG A 275 10.49 6.88 -14.65
CA ARG A 275 9.59 5.87 -15.17
C ARG A 275 8.62 5.40 -14.09
N ARG A 276 7.45 4.92 -14.52
CA ARG A 276 6.45 4.35 -13.64
C ARG A 276 6.61 2.83 -13.57
N ALA A 277 5.97 2.25 -12.56
CA ALA A 277 6.06 0.80 -12.34
C ALA A 277 5.12 0.06 -13.27
N ALA A 278 5.66 -0.89 -14.03
CA ALA A 278 4.89 -1.70 -14.97
C ALA A 278 4.26 -2.87 -14.21
N LYS A 279 2.94 -2.84 -14.07
CA LYS A 279 2.23 -3.77 -13.20
C LYS A 279 0.97 -4.24 -13.89
N MET A 280 0.75 -5.54 -13.90
CA MET A 280 -0.41 -6.16 -14.54
C MET A 280 -1.21 -6.91 -13.48
N VAL A 281 -2.50 -6.59 -13.38
CA VAL A 281 -3.41 -7.20 -12.42
C VAL A 281 -4.53 -7.90 -13.18
N ILE A 282 -4.74 -9.18 -12.86
CA ILE A 282 -5.67 -10.02 -13.59
C ILE A 282 -6.64 -10.69 -12.61
N CYS A 283 -7.91 -10.73 -12.98
CA CYS A 283 -8.97 -11.38 -12.20
C CYS A 283 -9.78 -12.30 -13.10
N ASP A 284 -10.16 -13.46 -12.57
CA ASP A 284 -10.99 -14.38 -13.33
C ASP A 284 -12.45 -13.94 -13.29
N MET A 285 -13.15 -14.21 -14.39
CA MET A 285 -14.53 -13.76 -14.53
C MET A 285 -15.47 -14.39 -13.51
N ASP A 286 -15.08 -15.50 -12.88
CA ASP A 286 -15.90 -16.18 -11.91
C ASP A 286 -15.56 -15.80 -10.47
N HIS A 287 -14.71 -14.80 -10.26
CA HIS A 287 -14.38 -14.37 -8.91
C HIS A 287 -15.59 -13.64 -8.31
N PRO A 288 -15.86 -13.84 -7.01
CA PRO A 288 -17.03 -13.18 -6.41
C PRO A 288 -16.94 -11.67 -6.41
N ASP A 289 -15.73 -11.11 -6.37
CA ASP A 289 -15.54 -9.66 -6.38
C ASP A 289 -15.29 -9.12 -7.77
N ILE A 290 -15.66 -9.86 -8.83
CA ILE A 290 -15.37 -9.45 -10.19
C ILE A 290 -16.06 -8.13 -10.55
N GLU A 291 -17.21 -7.84 -9.91
CA GLU A 291 -17.93 -6.62 -10.25
C GLU A 291 -17.19 -5.38 -9.76
N GLN A 292 -16.58 -5.46 -8.57
CA GLN A 292 -15.78 -4.34 -8.10
C GLN A 292 -14.47 -4.23 -8.87
N PHE A 293 -13.98 -5.34 -9.41
CA PHE A 293 -12.76 -5.28 -10.21
C PHE A 293 -13.03 -4.62 -11.56
N ILE A 294 -14.18 -4.91 -12.16
CA ILE A 294 -14.50 -4.37 -13.48
C ILE A 294 -14.72 -2.87 -13.42
N ASN A 295 -15.45 -2.40 -12.42
CA ASN A 295 -15.78 -0.98 -12.30
C ASN A 295 -14.82 -0.21 -11.41
N TRP A 296 -13.67 -0.80 -11.07
CA TRP A 296 -12.70 -0.17 -10.18
C TRP A 296 -12.28 1.19 -10.71
N LYS A 297 -11.56 1.21 -11.84
CA LYS A 297 -11.06 2.45 -12.40
C LYS A 297 -12.18 3.37 -12.89
N VAL A 298 -13.36 2.82 -13.15
CA VAL A 298 -14.50 3.66 -13.53
C VAL A 298 -14.89 4.57 -12.38
N ILE A 299 -14.89 4.04 -11.15
CA ILE A 299 -15.28 4.84 -9.99
C ILE A 299 -14.15 5.79 -9.62
N GLU A 300 -12.90 5.35 -9.78
CA GLU A 300 -11.76 6.19 -9.39
C GLU A 300 -11.64 7.42 -10.29
N GLU A 301 -12.02 7.31 -11.56
CA GLU A 301 -12.02 8.48 -12.43
C GLU A 301 -13.05 9.50 -11.96
N GLN A 302 -14.20 9.03 -11.47
CA GLN A 302 -15.19 9.94 -10.90
C GLN A 302 -14.67 10.61 -9.64
N LYS A 303 -13.95 9.86 -8.80
CA LYS A 303 -13.39 10.44 -7.59
C LYS A 303 -12.38 11.54 -7.93
N VAL A 304 -11.61 11.36 -9.00
CA VAL A 304 -10.68 12.41 -9.42
C VAL A 304 -11.45 13.67 -9.79
N ALA A 305 -12.43 13.53 -10.69
CA ALA A 305 -13.23 14.68 -11.10
C ALA A 305 -13.91 15.35 -9.93
N SER A 306 -14.43 14.57 -8.98
CA SER A 306 -15.03 15.16 -7.78
C SER A 306 -14.02 15.95 -6.99
N LEU A 307 -12.76 15.49 -6.95
CA LEU A 307 -11.72 16.26 -6.29
C LEU A 307 -11.43 17.56 -7.03
N VAL A 308 -11.43 17.51 -8.37
CA VAL A 308 -11.17 18.73 -9.15
C VAL A 308 -12.26 19.76 -8.89
N ALA A 309 -13.53 19.33 -8.95
CA ALA A 309 -14.64 20.25 -8.75
C ALA A 309 -14.79 20.65 -7.28
N GLY A 310 -14.70 19.69 -6.36
CA GLY A 310 -14.94 19.98 -4.96
C GLY A 310 -13.90 20.89 -4.34
N SER A 311 -12.64 20.78 -4.77
CA SER A 311 -11.59 21.61 -4.20
C SER A 311 -11.67 23.05 -4.70
N LYS A 312 -11.88 23.24 -6.00
CA LYS A 312 -12.03 24.59 -6.54
C LYS A 312 -13.27 25.28 -5.97
N GLN A 313 -14.35 24.52 -5.79
CA GLN A 313 -15.53 25.08 -5.12
C GLN A 313 -15.23 25.41 -3.67
N HIS A 314 -14.48 24.54 -2.98
CA HIS A 314 -14.08 24.84 -1.62
C HIS A 314 -13.20 26.08 -1.57
N GLU A 315 -12.29 26.22 -2.53
CA GLU A 315 -11.48 27.42 -2.64
C GLU A 315 -12.39 28.63 -2.84
N ALA A 316 -13.06 28.68 -3.99
CA ALA A 316 -13.85 29.85 -4.37
C ALA A 316 -14.81 30.27 -3.27
N LYS A 317 -15.59 29.31 -2.74
CA LYS A 317 -16.62 29.66 -1.76
C LYS A 317 -16.06 30.02 -0.40
N LEU A 318 -14.87 29.56 -0.05
CA LEU A 318 -14.28 29.90 1.25
C LEU A 318 -13.44 31.17 1.21
N ASN A 319 -12.91 31.56 0.05
CA ASN A 319 -12.29 32.87 -0.06
C ASN A 319 -13.32 33.98 0.10
N ASP A 320 -14.51 33.79 -0.48
CA ASP A 320 -15.56 34.79 -0.37
C ASP A 320 -15.99 35.00 1.07
N ILE A 321 -15.93 33.95 1.89
CA ILE A 321 -16.23 34.12 3.31
C ILE A 321 -15.22 35.06 3.95
N PHE A 322 -13.94 34.93 3.59
CA PHE A 322 -12.92 35.83 4.13
C PHE A 322 -13.12 37.26 3.65
N ALA A 323 -13.45 37.44 2.38
CA ALA A 323 -13.67 38.79 1.86
C ALA A 323 -14.87 39.45 2.51
N ALA A 324 -15.84 38.66 2.99
CA ALA A 324 -16.98 39.23 3.70
C ALA A 324 -16.59 39.70 5.09
N ILE A 325 -15.66 39.00 5.73
CA ILE A 325 -15.16 39.41 7.04
C ILE A 325 -14.13 40.54 6.91
N ARG A 326 -13.26 40.47 5.91
CA ARG A 326 -12.20 41.48 5.77
C ARG A 326 -12.78 42.84 5.44
N SER A 327 -13.82 42.89 4.61
CA SER A 327 -14.48 44.13 4.25
C SER A 327 -15.59 44.49 5.22
N PHE A 328 -15.79 43.69 6.27
CA PHE A 328 -16.62 44.16 7.35
C PHE A 328 -15.99 45.41 7.94
N ASP A 329 -16.82 46.15 8.66
CA ASP A 329 -16.46 47.51 9.01
C ASP A 329 -15.31 47.57 10.00
N GLY A 330 -15.39 46.81 11.08
CA GLY A 330 -14.26 46.82 12.00
C GLY A 330 -14.48 46.34 13.41
N SER A 331 -15.58 45.63 13.66
CA SER A 331 -15.81 45.03 14.97
C SER A 331 -15.09 43.70 15.13
N ILE A 332 -14.67 43.09 14.01
CA ILE A 332 -14.16 41.72 13.87
C ILE A 332 -14.49 40.79 15.04
N GLU A 333 -15.78 40.68 15.34
CA GLU A 333 -16.41 39.44 15.79
C GLU A 333 -17.90 39.66 15.59
N GLY A 334 -18.30 40.93 15.63
CA GLY A 334 -19.52 41.34 14.99
C GLY A 334 -19.31 41.29 13.49
N ALA A 335 -18.09 40.93 13.08
CA ALA A 335 -17.77 40.54 11.72
C ALA A 335 -17.78 39.03 11.50
N THR A 336 -17.44 38.25 12.53
CA THR A 336 -17.45 36.79 12.39
C THR A 336 -18.87 36.24 12.46
N ASP A 337 -19.76 36.87 13.20
CA ASP A 337 -21.16 36.47 13.18
C ASP A 337 -21.79 36.89 11.85
N PRO A 338 -22.65 36.05 11.27
CA PRO A 338 -23.44 36.49 10.12
C PRO A 338 -24.66 37.30 10.49
N ALA A 339 -24.95 37.48 11.78
CA ALA A 339 -26.08 38.28 12.20
C ALA A 339 -25.82 39.78 12.10
N GLY A 340 -24.55 40.18 12.03
CA GLY A 340 -24.20 41.58 11.92
C GLY A 340 -23.53 41.93 10.61
N ASN A 341 -23.22 40.91 9.81
CA ASN A 341 -22.56 41.07 8.52
C ASN A 341 -23.49 40.50 7.45
N ALA A 342 -24.14 41.39 6.69
CA ALA A 342 -25.04 40.94 5.64
C ALA A 342 -24.29 40.21 4.54
N GLY A 343 -23.12 40.73 4.13
CA GLY A 343 -22.34 40.07 3.11
C GLY A 343 -21.81 38.72 3.53
N LEU A 344 -21.59 38.53 4.83
CA LEU A 344 -21.12 37.24 5.32
C LEU A 344 -22.23 36.20 5.30
N LYS A 345 -23.44 36.57 5.72
CA LYS A 345 -24.57 35.66 5.62
C LYS A 345 -24.81 35.24 4.18
N THR A 346 -24.47 36.10 3.22
CA THR A 346 -24.55 35.71 1.81
C THR A 346 -23.46 34.71 1.45
N ALA A 347 -22.28 34.82 2.06
CA ALA A 347 -21.21 33.88 1.77
C ALA A 347 -21.53 32.49 2.30
N ILE A 348 -21.99 32.39 3.55
CA ILE A 348 -22.37 31.10 4.10
C ILE A 348 -23.55 30.52 3.34
N ARG A 349 -24.46 31.39 2.87
CA ARG A 349 -25.54 30.93 2.00
C ARG A 349 -24.97 30.31 0.72
N ALA A 350 -24.05 31.02 0.06
CA ALA A 350 -23.44 30.51 -1.16
C ALA A 350 -22.54 29.31 -0.92
N ALA A 351 -22.04 29.16 0.31
CA ALA A 351 -21.21 27.99 0.63
C ALA A 351 -22.06 26.74 0.82
N LYS A 352 -23.18 26.85 1.52
CA LYS A 352 -24.07 25.71 1.73
C LYS A 352 -24.90 25.37 0.49
N LYS A 353 -25.14 26.35 -0.39
CA LYS A 353 -25.73 26.03 -1.68
C LYS A 353 -24.77 25.23 -2.55
N ALA A 354 -23.48 25.29 -2.25
CA ALA A 354 -22.45 24.53 -2.95
C ALA A 354 -22.17 23.18 -2.30
N MET A 355 -22.99 22.78 -1.31
CA MET A 355 -22.86 21.49 -0.62
C MET A 355 -21.52 21.34 0.07
N ILE A 356 -20.94 22.46 0.49
CA ILE A 356 -19.69 22.44 1.25
C ILE A 356 -19.99 22.04 2.69
N PRO A 357 -19.29 21.04 3.23
CA PRO A 357 -19.62 20.54 4.58
C PRO A 357 -19.53 21.65 5.62
N GLU A 358 -20.59 21.77 6.43
CA GLU A 358 -20.66 22.85 7.41
C GLU A 358 -19.64 22.70 8.53
N THR A 359 -19.19 21.47 8.79
CA THR A 359 -18.07 21.27 9.71
C THR A 359 -16.84 22.06 9.27
N TYR A 360 -16.72 22.35 7.97
CA TYR A 360 -15.65 23.17 7.44
C TYR A 360 -16.00 24.65 7.43
N ILE A 361 -17.28 25.00 7.56
CA ILE A 361 -17.64 26.42 7.65
C ILE A 361 -17.45 26.94 9.07
N ASN A 362 -17.71 26.11 10.08
CA ASN A 362 -17.43 26.53 11.45
C ASN A 362 -15.94 26.72 11.67
N ARG A 363 -15.10 25.94 10.96
CA ARG A 363 -13.66 26.03 11.17
C ARG A 363 -13.13 27.37 10.68
N VAL A 364 -13.47 27.76 9.45
CA VAL A 364 -13.00 29.03 8.92
C VAL A 364 -13.56 30.19 9.74
N LEU A 365 -14.75 30.03 10.32
CA LEU A 365 -15.27 31.05 11.21
C LEU A 365 -14.42 31.16 12.48
N GLN A 366 -14.15 30.03 13.13
CA GLN A 366 -13.28 30.05 14.30
C GLN A 366 -11.85 30.42 13.93
N TYR A 367 -11.45 30.15 12.68
CA TYR A 367 -10.12 30.55 12.23
C TYR A 367 -10.00 32.07 12.12
N ALA A 368 -11.05 32.74 11.65
CA ALA A 368 -11.01 34.18 11.52
C ALA A 368 -11.04 34.88 12.87
N ARG A 369 -11.62 34.23 13.88
CA ARG A 369 -11.73 34.84 15.21
C ARG A 369 -10.37 35.12 15.81
N GLN A 370 -9.37 34.31 15.47
CA GLN A 370 -8.06 34.40 16.10
C GLN A 370 -7.10 35.35 15.39
N GLY A 371 -7.50 35.94 14.27
CA GLY A 371 -6.70 36.95 13.60
C GLY A 371 -6.19 36.57 12.22
N PHE A 372 -6.26 35.30 11.82
CA PHE A 372 -5.79 34.90 10.51
C PHE A 372 -6.86 35.15 9.46
N SER A 373 -6.50 35.90 8.42
CA SER A 373 -7.44 36.20 7.34
C SER A 373 -6.94 35.62 6.02
N SER A 374 -6.59 34.34 6.04
CA SER A 374 -6.09 33.62 4.87
C SER A 374 -6.07 32.14 5.21
N ILE A 375 -6.13 31.31 4.17
CA ILE A 375 -6.05 29.86 4.35
C ILE A 375 -5.56 29.25 3.04
N GLU A 376 -4.82 28.15 3.15
CA GLU A 376 -4.33 27.40 2.00
C GLU A 376 -5.24 26.18 1.83
N PHE A 377 -6.17 26.26 0.89
CA PHE A 377 -6.95 25.11 0.47
C PHE A 377 -6.48 24.68 -0.91
N PRO A 378 -5.61 23.67 -1.02
CA PRO A 378 -5.06 23.30 -2.32
C PRO A 378 -6.14 22.77 -3.25
N THR A 379 -6.01 23.14 -4.53
CA THR A 379 -6.95 22.72 -5.57
C THR A 379 -6.23 21.83 -6.57
N TYR A 380 -6.94 20.80 -7.03
CA TYR A 380 -6.38 19.76 -7.88
C TYR A 380 -6.91 19.89 -9.30
N ASP A 381 -6.27 19.18 -10.23
CA ASP A 381 -6.62 19.25 -11.64
C ASP A 381 -6.55 17.82 -12.21
N THR A 382 -6.74 17.72 -13.52
CA THR A 382 -6.85 16.44 -14.20
C THR A 382 -5.55 15.95 -14.81
N ASP A 383 -4.42 16.59 -14.49
CA ASP A 383 -3.14 16.12 -15.00
C ASP A 383 -2.78 14.79 -14.37
N TRP A 384 -2.07 13.95 -15.14
CA TRP A 384 -1.88 12.56 -14.75
C TRP A 384 -0.93 12.41 -13.57
N ASP A 385 0.03 13.33 -13.42
CA ASP A 385 1.05 13.22 -12.38
C ASP A 385 0.74 14.07 -11.15
N SER A 386 -0.36 14.82 -11.16
CA SER A 386 -0.71 15.69 -10.05
C SER A 386 -1.28 14.88 -8.87
N GLU A 387 -1.64 15.60 -7.81
CA GLU A 387 -1.96 14.96 -6.54
C GLU A 387 -3.29 14.21 -6.58
N ALA A 388 -4.26 14.70 -7.38
CA ALA A 388 -5.56 14.04 -7.43
C ALA A 388 -5.46 12.60 -7.93
N TYR A 389 -4.68 12.37 -8.99
CA TYR A 389 -4.62 11.05 -9.58
C TYR A 389 -3.86 10.05 -8.72
N THR A 390 -2.97 10.51 -7.86
CA THR A 390 -2.30 9.59 -6.95
C THR A 390 -3.07 9.39 -5.66
N THR A 391 -4.04 10.26 -5.36
CA THR A 391 -4.91 10.03 -4.20
C THR A 391 -5.78 8.79 -4.41
N VAL A 392 -6.33 8.64 -5.61
CA VAL A 392 -7.19 7.51 -5.94
C VAL A 392 -6.33 6.28 -6.21
N SER A 393 -6.96 5.14 -6.45
CA SER A 393 -6.27 3.87 -6.64
C SER A 393 -6.48 3.36 -8.05
N GLY A 394 -5.73 2.31 -8.38
CA GLY A 394 -5.80 1.66 -9.68
C GLY A 394 -4.87 2.24 -10.72
N GLN A 395 -4.48 3.49 -10.59
CA GLN A 395 -3.75 4.18 -11.66
C GLN A 395 -2.38 3.56 -11.95
N ASN A 396 -1.86 2.74 -11.03
CA ASN A 396 -0.53 2.16 -11.18
C ASN A 396 -0.57 0.74 -11.71
N SER A 397 -1.70 0.31 -12.28
CA SER A 397 -1.86 -1.05 -12.74
C SER A 397 -2.58 -1.05 -14.08
N ASN A 398 -2.29 -2.05 -14.89
CA ASN A 398 -3.08 -2.37 -16.06
C ASN A 398 -4.01 -3.52 -15.67
N ASN A 399 -5.30 -3.22 -15.58
CA ASN A 399 -6.28 -4.20 -15.10
C ASN A 399 -6.82 -4.99 -16.28
N SER A 400 -6.62 -6.30 -16.25
CA SER A 400 -7.12 -7.20 -17.29
C SER A 400 -8.02 -8.25 -16.65
N VAL A 401 -9.04 -8.66 -17.40
CA VAL A 401 -9.98 -9.68 -16.95
C VAL A 401 -9.76 -10.94 -17.77
N ARG A 402 -9.85 -12.09 -17.12
CA ARG A 402 -9.57 -13.38 -17.77
C ARG A 402 -10.89 -14.09 -18.02
N VAL A 403 -11.25 -14.21 -19.30
CA VAL A 403 -12.55 -14.70 -19.72
C VAL A 403 -12.41 -16.13 -20.24
N THR A 404 -13.33 -16.99 -19.81
CA THR A 404 -13.41 -18.37 -20.29
C THR A 404 -14.37 -18.43 -21.48
N ASP A 405 -14.14 -19.40 -22.36
CA ASP A 405 -15.06 -19.64 -23.47
C ASP A 405 -16.48 -19.93 -22.98
N ALA A 406 -16.61 -20.62 -21.85
CA ALA A 406 -17.93 -20.93 -21.33
C ALA A 406 -18.69 -19.66 -20.96
N PHE A 407 -17.98 -18.64 -20.45
CA PHE A 407 -18.65 -17.38 -20.13
C PHE A 407 -19.15 -16.71 -21.41
N LEU A 408 -18.28 -16.65 -22.43
CA LEU A 408 -18.70 -16.08 -23.71
C LEU A 408 -19.86 -16.85 -24.31
N GLN A 409 -19.86 -18.18 -24.13
CA GLN A 409 -21.00 -18.97 -24.56
C GLN A 409 -22.25 -18.60 -23.76
N ALA A 410 -22.10 -18.44 -22.44
CA ALA A 410 -23.25 -18.07 -21.61
C ALA A 410 -23.80 -16.71 -21.98
N VAL A 411 -22.95 -15.81 -22.48
CA VAL A 411 -23.44 -14.52 -22.95
C VAL A 411 -24.25 -14.69 -24.23
N LYS A 412 -23.81 -15.58 -25.12
CA LYS A 412 -24.57 -15.84 -26.33
C LYS A 412 -25.90 -16.52 -26.01
N ASP A 413 -25.90 -17.43 -25.05
CA ASP A 413 -27.10 -18.17 -24.69
C ASP A 413 -27.93 -17.47 -23.63
N ASP A 414 -27.55 -16.25 -23.23
CA ASP A 414 -28.25 -15.52 -22.17
C ASP A 414 -28.35 -16.34 -20.89
N ALA A 415 -27.41 -17.25 -20.67
CA ALA A 415 -27.40 -18.05 -19.46
C ALA A 415 -26.95 -17.19 -18.27
N ASP A 416 -27.15 -17.72 -17.08
CA ASP A 416 -26.67 -17.07 -15.88
C ASP A 416 -25.29 -17.60 -15.51
N TRP A 417 -24.61 -16.88 -14.62
CA TRP A 417 -23.19 -17.05 -14.37
C TRP A 417 -22.95 -17.15 -12.88
N ALA A 418 -22.30 -18.22 -12.44
CA ALA A 418 -22.01 -18.44 -11.03
C ALA A 418 -20.66 -17.84 -10.67
N LEU A 419 -20.60 -17.11 -9.56
CA LEU A 419 -19.35 -16.57 -9.02
C LEU A 419 -18.92 -17.49 -7.87
N VAL A 420 -17.94 -18.34 -8.15
CA VAL A 420 -17.57 -19.40 -7.23
C VAL A 420 -16.67 -18.85 -6.12
N ARG A 421 -16.86 -19.36 -4.91
CA ARG A 421 -16.03 -18.98 -3.78
C ARG A 421 -14.70 -19.73 -3.81
N ARG A 422 -13.70 -19.15 -3.15
CA ARG A 422 -12.36 -19.72 -3.14
C ARG A 422 -12.16 -20.76 -2.05
N THR A 423 -12.85 -20.62 -0.92
CA THR A 423 -12.66 -21.54 0.19
C THR A 423 -13.37 -22.86 -0.05
N ASP A 424 -14.70 -22.84 -0.14
CA ASP A 424 -15.50 -24.05 -0.27
C ASP A 424 -15.86 -24.38 -1.71
N GLY A 425 -15.72 -23.44 -2.65
CA GLY A 425 -16.08 -23.69 -4.02
C GLY A 425 -17.55 -23.57 -4.34
N LYS A 426 -18.37 -23.13 -3.38
CA LYS A 426 -19.80 -22.98 -3.60
C LYS A 426 -20.11 -21.61 -4.21
N VAL A 427 -21.33 -21.47 -4.71
CA VAL A 427 -21.73 -20.26 -5.43
C VAL A 427 -21.90 -19.13 -4.43
N ALA A 428 -21.11 -18.07 -4.60
CA ALA A 428 -21.30 -16.87 -3.79
C ALA A 428 -22.53 -16.09 -4.24
N LYS A 429 -22.69 -15.93 -5.55
CA LYS A 429 -23.78 -15.15 -6.12
C LYS A 429 -23.91 -15.43 -7.61
N THR A 430 -25.14 -15.64 -8.07
CA THR A 430 -25.40 -15.89 -9.48
C THR A 430 -25.79 -14.59 -10.17
N ILE A 431 -25.25 -14.40 -11.38
CA ILE A 431 -25.43 -13.19 -12.17
C ILE A 431 -25.75 -13.59 -13.60
N LYS A 432 -26.50 -12.74 -14.30
CA LYS A 432 -26.68 -12.94 -15.73
C LYS A 432 -25.36 -12.68 -16.44
N ALA A 433 -24.97 -13.60 -17.33
CA ALA A 433 -23.68 -13.47 -17.99
C ALA A 433 -23.64 -12.26 -18.91
N ARG A 434 -24.78 -11.89 -19.50
CA ARG A 434 -24.78 -10.79 -20.46
C ARG A 434 -24.55 -9.45 -19.77
N GLU A 435 -25.18 -9.23 -18.62
CA GLU A 435 -25.00 -7.96 -17.93
C GLU A 435 -23.60 -7.85 -17.33
N LEU A 436 -22.98 -8.98 -16.98
CA LEU A 436 -21.58 -8.96 -16.60
C LEU A 436 -20.70 -8.58 -17.80
N TRP A 437 -21.07 -9.05 -18.99
CA TRP A 437 -20.37 -8.64 -20.20
C TRP A 437 -20.61 -7.18 -20.53
N ASP A 438 -21.75 -6.63 -20.10
CA ASP A 438 -22.02 -5.22 -20.39
C ASP A 438 -21.20 -4.31 -19.51
N GLN A 439 -20.89 -4.73 -18.28
CA GLN A 439 -20.04 -3.91 -17.41
C GLN A 439 -18.62 -3.84 -17.95
N VAL A 440 -18.08 -4.97 -18.39
CA VAL A 440 -16.76 -4.97 -19.03
C VAL A 440 -16.76 -4.05 -20.24
N GLY A 441 -17.84 -4.07 -21.02
CA GLY A 441 -17.94 -3.17 -22.16
C GLY A 441 -18.01 -1.71 -21.72
N HIS A 442 -18.86 -1.42 -20.73
CA HIS A 442 -18.99 -0.04 -20.28
C HIS A 442 -17.73 0.44 -19.59
N ALA A 443 -17.07 -0.43 -18.83
CA ALA A 443 -15.85 -0.03 -18.13
C ALA A 443 -14.73 0.31 -19.11
N ALA A 444 -14.41 -0.62 -20.01
CA ALA A 444 -13.35 -0.39 -20.98
C ALA A 444 -13.67 0.80 -21.89
N TRP A 445 -14.96 1.06 -22.13
CA TRP A 445 -15.38 2.18 -22.96
C TRP A 445 -15.14 3.51 -22.26
N ALA A 446 -15.23 3.55 -20.93
CA ALA A 446 -15.19 4.78 -20.16
C ALA A 446 -13.80 5.11 -19.62
N CYS A 447 -13.06 4.12 -19.11
CA CYS A 447 -11.74 4.39 -18.54
C CYS A 447 -10.68 3.43 -19.07
N ALA A 448 -10.89 2.85 -20.26
CA ALA A 448 -9.93 2.00 -20.95
C ALA A 448 -9.75 0.63 -20.30
N ASP A 449 -10.08 0.51 -19.02
CA ASP A 449 -9.92 -0.74 -18.30
C ASP A 449 -11.27 -1.34 -17.93
N PRO A 450 -11.37 -2.67 -17.83
CA PRO A 450 -10.26 -3.62 -18.00
C PRO A 450 -10.02 -4.08 -19.43
N GLY A 451 -8.80 -4.50 -19.70
CA GLY A 451 -8.50 -5.30 -20.87
C GLY A 451 -9.06 -6.70 -20.68
N ILE A 452 -8.60 -7.61 -21.53
CA ILE A 452 -9.15 -8.96 -21.52
C ILE A 452 -8.10 -9.95 -22.03
N GLN A 453 -8.06 -11.12 -21.40
CA GLN A 453 -7.23 -12.24 -21.81
C GLN A 453 -8.12 -13.47 -21.88
N PHE A 454 -8.02 -14.21 -22.98
CA PHE A 454 -8.88 -15.36 -23.23
C PHE A 454 -8.19 -16.62 -22.70
N HIS A 455 -8.67 -17.13 -21.57
CA HIS A 455 -7.98 -18.20 -20.86
C HIS A 455 -7.84 -19.46 -21.70
N ASP A 456 -8.88 -19.81 -22.46
CA ASP A 456 -8.86 -21.08 -23.19
C ASP A 456 -7.99 -21.01 -24.44
N THR A 457 -8.00 -19.87 -25.13
CA THR A 457 -7.11 -19.72 -26.29
C THR A 457 -5.65 -19.70 -25.84
N VAL A 458 -5.37 -19.11 -24.69
CA VAL A 458 -4.00 -19.07 -24.17
C VAL A 458 -3.52 -20.48 -23.85
N ASN A 459 -4.33 -21.25 -23.13
CA ASN A 459 -3.90 -22.57 -22.71
C ASN A 459 -4.05 -23.61 -23.82
N ALA A 460 -4.72 -23.29 -24.92
CA ALA A 460 -4.74 -24.18 -26.07
C ALA A 460 -3.38 -24.30 -26.73
N TRP A 461 -2.49 -23.33 -26.50
CA TRP A 461 -1.14 -23.35 -27.03
C TRP A 461 -0.10 -23.45 -25.91
N HIS A 462 -0.53 -23.75 -24.69
CA HIS A 462 0.39 -23.99 -23.59
C HIS A 462 1.14 -25.29 -23.83
N THR A 463 2.46 -25.21 -23.87
CA THR A 463 3.28 -26.38 -24.17
C THR A 463 3.67 -27.19 -22.92
N CYS A 464 3.41 -26.68 -21.72
CA CYS A 464 3.79 -27.34 -20.47
C CYS A 464 2.63 -27.35 -19.49
N PRO A 465 1.54 -28.07 -19.80
CA PRO A 465 0.38 -28.07 -18.89
C PRO A 465 0.57 -28.94 -17.65
N GLU A 466 1.54 -29.84 -17.64
CA GLU A 466 1.77 -30.67 -16.46
C GLU A 466 2.21 -29.85 -15.26
N ASP A 467 2.82 -28.68 -15.49
CA ASP A 467 3.28 -27.81 -14.41
C ASP A 467 2.32 -26.66 -14.16
N GLY A 468 1.08 -26.77 -14.62
CA GLY A 468 0.07 -25.78 -14.33
C GLY A 468 -0.42 -25.08 -15.58
N GLN A 469 -1.58 -24.44 -15.47
CA GLN A 469 -2.11 -23.65 -16.55
C GLN A 469 -1.45 -22.28 -16.59
N ILE A 470 -1.45 -21.67 -17.77
CA ILE A 470 -1.07 -20.27 -17.87
C ILE A 470 -2.16 -19.45 -17.22
N ARG A 471 -1.83 -18.77 -16.12
CA ARG A 471 -2.81 -18.04 -15.33
C ARG A 471 -2.76 -16.55 -15.54
N GLY A 472 -1.62 -16.00 -15.94
CA GLY A 472 -1.50 -14.56 -16.12
C GLY A 472 -0.60 -14.18 -17.28
N SER A 473 0.01 -13.00 -17.20
CA SER A 473 0.85 -12.48 -18.27
C SER A 473 1.78 -11.43 -17.67
N ASN A 474 2.53 -10.75 -18.53
CA ASN A 474 3.39 -9.63 -18.17
C ASN A 474 2.63 -8.32 -18.37
N PRO A 475 3.17 -7.18 -17.89
CA PRO A 475 2.41 -5.92 -17.97
C PRO A 475 1.86 -5.58 -19.35
N CYS A 476 2.53 -5.95 -20.43
CA CYS A 476 2.03 -5.67 -21.77
C CYS A 476 1.45 -6.90 -22.46
N SER A 477 1.30 -8.00 -21.73
CA SER A 477 0.50 -9.16 -22.15
C SER A 477 1.11 -9.93 -23.31
N GLU A 478 2.40 -9.76 -23.59
CA GLU A 478 2.99 -10.57 -24.66
C GLU A 478 3.57 -11.89 -24.12
N TYR A 479 4.15 -11.88 -22.92
CA TYR A 479 4.73 -13.09 -22.34
C TYR A 479 3.65 -13.84 -21.59
N MET A 480 3.46 -15.11 -21.93
CA MET A 480 2.39 -15.93 -21.35
C MET A 480 2.92 -17.32 -21.12
N PHE A 481 3.21 -17.65 -19.88
CA PHE A 481 3.73 -18.96 -19.51
C PHE A 481 3.33 -19.22 -18.06
N LEU A 482 3.96 -20.22 -17.44
CA LEU A 482 3.71 -20.55 -16.04
C LEU A 482 4.01 -19.36 -15.13
N ASP A 483 3.39 -19.39 -13.95
CA ASP A 483 3.70 -18.40 -12.94
C ASP A 483 5.13 -18.57 -12.43
N ASP A 484 5.69 -17.47 -11.93
CA ASP A 484 7.04 -17.46 -11.34
C ASP A 484 8.11 -17.82 -12.36
N THR A 485 7.93 -17.33 -13.59
CA THR A 485 8.94 -17.46 -14.63
C THR A 485 9.15 -16.11 -15.30
N ALA A 486 10.34 -15.93 -15.86
CA ALA A 486 10.70 -14.71 -16.56
C ALA A 486 10.93 -15.00 -18.03
N CYS A 487 11.12 -13.94 -18.80
CA CYS A 487 11.45 -14.11 -20.20
C CYS A 487 12.29 -12.93 -20.68
N ASN A 488 13.30 -13.24 -21.49
CA ASN A 488 14.13 -12.24 -22.13
C ASN A 488 13.62 -12.02 -23.54
N LEU A 489 13.50 -10.76 -23.94
CA LEU A 489 12.97 -10.43 -25.25
C LEU A 489 14.05 -9.85 -26.15
N ALA A 490 13.76 -9.90 -27.45
CA ALA A 490 14.59 -9.29 -28.48
C ALA A 490 13.74 -9.19 -29.73
N SER A 491 13.89 -8.09 -30.48
CA SER A 491 13.09 -7.84 -31.65
C SER A 491 13.98 -7.56 -32.85
N MET A 492 13.57 -8.10 -34.00
CA MET A 492 14.28 -7.88 -35.26
C MET A 492 13.59 -6.78 -36.05
N ASN A 493 14.38 -5.88 -36.61
CA ASN A 493 13.86 -4.82 -37.47
C ASN A 493 13.62 -5.43 -38.85
N LEU A 494 12.34 -5.66 -39.17
CA LEU A 494 12.01 -6.35 -40.42
C LEU A 494 12.49 -5.58 -41.65
N LEU A 495 12.48 -4.24 -41.58
CA LEU A 495 12.80 -3.45 -42.77
C LEU A 495 14.24 -3.63 -43.21
N THR A 496 15.15 -3.92 -42.27
CA THR A 496 16.56 -4.08 -42.63
C THR A 496 16.78 -5.26 -43.57
N PHE A 497 15.85 -6.20 -43.61
CA PHE A 497 15.93 -7.35 -44.51
C PHE A 497 15.29 -7.07 -45.87
N PHE A 498 14.99 -5.80 -46.17
CA PHE A 498 14.37 -5.42 -47.44
C PHE A 498 15.25 -4.40 -48.12
N GLU A 499 15.85 -4.80 -49.24
CA GLU A 499 16.66 -3.91 -50.07
C GLU A 499 16.74 -4.54 -51.45
N ALA A 500 16.81 -3.67 -52.47
CA ALA A 500 16.72 -4.09 -53.87
C ALA A 500 15.39 -4.74 -54.19
N GLY A 501 14.35 -4.36 -53.45
CA GLY A 501 12.99 -4.75 -53.76
C GLY A 501 12.58 -6.14 -53.34
N ARG A 502 13.48 -6.92 -52.75
CA ARG A 502 13.16 -8.27 -52.32
C ARG A 502 13.56 -8.48 -50.87
N PHE A 503 12.82 -9.35 -50.19
CA PHE A 503 13.08 -9.66 -48.79
C PHE A 503 14.17 -10.71 -48.69
N ASP A 504 15.28 -10.36 -48.05
CA ASP A 504 16.40 -11.28 -47.86
C ASP A 504 15.99 -12.33 -46.83
N ALA A 505 15.34 -13.39 -47.32
CA ALA A 505 14.87 -14.45 -46.43
C ALA A 505 16.03 -15.25 -45.86
N GLU A 506 17.11 -15.38 -46.62
CA GLU A 506 18.26 -16.13 -46.14
C GLU A 506 18.89 -15.47 -44.92
N GLY A 507 19.00 -14.13 -44.95
CA GLY A 507 19.52 -13.42 -43.79
C GLY A 507 18.53 -13.35 -42.65
N TYR A 508 17.24 -13.29 -42.96
CA TYR A 508 16.21 -13.34 -41.93
C TYR A 508 16.26 -14.64 -41.15
N VAL A 509 16.42 -15.76 -41.87
CA VAL A 509 16.58 -17.05 -41.19
C VAL A 509 17.86 -17.05 -40.36
N HIS A 510 18.92 -16.43 -40.90
CA HIS A 510 20.19 -16.35 -40.18
C HIS A 510 20.05 -15.53 -38.90
N ALA A 511 19.38 -14.37 -38.98
CA ALA A 511 19.22 -13.54 -37.79
C ALA A 511 18.35 -14.23 -36.75
N THR A 512 17.32 -14.96 -37.20
CA THR A 512 16.46 -15.67 -36.26
C THR A 512 17.24 -16.74 -35.50
N ARG A 513 18.04 -17.53 -36.21
CA ARG A 513 18.80 -18.61 -35.59
C ARG A 513 19.80 -18.05 -34.58
N LEU A 514 20.55 -17.01 -34.97
CA LEU A 514 21.58 -16.46 -34.10
C LEU A 514 20.98 -15.79 -32.88
N TRP A 515 19.87 -15.06 -33.06
CA TRP A 515 19.22 -14.41 -31.93
C TRP A 515 18.46 -15.41 -31.07
N THR A 516 18.01 -16.52 -31.65
CA THR A 516 17.46 -17.59 -30.82
C THR A 516 18.53 -18.18 -29.92
N VAL A 517 19.73 -18.40 -30.47
CA VAL A 517 20.87 -18.83 -29.67
C VAL A 517 21.20 -17.78 -28.62
N THR A 518 21.21 -16.51 -29.03
CA THR A 518 21.54 -15.42 -28.11
C THR A 518 20.60 -15.40 -26.91
N LEU A 519 19.29 -15.45 -27.16
CA LEU A 519 18.32 -15.42 -26.07
C LEU A 519 18.45 -16.64 -25.17
N GLU A 520 18.83 -17.79 -25.73
CA GLU A 520 19.01 -18.97 -24.91
C GLU A 520 20.26 -18.85 -24.04
N ILE A 521 21.36 -18.32 -24.59
CA ILE A 521 22.54 -18.05 -23.78
C ILE A 521 22.21 -17.07 -22.67
N SER A 522 21.30 -16.12 -22.92
CA SER A 522 20.92 -15.16 -21.89
C SER A 522 20.22 -15.85 -20.73
N VAL A 523 19.52 -16.97 -20.99
CA VAL A 523 18.95 -17.76 -19.91
C VAL A 523 20.06 -18.39 -19.08
N MET A 524 21.12 -18.87 -19.73
CA MET A 524 22.20 -19.55 -19.04
C MET A 524 23.06 -18.60 -18.22
N MET A 525 23.26 -17.37 -18.70
CA MET A 525 24.12 -16.41 -18.03
C MET A 525 23.42 -15.66 -16.89
N ALA A 526 22.10 -15.76 -16.80
CA ALA A 526 21.33 -14.80 -16.00
C ALA A 526 21.33 -15.15 -14.51
N GLN A 527 21.06 -14.13 -13.71
CA GLN A 527 20.67 -14.28 -12.32
C GLN A 527 19.26 -13.73 -12.14
N PHE A 528 18.52 -14.28 -11.19
CA PHE A 528 17.10 -13.99 -11.08
C PHE A 528 16.77 -13.46 -9.69
N PRO A 529 15.67 -12.70 -9.55
CA PRO A 529 15.40 -12.00 -8.28
C PRO A 529 14.66 -12.83 -7.26
N SER A 530 14.63 -14.16 -7.45
CA SER A 530 14.02 -15.06 -6.47
C SER A 530 14.43 -16.47 -6.84
N LYS A 531 14.40 -17.35 -5.82
CA LYS A 531 14.82 -18.73 -6.05
C LYS A 531 13.87 -19.45 -7.00
N GLU A 532 12.57 -19.25 -6.83
CA GLU A 532 11.61 -20.00 -7.65
C GLU A 532 11.64 -19.55 -9.09
N ILE A 533 11.85 -18.25 -9.33
CA ILE A 533 12.00 -17.78 -10.70
C ILE A 533 13.28 -18.33 -11.32
N ALA A 534 14.37 -18.35 -10.55
CA ALA A 534 15.62 -18.87 -11.08
C ALA A 534 15.52 -20.34 -11.45
N GLN A 535 14.86 -21.14 -10.60
CA GLN A 535 14.74 -22.56 -10.87
C GLN A 535 13.80 -22.81 -12.05
N LEU A 536 12.64 -22.14 -12.05
CA LEU A 536 11.67 -22.35 -13.13
C LEU A 536 12.20 -21.83 -14.46
N SER A 537 12.90 -20.69 -14.44
CA SER A 537 13.48 -20.17 -15.67
C SER A 537 14.57 -21.10 -16.19
N TYR A 538 15.30 -21.76 -15.29
CA TYR A 538 16.29 -22.74 -15.73
C TYR A 538 15.63 -24.00 -16.27
N ASP A 539 14.46 -24.36 -15.74
CA ASP A 539 13.81 -25.60 -16.11
C ASP A 539 13.03 -25.53 -17.42
N PHE A 540 12.65 -24.33 -17.86
CA PHE A 540 11.85 -24.18 -19.07
C PHE A 540 12.46 -23.24 -20.10
N ARG A 541 13.25 -22.25 -19.67
CA ARG A 541 14.09 -21.44 -20.55
C ARG A 541 13.28 -20.80 -21.68
N THR A 542 12.27 -20.03 -21.28
CA THR A 542 11.42 -19.38 -22.26
C THR A 542 12.15 -18.21 -22.92
N LEU A 543 12.02 -18.09 -24.24
CA LEU A 543 12.63 -17.01 -25.00
C LEU A 543 11.55 -16.14 -25.64
N GLY A 544 11.90 -14.87 -25.87
CA GLY A 544 10.96 -13.94 -26.44
C GLY A 544 11.48 -13.22 -27.68
N LEU A 545 11.80 -13.98 -28.72
CA LEU A 545 12.19 -13.37 -29.98
C LEU A 545 10.96 -12.78 -30.68
N GLY A 546 11.13 -11.60 -31.26
CA GLY A 546 10.04 -10.95 -31.96
C GLY A 546 10.53 -10.04 -33.06
N TYR A 547 9.67 -9.14 -33.52
CA TYR A 547 10.08 -8.22 -34.58
C TYR A 547 9.36 -6.89 -34.43
N ALA A 548 9.81 -5.92 -35.23
CA ALA A 548 9.17 -4.62 -35.33
C ALA A 548 9.26 -4.16 -36.77
N ASN A 549 8.57 -3.05 -37.06
CA ASN A 549 8.59 -2.40 -38.37
C ASN A 549 7.94 -3.25 -39.46
N ILE A 550 6.94 -4.07 -39.14
CA ILE A 550 6.17 -4.73 -40.19
C ILE A 550 5.30 -3.72 -40.92
N GLY A 551 4.75 -2.75 -40.20
CA GLY A 551 4.03 -1.68 -40.86
C GLY A 551 4.93 -0.83 -41.73
N GLY A 552 6.15 -0.57 -41.26
CA GLY A 552 7.11 0.13 -42.11
C GLY A 552 7.58 -0.71 -43.28
N LEU A 553 7.69 -2.03 -43.07
CA LEU A 553 8.03 -2.91 -44.19
C LEU A 553 6.90 -2.96 -45.19
N LEU A 554 5.66 -3.07 -44.71
CA LEU A 554 4.50 -3.14 -45.61
C LEU A 554 4.39 -1.88 -46.46
N MET A 555 4.57 -0.71 -45.84
CA MET A 555 4.52 0.53 -46.60
C MET A 555 5.64 0.60 -47.62
N ASN A 556 6.83 0.14 -47.24
CA ASN A 556 7.95 0.16 -48.18
C ASN A 556 7.71 -0.77 -49.37
N MET A 557 6.95 -1.84 -49.17
CA MET A 557 6.61 -2.76 -50.26
C MET A 557 5.39 -2.31 -51.05
N GLY A 558 4.88 -1.11 -50.80
CA GLY A 558 3.69 -0.65 -51.50
C GLY A 558 2.42 -1.40 -51.13
N LEU A 559 2.40 -2.04 -49.97
CA LEU A 559 1.25 -2.81 -49.52
C LEU A 559 0.55 -2.06 -48.39
N GLY A 560 -0.78 -2.04 -48.42
CA GLY A 560 -1.54 -1.43 -47.35
C GLY A 560 -1.59 -2.33 -46.13
N TYR A 561 -1.68 -1.68 -44.95
CA TYR A 561 -1.80 -2.42 -43.71
C TYR A 561 -3.10 -3.21 -43.66
N ASP A 562 -4.18 -2.64 -44.22
CA ASP A 562 -5.46 -3.32 -44.32
C ASP A 562 -5.57 -3.92 -45.71
N SER A 563 -4.98 -5.10 -45.87
CA SER A 563 -5.05 -5.83 -47.14
C SER A 563 -4.76 -7.29 -46.87
N SER A 564 -5.22 -8.14 -47.80
CA SER A 564 -4.95 -9.57 -47.71
C SER A 564 -3.46 -9.84 -47.88
N GLU A 565 -2.79 -9.09 -48.75
CA GLU A 565 -1.38 -9.32 -49.00
C GLU A 565 -0.55 -8.93 -47.77
N GLY A 566 -0.87 -7.78 -47.16
CA GLY A 566 -0.14 -7.36 -45.98
C GLY A 566 -0.32 -8.30 -44.81
N ARG A 567 -1.54 -8.82 -44.63
CA ARG A 567 -1.78 -9.80 -43.58
C ARG A 567 -1.13 -11.14 -43.91
N ALA A 568 -1.10 -11.52 -45.19
CA ALA A 568 -0.48 -12.78 -45.57
C ALA A 568 1.04 -12.72 -45.44
N LEU A 569 1.63 -11.53 -45.62
CA LEU A 569 3.07 -11.41 -45.47
C LEU A 569 3.48 -11.52 -44.00
N CYS A 570 2.77 -10.79 -43.12
CA CYS A 570 3.08 -10.86 -41.70
C CYS A 570 2.94 -12.27 -41.16
N GLY A 571 1.87 -12.98 -41.56
CA GLY A 571 1.71 -14.36 -41.16
C GLY A 571 2.87 -15.23 -41.60
N ALA A 572 3.36 -15.01 -42.82
CA ALA A 572 4.49 -15.79 -43.32
C ALA A 572 5.76 -15.45 -42.56
N LEU A 573 6.04 -14.15 -42.37
CA LEU A 573 7.24 -13.75 -41.65
C LEU A 573 7.21 -14.23 -40.20
N SER A 574 6.02 -14.20 -39.57
CA SER A 574 5.90 -14.73 -38.23
C SER A 574 6.05 -16.25 -38.21
N ALA A 575 5.58 -16.94 -39.26
CA ALA A 575 5.74 -18.39 -39.33
C ALA A 575 7.20 -18.77 -39.49
N ILE A 576 7.95 -18.03 -40.31
CA ILE A 576 9.36 -18.32 -40.51
C ILE A 576 10.14 -18.08 -39.23
N MET A 577 9.88 -16.95 -38.57
CA MET A 577 10.61 -16.62 -37.35
C MET A 577 10.44 -17.71 -36.30
N THR A 578 9.19 -18.02 -35.93
CA THR A 578 8.94 -19.03 -34.91
C THR A 578 9.39 -20.42 -35.36
N GLY A 579 9.20 -20.73 -36.64
CA GLY A 579 9.63 -22.03 -37.15
C GLY A 579 11.13 -22.22 -37.06
N VAL A 580 11.89 -21.23 -37.55
CA VAL A 580 13.35 -21.32 -37.47
C VAL A 580 13.80 -21.28 -36.01
N ALA A 581 13.15 -20.44 -35.20
CA ALA A 581 13.54 -20.34 -33.80
C ALA A 581 13.28 -21.64 -33.06
N TYR A 582 12.16 -22.32 -33.35
CA TYR A 582 11.89 -23.60 -32.72
C TYR A 582 12.83 -24.68 -33.22
N ALA A 583 13.14 -24.66 -34.52
CA ALA A 583 14.10 -25.61 -35.08
C ALA A 583 15.48 -25.39 -34.48
N THR A 584 15.87 -24.13 -34.26
CA THR A 584 17.14 -23.84 -33.59
C THR A 584 17.13 -24.36 -32.16
N SER A 585 16.01 -24.18 -31.46
CA SER A 585 15.89 -24.73 -30.11
C SER A 585 16.04 -26.24 -30.11
N ALA A 586 15.45 -26.90 -31.10
CA ALA A 586 15.54 -28.36 -31.18
C ALA A 586 16.96 -28.82 -31.48
N GLU A 587 17.68 -28.06 -32.31
CA GLU A 587 19.09 -28.38 -32.58
C GLU A 587 19.94 -28.19 -31.33
N MET A 588 19.70 -27.10 -30.58
CA MET A 588 20.43 -26.90 -29.33
C MET A 588 20.14 -28.01 -28.34
N ALA A 589 18.90 -28.51 -28.30
CA ALA A 589 18.59 -29.66 -27.47
C ALA A 589 19.28 -30.93 -27.95
N GLY A 590 19.72 -30.94 -29.21
CA GLY A 590 20.43 -32.11 -29.71
C GLY A 590 21.80 -32.27 -29.09
N GLU A 591 22.51 -31.15 -28.88
CA GLU A 591 23.87 -31.19 -28.35
C GLU A 591 23.92 -31.06 -26.83
N LEU A 592 23.00 -30.30 -26.23
CA LEU A 592 23.04 -30.05 -24.80
C LEU A 592 21.80 -30.54 -24.06
N GLY A 593 20.81 -31.06 -24.75
CA GLY A 593 19.66 -31.63 -24.06
C GLY A 593 18.50 -30.66 -23.97
N ALA A 594 17.28 -31.21 -23.99
CA ALA A 594 16.08 -30.42 -23.83
C ALA A 594 15.99 -29.87 -22.40
N PHE A 595 15.15 -28.87 -22.21
CA PHE A 595 15.00 -28.29 -20.88
C PHE A 595 14.38 -29.31 -19.94
N SER A 596 14.66 -29.15 -18.64
CA SER A 596 14.37 -30.19 -17.66
C SER A 596 12.91 -30.58 -17.65
N GLY A 597 12.01 -29.64 -17.93
CA GLY A 597 10.60 -29.92 -17.92
C GLY A 597 10.02 -30.43 -19.21
N TYR A 598 10.84 -30.65 -20.24
CA TYR A 598 10.31 -31.03 -21.53
C TYR A 598 9.87 -32.49 -21.57
N GLU A 599 10.65 -33.39 -20.96
CA GLU A 599 10.41 -34.82 -21.11
C GLU A 599 8.99 -35.20 -20.73
N ARG A 600 8.43 -34.56 -19.70
CA ARG A 600 7.08 -34.88 -19.27
C ARG A 600 6.01 -34.14 -20.07
N ASN A 601 6.38 -33.08 -20.78
CA ASN A 601 5.44 -32.31 -21.59
C ASN A 601 5.64 -32.53 -23.09
N ALA A 602 6.34 -33.60 -23.47
CA ALA A 602 6.71 -33.77 -24.87
C ALA A 602 5.49 -33.88 -25.76
N GLY A 603 4.57 -34.78 -25.42
CA GLY A 603 3.36 -34.93 -26.21
C GLY A 603 2.50 -33.68 -26.24
N HIS A 604 2.62 -32.82 -25.21
CA HIS A 604 1.87 -31.58 -25.18
C HIS A 604 2.49 -30.53 -26.07
N MET A 605 3.81 -30.33 -25.97
CA MET A 605 4.48 -29.35 -26.81
C MET A 605 4.45 -29.77 -28.27
N LEU A 606 4.72 -31.05 -28.55
CA LEU A 606 4.68 -31.53 -29.94
C LEU A 606 3.31 -31.36 -30.55
N ARG A 607 2.24 -31.41 -29.75
CA ARG A 607 0.92 -31.07 -30.25
C ARG A 607 0.83 -29.61 -30.64
N VAL A 608 1.38 -28.71 -29.80
CA VAL A 608 1.41 -27.29 -30.14
C VAL A 608 2.20 -27.07 -31.42
N ILE A 609 3.34 -27.78 -31.56
CA ILE A 609 4.17 -27.64 -32.74
C ILE A 609 3.41 -28.07 -33.99
N ARG A 610 2.60 -29.14 -33.86
CA ARG A 610 1.83 -29.62 -35.01
C ARG A 610 0.79 -28.60 -35.45
N ASN A 611 0.11 -27.94 -34.49
CA ASN A 611 -0.87 -26.94 -34.85
C ASN A 611 -0.21 -25.73 -35.51
N HIS A 612 0.93 -25.29 -34.98
CA HIS A 612 1.75 -24.30 -35.68
C HIS A 612 2.08 -24.78 -37.08
N ARG A 613 2.43 -26.06 -37.22
CA ARG A 613 2.81 -26.60 -38.53
C ARG A 613 1.64 -26.60 -39.50
N THR A 614 0.49 -27.10 -39.04
CA THR A 614 -0.66 -27.13 -39.94
C THR A 614 -1.16 -25.74 -40.26
N ALA A 615 -0.99 -24.78 -39.34
CA ALA A 615 -1.32 -23.40 -39.64
C ALA A 615 -0.44 -22.85 -40.75
N ALA A 616 0.80 -23.36 -40.84
CA ALA A 616 1.71 -22.89 -41.88
C ALA A 616 1.35 -23.45 -43.25
N HIS A 617 0.78 -24.65 -43.29
CA HIS A 617 0.42 -25.28 -44.55
C HIS A 617 -0.95 -24.80 -45.08
N GLY A 618 -1.56 -23.81 -44.43
CA GLY A 618 -2.78 -23.21 -44.92
C GLY A 618 -4.06 -23.93 -44.55
N HIS A 619 -3.99 -25.09 -43.89
CA HIS A 619 -5.19 -25.85 -43.57
C HIS A 619 -6.07 -25.08 -42.60
N THR A 620 -7.33 -24.88 -42.98
CA THR A 620 -8.33 -24.30 -42.09
C THR A 620 -8.93 -25.34 -41.16
N THR A 621 -8.37 -26.54 -41.16
CA THR A 621 -8.77 -27.58 -40.24
C THR A 621 -7.44 -28.19 -39.76
N GLY A 622 -7.36 -29.43 -39.26
CA GLY A 622 -6.08 -29.97 -38.78
C GLY A 622 -5.36 -29.31 -37.60
N TYR A 623 -6.06 -29.13 -36.47
CA TYR A 623 -5.52 -28.59 -35.21
C TYR A 623 -5.89 -29.51 -34.04
N GLU A 624 -4.99 -29.71 -33.10
CA GLU A 624 -5.28 -30.68 -32.05
C GLU A 624 -5.57 -29.98 -30.73
N GLY A 625 -6.78 -30.19 -30.20
CA GLY A 625 -7.15 -29.67 -28.90
C GLY A 625 -7.14 -28.16 -28.81
N VAL A 626 -7.88 -27.49 -29.70
CA VAL A 626 -7.89 -26.04 -29.78
C VAL A 626 -9.33 -25.56 -29.76
N ASN A 627 -9.60 -24.54 -28.94
CA ASN A 627 -10.97 -24.05 -28.77
C ASN A 627 -11.42 -23.23 -29.99
N VAL A 628 -10.58 -22.29 -30.43
CA VAL A 628 -10.88 -21.42 -31.56
C VAL A 628 -9.75 -21.55 -32.56
N SER A 629 -10.08 -22.00 -33.77
CA SER A 629 -9.06 -22.26 -34.78
C SER A 629 -8.31 -20.98 -35.12
N PRO A 630 -7.00 -21.06 -35.31
CA PRO A 630 -6.22 -19.87 -35.66
C PRO A 630 -6.34 -19.54 -37.13
N VAL A 631 -5.86 -18.34 -37.49
CA VAL A 631 -5.85 -17.90 -38.88
C VAL A 631 -4.68 -18.58 -39.59
N ALA A 632 -4.99 -19.57 -40.42
CA ALA A 632 -3.95 -20.29 -41.15
C ALA A 632 -3.27 -19.36 -42.14
N LEU A 633 -2.05 -19.75 -42.53
CA LEU A 633 -1.25 -18.93 -43.43
C LEU A 633 -1.92 -18.79 -44.78
N ASP A 634 -2.17 -17.55 -45.19
CA ASP A 634 -2.78 -17.25 -46.48
C ASP A 634 -1.79 -17.57 -47.59
N GLN A 635 -2.11 -18.59 -48.40
CA GLN A 635 -1.16 -19.07 -49.41
C GLN A 635 -1.23 -18.27 -50.70
N VAL A 636 -2.43 -17.85 -51.11
CA VAL A 636 -2.59 -17.20 -52.40
C VAL A 636 -2.31 -15.70 -52.39
N ASN A 637 -2.33 -15.06 -51.22
CA ASN A 637 -2.23 -13.61 -51.17
C ASN A 637 -0.85 -13.09 -50.73
N CYS A 638 0.03 -13.96 -50.26
CA CYS A 638 1.34 -13.50 -49.82
C CYS A 638 2.14 -13.04 -51.04
N PRO A 639 2.75 -11.85 -51.00
CA PRO A 639 3.37 -11.29 -52.21
C PRO A 639 4.60 -12.04 -52.69
N ASP A 640 5.28 -12.78 -51.82
CA ASP A 640 6.46 -13.55 -52.21
C ASP A 640 6.17 -15.03 -52.01
N PRO A 641 5.97 -15.81 -53.08
CA PRO A 641 5.65 -17.24 -52.91
C PRO A 641 6.76 -18.03 -52.25
N ARG A 642 8.00 -17.52 -52.24
CA ARG A 642 9.08 -18.28 -51.62
C ARG A 642 9.00 -18.23 -50.11
N LEU A 643 8.40 -17.17 -49.55
CA LEU A 643 8.21 -17.10 -48.11
C LEU A 643 7.18 -18.10 -47.63
N VAL A 644 6.14 -18.38 -48.43
CA VAL A 644 5.18 -19.41 -48.08
C VAL A 644 5.84 -20.79 -48.10
N ALA A 645 6.79 -21.00 -49.01
CA ALA A 645 7.51 -22.27 -49.04
C ALA A 645 8.44 -22.39 -47.84
N LEU A 646 9.16 -21.32 -47.52
CA LEU A 646 10.09 -21.36 -46.40
C LEU A 646 9.37 -21.60 -45.08
N ALA A 647 8.19 -21.01 -44.92
CA ALA A 647 7.40 -21.23 -43.71
C ALA A 647 7.05 -22.70 -43.52
N LYS A 648 6.60 -23.35 -44.60
CA LYS A 648 6.29 -24.77 -44.53
C LYS A 648 7.54 -25.60 -44.24
N SER A 649 8.67 -25.23 -44.85
CA SER A 649 9.91 -25.97 -44.64
C SER A 649 10.43 -25.80 -43.22
N SER A 650 10.30 -24.59 -42.67
CA SER A 650 10.79 -24.33 -41.32
C SER A 650 10.01 -25.13 -40.29
N TRP A 651 8.69 -25.20 -40.44
CA TRP A 651 7.88 -25.93 -39.47
C TRP A 651 7.98 -27.45 -39.66
N ASP A 652 8.20 -27.89 -40.90
CA ASP A 652 8.51 -29.30 -41.13
C ASP A 652 9.80 -29.68 -40.40
N GLU A 653 10.84 -28.85 -40.55
CA GLU A 653 12.11 -29.11 -39.87
C GLU A 653 12.00 -28.89 -38.36
N ALA A 654 11.20 -27.92 -37.92
CA ALA A 654 11.06 -27.70 -36.49
C ALA A 654 10.40 -28.89 -35.80
N LEU A 655 9.41 -29.50 -36.45
CA LEU A 655 8.76 -30.67 -35.87
C LEU A 655 9.64 -31.90 -35.97
N ARG A 656 10.34 -32.05 -37.10
CA ARG A 656 11.21 -33.21 -37.29
C ARG A 656 12.32 -33.24 -36.25
N LEU A 657 12.99 -32.10 -36.04
CA LEU A 657 14.05 -32.05 -35.03
C LEU A 657 13.48 -32.12 -33.62
N GLY A 658 12.28 -31.58 -33.40
CA GLY A 658 11.65 -31.72 -32.11
C GLY A 658 11.28 -33.15 -31.79
N GLU A 659 10.84 -33.90 -32.81
CA GLU A 659 10.56 -35.32 -32.61
C GLU A 659 11.82 -36.08 -32.23
N ALA A 660 12.98 -35.61 -32.65
CA ALA A 660 14.24 -36.30 -32.41
C ALA A 660 14.83 -35.97 -31.03
N HIS A 661 15.06 -34.69 -30.76
CA HIS A 661 15.71 -34.27 -29.53
C HIS A 661 14.86 -33.44 -28.59
N GLY A 662 13.64 -33.09 -28.98
CA GLY A 662 12.87 -32.15 -28.17
C GLY A 662 13.28 -30.71 -28.45
N TYR A 663 13.15 -29.88 -27.43
CA TYR A 663 13.45 -28.46 -27.58
C TYR A 663 14.19 -27.95 -26.36
N ARG A 664 15.14 -27.04 -26.59
CA ARG A 664 15.87 -26.43 -25.49
C ARG A 664 15.01 -25.44 -24.73
N ASN A 665 13.96 -24.90 -25.36
CA ASN A 665 13.16 -23.82 -24.80
C ASN A 665 11.68 -24.14 -24.91
N ALA A 666 10.93 -23.77 -23.86
CA ALA A 666 9.50 -24.04 -23.81
C ALA A 666 8.68 -23.03 -24.61
N GLN A 667 9.14 -21.79 -24.67
CA GLN A 667 8.56 -20.77 -25.52
C GLN A 667 9.67 -20.19 -26.38
N VAL A 668 9.30 -19.45 -27.42
CA VAL A 668 10.34 -19.02 -28.35
C VAL A 668 10.07 -17.64 -28.96
N THR A 669 8.80 -17.31 -29.24
CA THR A 669 8.51 -16.06 -29.94
C THR A 669 7.43 -15.28 -29.21
N VAL A 670 7.42 -13.96 -29.52
CA VAL A 670 6.60 -13.01 -28.79
C VAL A 670 6.61 -11.71 -29.59
N ILE A 671 5.59 -10.89 -29.42
CA ILE A 671 5.53 -9.60 -30.08
C ILE A 671 5.48 -8.52 -29.01
N ALA A 672 6.63 -7.92 -28.73
CA ALA A 672 6.75 -6.91 -27.70
C ALA A 672 6.36 -5.54 -28.26
N PRO A 673 6.12 -4.55 -27.38
CA PRO A 673 5.86 -3.19 -27.88
C PRO A 673 7.07 -2.54 -28.55
N THR A 674 8.28 -2.91 -28.13
CA THR A 674 9.53 -2.37 -28.71
C THR A 674 9.52 -0.84 -28.75
N GLY A 675 9.14 -0.23 -27.63
CA GLY A 675 9.02 1.23 -27.61
C GLY A 675 10.36 1.93 -27.61
N THR A 676 11.29 1.48 -26.77
CA THR A 676 12.59 2.13 -26.67
C THR A 676 13.61 1.51 -27.63
N ILE A 677 13.71 0.18 -27.67
CA ILE A 677 14.64 -0.46 -28.58
C ILE A 677 14.22 -0.26 -30.03
N GLY A 678 12.95 0.09 -30.27
CA GLY A 678 12.56 0.51 -31.60
C GLY A 678 13.18 1.83 -32.00
N LEU A 679 13.32 2.75 -31.05
CA LEU A 679 13.97 4.02 -31.33
C LEU A 679 15.45 3.84 -31.62
N VAL A 680 16.11 2.93 -30.88
CA VAL A 680 17.55 2.73 -31.09
C VAL A 680 17.80 1.99 -32.41
N MET A 681 16.83 1.19 -32.86
CA MET A 681 16.93 0.48 -34.13
C MET A 681 16.44 1.32 -35.30
N ASP A 682 15.91 2.52 -35.04
CA ASP A 682 15.35 3.39 -36.07
C ASP A 682 14.22 2.70 -36.84
N CYS A 683 13.40 1.93 -36.12
CA CYS A 683 12.21 1.34 -36.73
C CYS A 683 11.17 2.41 -36.98
N ASP A 684 10.61 2.43 -38.20
CA ASP A 684 9.52 3.35 -38.48
C ASP A 684 8.31 3.05 -37.60
N THR A 685 7.95 1.78 -37.47
CA THR A 685 6.82 1.36 -36.65
C THR A 685 7.28 0.33 -35.63
N THR A 686 6.61 0.31 -34.49
CA THR A 686 7.00 -0.54 -33.37
C THR A 686 6.09 -1.76 -33.28
N GLY A 687 6.70 -2.91 -33.01
CA GLY A 687 5.94 -4.14 -32.87
C GLY A 687 5.13 -4.43 -34.11
N ILE A 688 3.90 -4.93 -33.90
CA ILE A 688 2.99 -5.21 -35.01
C ILE A 688 2.26 -3.97 -35.49
N GLU A 689 2.53 -2.81 -34.91
CA GLU A 689 1.74 -1.62 -35.17
C GLU A 689 1.93 -1.15 -36.62
N PRO A 690 0.92 -0.47 -37.17
CA PRO A 690 1.13 0.26 -38.42
C PRO A 690 1.85 1.55 -38.16
N ASP A 691 2.00 2.38 -39.19
CA ASP A 691 2.52 3.72 -38.99
C ASP A 691 1.42 4.62 -38.47
N PHE A 692 1.80 5.85 -38.10
CA PHE A 692 0.88 6.79 -37.49
C PHE A 692 0.78 8.12 -38.22
N ALA A 693 1.79 8.48 -39.01
CA ALA A 693 1.78 9.76 -39.70
C ALA A 693 2.56 9.64 -41.00
N LEU A 694 2.17 10.45 -41.98
CA LEU A 694 2.85 10.49 -43.27
C LEU A 694 3.95 11.53 -43.32
N VAL A 695 4.03 12.42 -42.32
CA VAL A 695 5.15 13.33 -42.16
C VAL A 695 5.57 13.30 -40.70
N LYS A 696 6.88 13.33 -40.46
CA LYS A 696 7.43 13.17 -39.12
C LYS A 696 8.41 14.31 -38.84
N PHE A 697 8.84 14.39 -37.58
CA PHE A 697 9.78 15.39 -37.13
C PHE A 697 11.14 14.73 -36.88
N LYS A 698 12.18 15.26 -37.52
CA LYS A 698 13.54 14.80 -37.30
C LYS A 698 14.21 15.67 -36.25
N LYS A 699 14.91 15.04 -35.31
CA LYS A 699 15.55 15.73 -34.21
C LYS A 699 16.96 16.16 -34.62
N LEU A 700 17.28 17.43 -34.35
CA LEU A 700 18.62 17.95 -34.59
C LEU A 700 19.48 17.78 -33.34
N ALA A 701 20.80 17.71 -33.55
CA ALA A 701 21.73 17.36 -32.48
C ALA A 701 21.66 18.35 -31.33
N GLY A 702 21.81 19.65 -31.64
CA GLY A 702 21.79 20.64 -30.58
C GLY A 702 20.43 20.81 -29.94
N GLY A 703 19.38 20.81 -30.75
CA GLY A 703 18.03 20.93 -30.24
C GLY A 703 17.07 21.36 -31.32
N GLY A 704 15.80 21.09 -31.08
CA GLY A 704 14.75 21.45 -32.01
C GLY A 704 14.56 20.41 -33.10
N TYR A 705 13.38 20.44 -33.71
CA TYR A 705 13.03 19.53 -34.78
C TYR A 705 12.70 20.31 -36.04
N PHE A 706 12.56 19.57 -37.14
CA PHE A 706 12.02 20.12 -38.38
C PHE A 706 11.34 18.97 -39.13
N LYS A 707 10.18 19.26 -39.70
CA LYS A 707 9.37 18.19 -40.26
C LYS A 707 9.95 17.67 -41.56
N ILE A 708 9.82 16.36 -41.78
CA ILE A 708 10.25 15.71 -43.01
C ILE A 708 9.19 14.70 -43.41
N ILE A 709 9.25 14.28 -44.67
CA ILE A 709 8.32 13.27 -45.17
C ILE A 709 8.68 11.92 -44.55
N ASN A 710 7.65 11.13 -44.22
CA ASN A 710 7.83 9.75 -43.82
C ASN A 710 8.68 9.04 -44.87
N ARG A 711 9.89 8.62 -44.48
CA ARG A 711 10.84 8.08 -45.44
C ARG A 711 10.27 6.92 -46.24
N SER A 712 9.25 6.23 -45.72
CA SER A 712 8.63 5.13 -46.43
C SER A 712 7.70 5.58 -47.54
N VAL A 713 7.30 6.85 -47.56
CA VAL A 713 6.41 7.36 -48.59
C VAL A 713 7.10 7.39 -49.94
N PRO A 714 8.31 7.97 -50.08
CA PRO A 714 8.98 7.88 -51.40
C PRO A 714 9.29 6.45 -51.81
N ALA A 715 9.71 5.60 -50.87
CA ALA A 715 9.99 4.22 -51.21
C ALA A 715 8.72 3.49 -51.63
N ALA A 716 7.57 3.86 -51.07
CA ALA A 716 6.31 3.22 -51.42
C ALA A 716 5.90 3.57 -52.85
N LEU A 717 5.90 4.86 -53.17
CA LEU A 717 5.43 5.29 -54.49
C LEU A 717 6.37 4.82 -55.59
N GLU A 718 7.64 4.63 -55.29
CA GLU A 718 8.55 4.01 -56.25
C GLU A 718 8.15 2.57 -56.52
N THR A 719 7.91 1.78 -55.45
CA THR A 719 7.49 0.40 -55.61
C THR A 719 6.22 0.29 -56.45
N LEU A 720 5.26 1.17 -56.22
CA LEU A 720 4.02 1.15 -56.98
C LEU A 720 4.22 1.54 -58.43
N GLY A 721 5.28 2.29 -58.73
CA GLY A 721 5.62 2.60 -60.10
C GLY A 721 5.55 4.06 -60.47
N TYR A 722 5.30 4.93 -59.49
CA TYR A 722 5.18 6.36 -59.76
C TYR A 722 6.52 6.94 -60.17
N ALA A 723 6.51 7.72 -61.25
CA ALA A 723 7.74 8.28 -61.79
C ALA A 723 8.31 9.34 -60.86
N SER A 724 9.64 9.49 -60.90
CA SER A 724 10.32 10.45 -60.03
C SER A 724 9.77 11.86 -60.19
N ALA A 725 9.34 12.21 -61.41
CA ALA A 725 8.72 13.53 -61.60
C ALA A 725 7.45 13.67 -60.77
N GLN A 726 6.74 12.55 -60.55
CA GLN A 726 5.53 12.59 -59.74
C GLN A 726 5.83 12.47 -58.25
N ILE A 727 6.91 11.78 -57.88
CA ILE A 727 7.24 11.58 -56.47
C ILE A 727 7.44 12.93 -55.77
N SER A 728 8.27 13.80 -56.35
CA SER A 728 8.58 15.07 -55.71
C SER A 728 7.35 15.96 -55.57
N GLN A 729 6.40 15.85 -56.51
CA GLN A 729 5.19 16.65 -56.41
C GLN A 729 4.21 16.08 -55.38
N ILE A 730 4.22 14.76 -55.17
CA ILE A 730 3.38 14.18 -54.12
C ILE A 730 3.91 14.55 -52.74
N VAL A 731 5.24 14.56 -52.58
CA VAL A 731 5.83 14.87 -51.29
C VAL A 731 5.62 16.34 -50.93
N ALA A 732 5.94 17.25 -51.86
CA ALA A 732 5.76 18.67 -51.60
C ALA A 732 4.30 19.01 -51.33
N TYR A 733 3.37 18.19 -51.82
CA TYR A 733 1.96 18.38 -51.48
C TYR A 733 1.74 18.11 -49.99
N ALA A 734 2.43 17.11 -49.44
CA ALA A 734 2.27 16.70 -48.05
C ALA A 734 3.12 17.52 -47.08
N VAL A 735 4.41 17.68 -47.39
CA VAL A 735 5.30 18.41 -46.50
C VAL A 735 5.28 19.92 -46.74
N GLY A 736 4.73 20.35 -47.87
CA GLY A 736 4.75 21.75 -48.23
C GLY A 736 6.05 22.15 -48.88
N HIS A 737 6.04 23.33 -49.49
CA HIS A 737 7.24 23.87 -50.12
C HIS A 737 8.10 24.64 -49.13
N GLY A 738 7.73 24.65 -47.86
CA GLY A 738 8.55 25.19 -46.81
C GLY A 738 8.51 26.68 -46.64
N THR A 739 8.04 27.43 -47.66
CA THR A 739 8.30 28.86 -47.67
C THR A 739 7.61 29.59 -48.83
N LEU A 740 6.81 30.61 -48.50
CA LEU A 740 5.70 31.14 -49.31
C LEU A 740 6.10 31.57 -50.73
N ALA A 741 6.38 30.63 -51.61
CA ALA A 741 6.51 31.01 -53.01
C ALA A 741 5.17 30.82 -53.72
N ASN A 742 4.86 29.57 -54.08
CA ASN A 742 3.77 29.24 -55.00
C ASN A 742 2.37 29.36 -54.39
N CYS A 743 2.07 30.39 -53.64
CA CYS A 743 0.71 30.20 -53.18
C CYS A 743 -0.29 30.89 -54.11
N PRO A 744 -1.47 30.31 -54.32
CA PRO A 744 -2.51 30.98 -55.11
C PRO A 744 -3.59 31.70 -54.30
N THR A 745 -3.50 31.70 -52.97
CA THR A 745 -4.48 32.35 -52.10
C THR A 745 -3.99 33.69 -51.57
N ILE A 746 -2.83 33.69 -50.88
CA ILE A 746 -2.23 34.90 -50.35
C ILE A 746 -0.73 34.85 -50.63
N SER A 747 -0.29 35.50 -51.71
CA SER A 747 1.10 35.44 -52.14
C SER A 747 1.42 36.61 -53.06
N HIS A 748 2.60 36.54 -53.66
CA HIS A 748 3.11 37.57 -54.56
C HIS A 748 3.41 36.97 -55.93
N GLY A 753 0.60 40.67 -52.82
CA GLY A 753 1.64 41.28 -52.00
C GLY A 753 1.37 42.74 -51.66
N HIS A 754 1.79 43.64 -52.56
CA HIS A 754 1.56 45.08 -52.43
C HIS A 754 2.16 45.62 -51.13
N GLY A 755 3.44 45.33 -50.91
CA GLY A 755 4.06 45.78 -49.69
C GLY A 755 5.55 45.55 -49.56
N PHE A 756 5.94 44.91 -48.46
CA PHE A 756 7.35 44.82 -48.07
C PHE A 756 8.18 44.12 -49.13
N GLY A 757 9.35 44.68 -49.42
CA GLY A 757 10.33 44.05 -50.27
C GLY A 757 11.62 43.82 -49.52
N ALA A 758 11.69 44.36 -48.30
CA ALA A 758 12.86 44.23 -47.45
C ALA A 758 12.65 43.17 -46.37
N ARG A 759 11.61 43.31 -45.54
CA ARG A 759 11.33 42.26 -44.55
C ARG A 759 10.87 40.96 -45.20
N GLU A 760 10.65 40.97 -46.51
CA GLU A 760 10.23 39.78 -47.24
C GLU A 760 11.36 38.76 -47.36
N ILE A 761 12.61 39.24 -47.33
CA ILE A 761 13.81 38.42 -47.47
C ILE A 761 13.69 37.11 -46.71
N GLU A 762 13.38 37.18 -45.42
CA GLU A 762 13.46 36.06 -44.51
C GLU A 762 12.28 36.09 -43.54
N LYS A 763 11.29 36.95 -43.77
CA LYS A 763 9.91 36.52 -43.56
C LYS A 763 9.74 35.13 -44.12
N ILE A 764 10.24 34.95 -45.35
CA ILE A 764 9.90 33.79 -46.16
C ILE A 764 10.75 32.60 -45.76
N GLU A 765 12.07 32.80 -45.60
CA GLU A 765 12.92 31.74 -45.09
C GLU A 765 12.51 31.31 -43.68
N ALA A 766 11.80 32.17 -42.95
CA ALA A 766 11.23 31.78 -41.67
C ALA A 766 9.80 31.26 -41.82
N ALA A 767 9.60 30.34 -42.77
CA ALA A 767 8.30 29.74 -42.99
C ALA A 767 8.33 28.22 -42.96
N LEU A 768 9.50 27.61 -42.75
CA LEU A 768 9.62 26.17 -42.53
C LEU A 768 9.16 25.73 -41.14
N PRO A 769 9.21 26.59 -40.10
CA PRO A 769 8.62 26.19 -38.81
C PRO A 769 7.21 25.64 -38.89
N SER A 770 6.42 26.05 -39.90
CA SER A 770 5.14 25.44 -40.25
C SER A 770 4.02 25.75 -39.26
N ALA A 771 4.16 26.80 -38.45
CA ALA A 771 3.02 27.33 -37.71
C ALA A 771 2.23 28.34 -38.53
N PHE A 772 2.90 28.98 -39.50
CA PHE A 772 2.34 29.92 -40.45
C PHE A 772 1.99 31.27 -39.85
N ASP A 773 2.11 31.42 -38.53
CA ASP A 773 1.83 32.69 -37.88
C ASP A 773 2.63 32.84 -36.60
N GLU A 818 -6.63 31.76 -46.48
CA GLU A 818 -7.46 30.56 -46.35
C GLU A 818 -6.61 29.30 -46.35
N ALA A 819 -6.68 28.53 -47.43
CA ALA A 819 -5.87 27.34 -47.62
C ALA A 819 -4.43 27.67 -48.02
N ALA A 820 -4.00 28.91 -47.82
CA ALA A 820 -2.59 29.25 -48.06
C ALA A 820 -1.69 28.58 -47.04
N ASN A 821 -2.21 28.28 -45.85
CA ASN A 821 -1.44 27.55 -44.85
C ASN A 821 -1.10 26.15 -45.36
N ASP A 822 -2.05 25.49 -46.04
CA ASP A 822 -1.81 24.16 -46.58
C ASP A 822 -0.72 24.15 -47.63
N HIS A 823 -0.37 25.31 -48.19
CA HIS A 823 0.60 25.32 -49.28
C HIS A 823 2.03 25.21 -48.77
N VAL A 824 2.41 26.07 -47.82
CA VAL A 824 3.80 26.14 -47.38
C VAL A 824 4.12 25.03 -46.40
N CYS A 825 3.23 24.77 -45.44
CA CYS A 825 3.44 23.75 -44.42
C CYS A 825 2.89 22.38 -44.83
N GLY A 826 2.19 22.29 -45.95
CA GLY A 826 1.76 21.01 -46.47
C GLY A 826 0.47 20.51 -45.84
N THR A 827 -0.18 19.61 -46.56
CA THR A 827 -1.39 18.96 -46.07
C THR A 827 -1.07 17.87 -45.05
N MET A 828 0.18 17.40 -45.00
CA MET A 828 0.62 16.36 -44.08
C MET A 828 -0.11 15.03 -44.30
N THR A 829 -0.80 14.88 -45.44
CA THR A 829 -1.40 13.61 -45.82
C THR A 829 -1.19 13.42 -47.32
N LEU A 830 -1.70 12.30 -47.85
CA LEU A 830 -1.57 11.99 -49.26
C LEU A 830 -2.90 11.84 -49.97
N GLU A 831 -4.02 12.06 -49.28
CA GLU A 831 -5.32 12.00 -49.93
C GLU A 831 -5.57 13.30 -50.67
N GLY A 832 -6.11 13.20 -51.89
CA GLY A 832 -6.28 14.36 -52.73
C GLY A 832 -4.98 14.93 -53.25
N ALA A 833 -3.94 14.08 -53.38
CA ALA A 833 -2.61 14.45 -53.84
C ALA A 833 -2.51 14.37 -55.36
N PRO A 834 -1.63 15.17 -55.95
CA PRO A 834 -1.38 15.07 -57.38
C PRO A 834 -0.88 13.67 -57.76
N HIS A 835 -1.34 13.20 -58.92
CA HIS A 835 -0.82 12.01 -59.61
C HIS A 835 -1.23 10.69 -58.97
N LEU A 836 -1.48 10.67 -57.66
CA LEU A 836 -1.67 9.41 -56.95
C LEU A 836 -3.04 8.82 -57.23
N LYS A 837 -3.04 7.56 -57.67
CA LYS A 837 -4.28 6.87 -58.01
C LYS A 837 -5.11 6.57 -56.77
N ALA A 838 -6.42 6.45 -56.97
CA ALA A 838 -7.33 6.24 -55.84
C ALA A 838 -7.24 4.83 -55.29
N GLU A 839 -6.83 3.85 -56.10
CA GLU A 839 -6.66 2.49 -55.61
C GLU A 839 -5.37 2.28 -54.84
N HIS A 840 -4.43 3.23 -54.90
CA HIS A 840 -3.21 3.17 -54.12
C HIS A 840 -3.29 4.00 -52.84
N LEU A 841 -4.38 4.73 -52.63
CA LEU A 841 -4.52 5.54 -51.43
C LEU A 841 -4.48 4.73 -50.13
N PRO A 842 -5.12 3.56 -50.00
CA PRO A 842 -5.05 2.83 -48.74
C PRO A 842 -3.65 2.43 -48.32
N VAL A 843 -2.69 2.38 -49.26
CA VAL A 843 -1.32 2.02 -48.92
C VAL A 843 -0.72 2.99 -47.91
N PHE A 844 -1.27 4.19 -47.80
CA PHE A 844 -0.76 5.20 -46.88
C PHE A 844 -1.70 5.44 -45.71
N ASP A 845 -2.65 4.53 -45.47
CA ASP A 845 -3.47 4.62 -44.29
C ASP A 845 -2.62 4.35 -43.05
N CYS A 846 -2.83 5.15 -42.01
CA CYS A 846 -2.13 5.01 -40.75
C CYS A 846 -3.13 4.91 -39.61
N ALA A 847 -2.62 4.62 -38.41
CA ALA A 847 -3.47 4.42 -37.25
C ALA A 847 -4.24 5.68 -36.89
N ASN A 848 -3.74 6.85 -37.26
CA ASN A 848 -4.36 8.13 -37.00
C ASN A 848 -4.48 8.94 -38.28
N PRO A 849 -5.54 9.73 -38.41
CA PRO A 849 -5.64 10.63 -39.56
C PRO A 849 -4.51 11.65 -39.55
N CYS A 850 -3.98 11.94 -40.73
CA CYS A 850 -2.77 12.73 -40.88
C CYS A 850 -3.11 14.17 -41.25
N GLY A 851 -2.54 15.12 -40.51
CA GLY A 851 -2.81 16.52 -40.73
C GLY A 851 -4.15 16.95 -40.16
N LYS A 852 -4.39 18.26 -40.22
CA LYS A 852 -5.67 18.79 -39.78
C LYS A 852 -6.79 18.40 -40.72
N LYS A 853 -6.50 18.28 -42.01
CA LYS A 853 -7.53 18.01 -43.01
C LYS A 853 -7.72 16.52 -43.28
N GLY A 854 -6.72 15.68 -43.03
CA GLY A 854 -6.84 14.27 -43.36
C GLY A 854 -8.00 13.63 -42.60
N LYS A 855 -8.68 12.69 -43.27
CA LYS A 855 -9.89 12.10 -42.71
C LYS A 855 -9.96 10.57 -42.75
N ARG A 856 -9.06 9.88 -43.45
CA ARG A 856 -9.09 8.43 -43.44
C ARG A 856 -7.99 7.87 -42.55
N TYR A 857 -8.24 6.66 -42.03
CA TYR A 857 -7.34 6.01 -41.09
C TYR A 857 -7.66 4.51 -41.11
N LEU A 858 -6.80 3.74 -40.46
CA LEU A 858 -6.97 2.30 -40.42
C LEU A 858 -8.07 1.93 -39.43
N SER A 859 -8.94 1.00 -39.85
CA SER A 859 -10.06 0.60 -39.03
C SER A 859 -9.59 -0.27 -37.85
N VAL A 860 -10.45 -0.36 -36.84
CA VAL A 860 -10.18 -1.27 -35.72
C VAL A 860 -10.09 -2.71 -36.23
N GLU A 861 -10.91 -3.05 -37.23
CA GLU A 861 -10.87 -4.40 -37.78
C GLU A 861 -9.52 -4.70 -38.42
N SER A 862 -8.92 -3.70 -39.08
CA SER A 862 -7.61 -3.90 -39.69
C SER A 862 -6.58 -4.30 -38.65
N HIS A 863 -6.61 -3.64 -37.48
CA HIS A 863 -5.68 -3.97 -36.40
C HIS A 863 -5.88 -5.40 -35.93
N ILE A 864 -7.14 -5.79 -35.69
CA ILE A 864 -7.42 -7.09 -35.10
C ILE A 864 -7.03 -8.21 -36.05
N HIS A 865 -7.36 -8.09 -37.33
CA HIS A 865 -7.07 -9.15 -38.28
C HIS A 865 -5.58 -9.30 -38.53
N MET A 866 -4.81 -8.21 -38.41
CA MET A 866 -3.36 -8.33 -38.51
C MET A 866 -2.80 -9.11 -37.32
N MET A 867 -3.35 -8.88 -36.13
CA MET A 867 -2.96 -9.66 -34.96
C MET A 867 -3.22 -11.14 -35.17
N ALA A 868 -4.41 -11.47 -35.67
CA ALA A 868 -4.81 -12.87 -35.82
C ALA A 868 -3.93 -13.61 -36.82
N ALA A 869 -3.45 -12.92 -37.86
CA ALA A 869 -2.56 -13.56 -38.82
C ALA A 869 -1.22 -13.92 -38.18
N ALA A 870 -0.75 -13.09 -37.25
CA ALA A 870 0.53 -13.35 -36.59
C ALA A 870 0.40 -14.25 -35.37
N GLN A 871 -0.73 -14.18 -34.65
CA GLN A 871 -0.87 -14.91 -33.41
C GLN A 871 -0.76 -16.42 -33.62
N SER A 872 -1.12 -16.90 -34.81
CA SER A 872 -1.04 -18.34 -35.08
C SER A 872 0.39 -18.85 -35.08
N PHE A 873 1.37 -17.97 -35.24
CA PHE A 873 2.78 -18.35 -35.27
C PHE A 873 3.58 -17.61 -34.20
N ILE A 874 2.95 -17.30 -33.07
CA ILE A 874 3.62 -16.66 -31.95
C ILE A 874 3.44 -17.54 -30.73
N SER A 875 4.55 -17.85 -30.05
CA SER A 875 4.50 -18.68 -28.85
C SER A 875 3.61 -18.03 -27.78
N GLY A 876 3.94 -16.81 -27.39
CA GLY A 876 3.12 -16.09 -26.44
C GLY A 876 1.98 -15.37 -27.10
N ALA A 877 1.95 -14.04 -26.96
CA ALA A 877 0.86 -13.22 -27.47
C ALA A 877 1.46 -11.97 -28.10
N ILE A 878 0.59 -11.01 -28.39
CA ILE A 878 0.96 -9.78 -29.10
C ILE A 878 0.51 -8.60 -28.26
N SER A 879 1.46 -7.76 -27.85
CA SER A 879 1.13 -6.59 -27.05
C SER A 879 0.44 -5.54 -27.93
N LYS A 880 -0.81 -5.22 -27.62
CA LYS A 880 -1.58 -4.30 -28.44
C LYS A 880 -2.58 -3.55 -27.59
N THR A 881 -2.70 -2.24 -27.85
CA THR A 881 -3.76 -1.41 -27.32
C THR A 881 -4.35 -0.63 -28.49
N ILE A 882 -5.59 -0.93 -28.84
CA ILE A 882 -6.24 -0.35 -30.01
C ILE A 882 -6.92 0.95 -29.60
N ASN A 883 -6.56 2.04 -30.29
CA ASN A 883 -7.19 3.33 -30.05
C ASN A 883 -8.41 3.47 -30.95
N MET A 884 -9.57 3.71 -30.35
CA MET A 884 -10.82 3.89 -31.06
C MET A 884 -11.27 5.34 -31.00
N PRO A 885 -12.04 5.80 -31.98
CA PRO A 885 -12.46 7.20 -31.98
C PRO A 885 -13.39 7.50 -30.81
N ASN A 886 -13.50 8.78 -30.48
CA ASN A 886 -14.37 9.19 -29.38
C ASN A 886 -15.83 8.85 -29.66
N SER A 887 -16.22 8.74 -30.93
CA SER A 887 -17.60 8.44 -31.31
C SER A 887 -17.99 7.00 -31.06
N ALA A 888 -17.07 6.15 -30.63
CA ALA A 888 -17.37 4.74 -30.45
C ALA A 888 -18.42 4.53 -29.36
N THR A 889 -19.18 3.46 -29.50
CA THR A 889 -20.22 3.08 -28.55
C THR A 889 -19.77 1.90 -27.71
N ILE A 890 -20.58 1.56 -26.71
CA ILE A 890 -20.25 0.43 -25.85
C ILE A 890 -20.39 -0.88 -26.61
N ALA A 891 -21.32 -0.95 -27.58
CA ALA A 891 -21.47 -2.16 -28.37
C ALA A 891 -20.26 -2.39 -29.28
N GLU A 892 -19.67 -1.32 -29.81
CA GLU A 892 -18.53 -1.46 -30.71
C GLU A 892 -17.28 -1.94 -29.97
N THR A 893 -17.12 -1.55 -28.70
CA THR A 893 -15.98 -2.04 -27.92
C THR A 893 -16.13 -3.53 -27.62
N LEU A 894 -17.34 -3.96 -27.28
CA LEU A 894 -17.58 -5.39 -27.07
C LEU A 894 -17.41 -6.17 -28.37
N ALA A 895 -17.86 -5.59 -29.49
CA ALA A 895 -17.64 -6.26 -30.78
C ALA A 895 -16.16 -6.43 -31.06
N ALA A 896 -15.33 -5.47 -30.65
CA ALA A 896 -13.89 -5.59 -30.81
C ALA A 896 -13.34 -6.74 -29.96
N TYR A 897 -13.78 -6.84 -28.70
CA TYR A 897 -13.39 -7.98 -27.88
C TYR A 897 -13.96 -9.29 -28.43
N GLU A 898 -15.15 -9.24 -29.02
CA GLU A 898 -15.76 -10.46 -29.56
C GLU A 898 -15.06 -10.91 -30.83
N LEU A 899 -14.69 -9.98 -31.70
CA LEU A 899 -13.97 -10.33 -32.92
C LEU A 899 -12.60 -10.92 -32.61
N SER A 900 -11.93 -10.43 -31.56
CA SER A 900 -10.61 -10.95 -31.21
C SER A 900 -10.68 -12.40 -30.75
N HIS A 901 -11.69 -12.75 -29.97
CA HIS A 901 -11.81 -14.13 -29.51
C HIS A 901 -12.07 -15.07 -30.68
N SER A 902 -12.90 -14.65 -31.63
CA SER A 902 -13.27 -15.50 -32.75
C SER A 902 -12.12 -15.73 -33.71
N LEU A 903 -11.07 -14.90 -33.66
CA LEU A 903 -9.94 -14.98 -34.57
C LEU A 903 -8.70 -15.59 -33.94
N GLY A 904 -8.83 -16.23 -32.77
CA GLY A 904 -7.70 -16.86 -32.13
C GLY A 904 -6.78 -15.94 -31.36
N ILE A 905 -7.18 -14.70 -31.13
CA ILE A 905 -6.35 -13.76 -30.39
C ILE A 905 -6.38 -14.11 -28.91
N LYS A 906 -5.21 -14.00 -28.26
CA LYS A 906 -5.08 -14.39 -26.87
C LYS A 906 -5.42 -13.27 -25.90
N ALA A 907 -5.12 -12.02 -26.26
CA ALA A 907 -5.40 -10.89 -25.38
C ALA A 907 -5.53 -9.63 -26.21
N ASN A 908 -6.22 -8.64 -25.64
CA ASN A 908 -6.40 -7.37 -26.33
C ASN A 908 -6.71 -6.29 -25.30
N ALA A 909 -6.65 -5.05 -25.77
CA ALA A 909 -6.92 -3.88 -24.93
C ALA A 909 -7.31 -2.73 -25.83
N LEU A 910 -8.23 -1.90 -25.32
CA LEU A 910 -8.74 -0.76 -26.08
C LEU A 910 -8.60 0.52 -25.26
N TYR A 911 -8.43 1.62 -25.96
CA TYR A 911 -8.53 2.95 -25.37
C TYR A 911 -9.37 3.83 -26.29
N ARG A 912 -10.57 4.19 -25.85
CA ARG A 912 -11.37 5.14 -26.59
C ARG A 912 -10.78 6.54 -26.42
N ASP A 913 -10.62 7.26 -27.53
CA ASP A 913 -10.05 8.59 -27.49
C ASP A 913 -10.89 9.52 -26.62
N GLY A 914 -10.23 10.29 -25.77
CA GLY A 914 -10.90 11.23 -24.91
C GLY A 914 -11.63 10.64 -23.73
N SER A 915 -11.48 9.33 -23.48
CA SER A 915 -12.28 8.69 -22.43
C SER A 915 -11.77 9.04 -21.04
N LYS A 916 -10.45 9.13 -20.87
CA LYS A 916 -9.86 9.41 -19.58
C LYS A 916 -9.71 10.91 -19.36
N LEU A 917 -9.77 11.32 -18.08
CA LEU A 917 -9.45 12.70 -17.74
C LEU A 917 -7.96 12.97 -17.90
N SER A 918 -7.13 11.91 -17.79
CA SER A 918 -5.70 12.06 -17.91
C SER A 918 -5.27 12.57 -19.28
N GLN A 919 -6.10 12.37 -20.30
CA GLN A 919 -5.74 12.79 -21.66
C GLN A 919 -6.02 14.26 -21.84
N PRO A 920 -5.00 15.09 -22.16
CA PRO A 920 -5.17 16.53 -22.41
C PRO A 920 -5.70 16.83 -23.82
N LYS B 2 9.73 -16.54 48.36
CA LYS B 2 8.55 -17.15 48.95
C LYS B 2 7.41 -16.13 49.01
N ILE B 3 6.22 -16.57 48.60
CA ILE B 3 5.05 -15.70 48.52
C ILE B 3 4.15 -15.97 49.72
N GLU B 4 3.40 -14.95 50.12
CA GLU B 4 2.56 -15.00 51.31
C GLU B 4 1.14 -15.43 50.93
N ARG B 5 0.16 -15.05 51.74
CA ARG B 5 -1.25 -15.27 51.46
C ARG B 5 -2.03 -14.22 52.23
N LYS B 6 -2.62 -13.26 51.53
CA LYS B 6 -3.28 -12.13 52.16
C LYS B 6 -4.78 -12.08 51.95
N PHE B 7 -5.31 -12.67 50.88
CA PHE B 7 -6.73 -12.62 50.59
C PHE B 7 -7.41 -13.98 50.58
N THR B 8 -6.66 -15.07 50.62
CA THR B 8 -7.23 -16.41 50.61
C THR B 8 -6.65 -17.24 51.75
N THR B 9 -7.32 -18.36 52.03
CA THR B 9 -6.81 -19.37 52.93
C THR B 9 -6.68 -20.68 52.16
N ALA B 10 -5.68 -21.48 52.54
CA ALA B 10 -5.44 -22.75 51.85
C ALA B 10 -6.63 -23.68 51.93
N GLU B 11 -7.41 -23.58 53.01
CA GLU B 11 -8.55 -24.47 53.19
C GLU B 11 -9.74 -24.08 52.33
N GLY B 12 -9.93 -22.78 52.10
CA GLY B 12 -11.04 -22.31 51.29
C GLY B 12 -10.67 -22.12 49.82
N GLY B 13 -9.38 -22.09 49.53
CA GLY B 13 -8.94 -21.93 48.16
C GLY B 13 -9.05 -20.49 47.68
N ALA B 14 -9.24 -20.34 46.37
CA ALA B 14 -9.26 -19.03 45.75
C ALA B 14 -10.61 -18.33 45.84
N TYR B 15 -11.67 -19.06 46.14
CA TYR B 15 -13.03 -18.55 46.03
C TYR B 15 -13.79 -18.64 47.35
N GLY B 16 -13.08 -18.53 48.47
CA GLY B 16 -13.73 -18.46 49.77
C GLY B 16 -14.16 -17.04 50.08
N GLY B 17 -15.47 -16.80 50.07
CA GLY B 17 -16.02 -15.48 50.32
C GLY B 17 -16.61 -14.81 49.10
N VAL B 18 -16.45 -15.41 47.92
CA VAL B 18 -16.95 -14.85 46.66
C VAL B 18 -17.98 -15.81 46.10
N GLY B 19 -19.14 -15.27 45.73
CA GLY B 19 -20.26 -16.06 45.25
C GLY B 19 -20.20 -16.36 43.76
N PHE B 20 -21.37 -16.62 43.18
CA PHE B 20 -21.44 -17.07 41.81
C PHE B 20 -22.89 -17.00 41.32
N THR B 21 -23.07 -16.59 40.06
CA THR B 21 -24.39 -16.48 39.43
C THR B 21 -24.29 -17.04 38.01
N THR B 22 -25.36 -16.88 37.24
CA THR B 22 -25.39 -17.32 35.84
C THR B 22 -26.23 -16.35 35.03
N THR B 23 -25.71 -15.93 33.88
CA THR B 23 -26.38 -14.97 33.01
C THR B 23 -26.19 -15.39 31.55
N VAL B 24 -26.83 -14.66 30.64
CA VAL B 24 -26.98 -15.04 29.23
C VAL B 24 -26.53 -13.88 28.34
N SER B 25 -25.65 -14.16 27.39
CA SER B 25 -25.16 -13.16 26.45
C SER B 25 -25.64 -13.49 25.03
N GLU B 26 -25.99 -12.45 24.27
CA GLU B 26 -26.63 -12.63 22.97
C GLU B 26 -26.41 -11.40 22.12
N ILE B 27 -26.57 -11.57 20.81
CA ILE B 27 -26.64 -10.47 19.86
C ILE B 27 -27.82 -10.75 18.93
N ARG B 28 -28.25 -9.70 18.22
CA ARG B 28 -29.25 -9.79 17.16
C ARG B 28 -29.40 -8.42 16.53
N ASN B 29 -29.79 -8.42 15.27
CA ASN B 29 -30.04 -7.24 14.46
C ASN B 29 -31.54 -7.05 14.26
N PRO B 30 -31.98 -5.89 13.74
CA PRO B 30 -33.38 -5.66 13.39
C PRO B 30 -34.01 -6.80 12.60
N VAL B 35 -28.00 -13.01 16.28
CA VAL B 35 -28.34 -14.41 16.28
C VAL B 35 -27.17 -15.26 16.80
N PHE B 36 -26.04 -14.61 17.07
CA PHE B 36 -25.07 -15.24 17.95
C PHE B 36 -25.68 -15.36 19.33
N ARG B 37 -25.58 -16.54 19.92
CA ARG B 37 -26.23 -16.82 21.19
C ARG B 37 -25.36 -17.79 21.97
N ASN B 38 -25.72 -17.97 23.24
CA ASN B 38 -25.48 -19.14 24.08
C ASN B 38 -25.58 -18.72 25.54
N GLU B 39 -26.20 -19.58 26.34
CA GLU B 39 -26.83 -19.21 27.59
C GLU B 39 -26.15 -19.75 28.84
N SER B 40 -25.37 -20.81 28.72
CA SER B 40 -24.84 -21.47 29.92
C SER B 40 -23.76 -20.66 30.60
N VAL B 41 -23.28 -19.57 29.99
CA VAL B 41 -22.20 -18.75 30.50
C VAL B 41 -22.38 -18.42 31.98
N GLU B 42 -21.41 -18.82 32.80
CA GLU B 42 -21.47 -18.69 34.25
C GLU B 42 -20.46 -17.65 34.73
N VAL B 43 -20.91 -16.74 35.58
CA VAL B 43 -20.15 -15.53 35.93
C VAL B 43 -20.10 -15.37 37.45
N PRO B 44 -18.98 -14.92 38.04
CA PRO B 44 -18.91 -14.78 39.51
C PRO B 44 -19.86 -13.73 40.10
N GLU B 45 -19.75 -13.52 41.41
CA GLU B 45 -20.66 -12.63 42.13
C GLU B 45 -20.39 -11.18 41.76
N GLY B 46 -21.44 -10.36 41.94
CA GLY B 46 -21.33 -8.92 41.78
C GLY B 46 -20.76 -8.46 40.45
N TRP B 47 -20.71 -9.36 39.47
CA TRP B 47 -20.17 -9.05 38.16
C TRP B 47 -21.25 -8.46 37.28
N SER B 48 -20.96 -7.31 36.68
CA SER B 48 -21.86 -6.74 35.70
C SER B 48 -21.99 -7.65 34.48
N GLN B 49 -22.90 -7.29 33.57
CA GLN B 49 -23.05 -8.03 32.34
C GLN B 49 -22.23 -7.44 31.19
N VAL B 50 -21.96 -6.14 31.17
CA VAL B 50 -20.94 -5.65 30.25
C VAL B 50 -19.62 -6.34 30.58
N ALA B 51 -19.42 -6.71 31.84
CA ALA B 51 -18.34 -7.62 32.19
C ALA B 51 -18.65 -9.04 31.71
N SER B 52 -19.83 -9.55 32.05
CA SER B 52 -20.18 -10.92 31.70
C SER B 52 -20.23 -11.11 30.20
N ASP B 53 -20.78 -10.14 29.47
CA ASP B 53 -20.96 -10.32 28.04
C ASP B 53 -19.66 -10.19 27.28
N VAL B 54 -18.75 -9.32 27.72
CA VAL B 54 -17.44 -9.29 27.09
C VAL B 54 -16.78 -10.67 27.18
N LEU B 55 -16.72 -11.22 28.40
CA LEU B 55 -16.07 -12.52 28.60
C LEU B 55 -16.72 -13.61 27.76
N ALA B 56 -18.01 -13.49 27.46
CA ALA B 56 -18.74 -14.60 26.83
C ALA B 56 -18.35 -14.79 25.36
N GLN B 57 -17.99 -13.72 24.66
CA GLN B 57 -17.57 -13.84 23.25
C GLN B 57 -16.28 -13.11 22.93
N LYS B 58 -15.68 -12.40 23.90
CA LYS B 58 -14.37 -11.84 23.69
C LYS B 58 -13.27 -12.76 24.23
N TYR B 59 -13.53 -13.43 25.35
CA TYR B 59 -12.52 -14.22 26.04
C TYR B 59 -12.83 -15.72 26.12
N PHE B 60 -14.10 -16.10 26.10
CA PHE B 60 -14.47 -17.50 26.00
C PHE B 60 -13.94 -18.10 24.71
N ARG B 61 -13.56 -19.38 24.76
CA ARG B 61 -13.40 -20.13 23.53
C ARG B 61 -14.71 -20.83 23.19
N LYS B 62 -15.09 -20.75 21.92
CA LYS B 62 -16.38 -21.24 21.46
C LYS B 62 -16.33 -22.68 20.98
N ALA B 63 -15.14 -23.21 20.68
CA ALA B 63 -15.00 -24.58 20.19
C ALA B 63 -13.54 -24.99 20.27
N GLY B 64 -13.31 -26.29 20.40
CA GLY B 64 -11.97 -26.86 20.37
C GLY B 64 -11.53 -27.56 21.64
N VAL B 65 -12.30 -27.52 22.72
CA VAL B 65 -11.95 -28.25 23.94
C VAL B 65 -12.85 -29.47 24.04
N PRO B 66 -12.37 -30.59 24.55
CA PRO B 66 -13.24 -31.77 24.68
C PRO B 66 -13.86 -31.90 26.07
N ALA B 67 -14.52 -33.04 26.32
CA ALA B 67 -15.39 -33.17 27.50
C ALA B 67 -14.60 -33.40 28.78
N ARG B 68 -13.81 -34.46 28.82
CA ARG B 68 -13.05 -34.84 30.01
C ARG B 68 -11.68 -35.33 29.55
N LEU B 69 -10.61 -34.82 30.16
CA LEU B 69 -9.30 -35.04 29.56
C LEU B 69 -8.28 -35.21 30.68
N LYS B 70 -7.05 -35.54 30.27
CA LYS B 70 -6.06 -36.17 31.13
C LYS B 70 -5.29 -35.17 31.97
N ARG B 71 -4.40 -35.72 32.79
CA ARG B 71 -3.19 -35.08 33.23
C ARG B 71 -2.02 -35.69 32.45
N VAL B 72 -0.82 -35.17 32.69
CA VAL B 72 0.40 -35.70 32.12
C VAL B 72 1.42 -35.83 33.23
N LYS B 73 2.25 -36.86 33.17
CA LYS B 73 3.26 -37.00 34.18
C LYS B 73 4.41 -36.05 33.86
N GLU B 74 4.62 -35.09 34.75
CA GLU B 74 5.80 -34.26 34.84
C GLU B 74 6.46 -34.64 36.15
N LYS B 75 7.74 -34.34 36.34
CA LYS B 75 8.28 -34.63 37.65
C LYS B 75 8.81 -33.41 38.40
N GLY B 76 9.13 -32.33 37.68
CA GLY B 76 9.57 -31.10 38.27
C GLY B 76 8.72 -30.67 39.45
N VAL B 77 7.48 -30.28 39.19
CA VAL B 77 6.72 -29.55 40.19
C VAL B 77 5.24 -29.93 40.28
N PRO B 78 4.67 -30.20 41.55
CA PRO B 78 3.25 -30.68 41.65
C PRO B 78 2.33 -31.28 40.57
N ASP B 79 1.31 -31.95 41.13
CA ASP B 79 0.25 -32.61 40.36
C ASP B 79 -0.81 -31.62 39.87
N PHE B 80 -1.25 -30.71 40.74
CA PHE B 80 -2.33 -29.82 40.34
C PHE B 80 -1.95 -28.91 39.18
N LEU B 81 -0.65 -28.77 38.90
CA LEU B 81 -0.22 -28.01 37.73
C LEU B 81 0.41 -28.93 36.69
N TRP B 82 -0.32 -29.96 36.30
CA TRP B 82 0.08 -30.84 35.20
C TRP B 82 -0.74 -30.51 33.97
N ARG B 83 -0.09 -30.48 32.81
CA ARG B 83 -0.78 -30.12 31.58
C ARG B 83 -1.95 -31.05 31.31
N SER B 84 -2.89 -30.58 30.49
CA SER B 84 -4.03 -31.38 30.07
C SER B 84 -3.96 -31.57 28.56
N VAL B 85 -4.26 -32.78 28.10
CA VAL B 85 -4.13 -33.13 26.68
C VAL B 85 -5.25 -34.08 26.28
N PRO B 86 -5.81 -33.96 25.06
CA PRO B 86 -6.65 -34.98 24.44
C PRO B 86 -5.81 -35.94 23.61
N LEU B 91 -13.37 -39.53 23.38
CA LEU B 91 -14.44 -39.01 22.56
C LEU B 91 -15.43 -40.10 22.18
N ALA B 92 -15.05 -41.38 22.32
CA ALA B 92 -15.97 -42.49 22.14
C ALA B 92 -17.03 -42.57 23.25
N LYS B 93 -16.85 -41.82 24.34
CA LYS B 93 -17.91 -41.71 25.34
C LYS B 93 -19.19 -41.19 24.72
N LEU B 94 -19.07 -40.27 23.77
CA LEU B 94 -20.16 -39.45 23.27
C LEU B 94 -20.25 -39.58 21.76
N PRO B 95 -21.35 -39.11 21.14
CA PRO B 95 -21.40 -39.07 19.67
C PRO B 95 -20.51 -37.99 19.11
N ALA B 96 -20.73 -37.59 17.85
CA ALA B 96 -19.89 -36.56 17.24
C ALA B 96 -19.95 -35.25 18.02
N ALA B 97 -21.08 -34.96 18.66
CA ALA B 97 -21.21 -33.79 19.50
C ALA B 97 -20.56 -34.06 20.87
N ALA B 98 -20.46 -32.99 21.66
CA ALA B 98 -19.98 -33.06 23.05
C ALA B 98 -18.51 -33.45 23.15
N ARG B 99 -17.95 -34.06 22.10
CA ARG B 99 -16.50 -33.99 21.90
C ARG B 99 -16.07 -32.60 21.46
N PHE B 100 -17.05 -31.68 21.29
CA PHE B 100 -16.91 -30.36 20.69
C PHE B 100 -17.66 -29.37 21.61
N VAL B 101 -17.02 -28.98 22.71
CA VAL B 101 -17.66 -28.11 23.69
C VAL B 101 -16.97 -26.75 23.69
N GLY B 102 -17.71 -25.72 24.09
CA GLY B 102 -17.15 -24.40 24.31
C GLY B 102 -17.15 -24.04 25.78
N GLU B 103 -16.30 -23.09 26.17
CA GLU B 103 -16.22 -22.71 27.58
C GLU B 103 -17.55 -22.14 28.07
N THR B 104 -17.72 -22.13 29.39
CA THR B 104 -19.01 -21.84 29.97
C THR B 104 -18.91 -21.16 31.33
N SER B 105 -17.82 -21.39 32.05
CA SER B 105 -17.63 -20.76 33.35
C SER B 105 -16.40 -19.86 33.31
N ALA B 106 -16.47 -18.76 34.06
CA ALA B 106 -15.32 -17.86 34.18
C ALA B 106 -14.18 -18.51 34.94
N ARG B 107 -14.46 -19.53 35.77
CA ARG B 107 -13.40 -20.22 36.48
C ARG B 107 -12.57 -21.09 35.55
N GLN B 108 -13.18 -21.61 34.49
CA GLN B 108 -12.44 -22.38 33.49
C GLN B 108 -11.30 -21.55 32.91
N VAL B 109 -11.59 -20.31 32.52
CA VAL B 109 -10.53 -19.44 32.04
C VAL B 109 -9.65 -18.98 33.20
N PHE B 110 -10.25 -18.70 34.36
CA PHE B 110 -9.47 -18.26 35.51
C PHE B 110 -8.40 -19.29 35.89
N ASP B 111 -8.78 -20.56 35.96
CA ASP B 111 -7.84 -21.60 36.35
C ASP B 111 -6.80 -21.86 35.27
N ARG B 112 -7.17 -21.71 33.99
CA ARG B 112 -6.21 -21.89 32.92
C ARG B 112 -5.31 -20.67 32.73
N LEU B 113 -5.75 -19.48 33.15
CA LEU B 113 -4.88 -18.32 33.10
C LEU B 113 -3.88 -18.35 34.24
N ALA B 114 -4.36 -18.47 35.49
CA ALA B 114 -3.48 -18.50 36.65
C ALA B 114 -2.78 -19.84 36.82
N GLY B 115 -3.32 -20.91 36.25
CA GLY B 115 -2.63 -22.19 36.33
C GLY B 115 -1.43 -22.25 35.41
N ALA B 116 -1.62 -21.87 34.14
CA ALA B 116 -0.49 -21.77 33.22
C ALA B 116 0.53 -20.74 33.72
N TRP B 117 0.07 -19.74 34.46
CA TRP B 117 1.00 -18.80 35.10
C TRP B 117 1.91 -19.54 36.06
N ALA B 118 1.33 -20.25 37.02
CA ALA B 118 2.11 -20.96 38.02
C ALA B 118 2.73 -22.24 37.49
N TYR B 119 2.19 -22.82 36.42
CA TYR B 119 2.80 -24.00 35.81
C TYR B 119 4.17 -23.68 35.26
N TRP B 120 4.24 -22.74 34.30
CA TRP B 120 5.53 -22.26 33.82
C TRP B 120 6.32 -21.59 34.93
N GLY B 121 5.62 -21.08 35.96
CA GLY B 121 6.29 -20.33 37.00
C GLY B 121 7.34 -21.13 37.75
N TRP B 122 7.10 -22.40 37.99
CA TRP B 122 8.15 -23.14 38.67
C TRP B 122 9.09 -23.81 37.68
N LYS B 123 8.64 -24.12 36.46
CA LYS B 123 9.57 -24.54 35.43
C LYS B 123 10.79 -23.63 35.42
N GLY B 124 10.58 -22.33 35.58
CA GLY B 124 11.66 -21.39 35.79
C GLY B 124 12.14 -21.29 37.23
N GLY B 125 11.40 -21.85 38.18
CA GLY B 125 11.81 -21.83 39.57
C GLY B 125 11.49 -20.55 40.30
N TYR B 126 10.40 -19.87 39.91
CA TYR B 126 10.00 -18.66 40.60
C TYR B 126 9.45 -18.95 41.99
N PHE B 127 9.10 -20.20 42.27
CA PHE B 127 8.60 -20.57 43.60
C PHE B 127 9.75 -21.13 44.42
N SER B 128 9.55 -21.14 45.73
CA SER B 128 10.46 -21.82 46.63
C SER B 128 9.98 -23.22 46.99
N THR B 129 8.75 -23.33 47.48
CA THR B 129 8.15 -24.60 47.87
C THR B 129 6.87 -24.83 47.07
N GLU B 130 6.40 -26.08 47.10
CA GLU B 130 5.11 -26.40 46.51
C GLU B 130 3.99 -25.62 47.18
N ALA B 131 4.14 -25.31 48.47
CA ALA B 131 3.13 -24.55 49.19
C ALA B 131 2.93 -23.17 48.59
N ASP B 132 3.99 -22.58 48.01
CA ASP B 132 3.85 -21.29 47.34
C ASP B 132 3.08 -21.41 46.03
N ALA B 133 3.21 -22.54 45.35
CA ALA B 133 2.60 -22.70 44.04
C ALA B 133 1.08 -22.52 44.11
N ARG B 134 0.42 -23.25 45.02
CA ARG B 134 -1.02 -23.11 45.15
C ARG B 134 -1.38 -21.83 45.91
N ALA B 135 -0.59 -21.45 46.92
CA ALA B 135 -0.82 -20.19 47.60
C ALA B 135 -0.67 -19.00 46.65
N TYR B 136 -0.17 -19.22 45.44
CA TYR B 136 -0.14 -18.25 44.35
C TYR B 136 -1.15 -18.59 43.27
N TYR B 137 -1.32 -19.88 42.98
CA TYR B 137 -2.37 -20.31 42.06
C TYR B 137 -3.75 -19.95 42.58
N ASP B 138 -3.93 -19.98 43.90
CA ASP B 138 -5.20 -19.57 44.49
C ASP B 138 -5.30 -18.05 44.59
N GLU B 139 -4.28 -17.41 45.17
CA GLU B 139 -4.36 -15.98 45.46
C GLU B 139 -4.58 -15.15 44.21
N MET B 140 -4.09 -15.62 43.06
CA MET B 140 -4.26 -14.83 41.84
C MET B 140 -5.65 -15.00 41.24
N ARG B 141 -6.21 -16.21 41.33
CA ARG B 141 -7.57 -16.41 40.84
C ARG B 141 -8.58 -15.62 41.68
N HIS B 142 -8.26 -15.38 42.95
CA HIS B 142 -9.15 -14.58 43.79
C HIS B 142 -9.25 -13.14 43.29
N MET B 143 -8.14 -12.59 42.80
CA MET B 143 -8.17 -11.25 42.23
C MET B 143 -8.82 -11.21 40.87
N LEU B 144 -8.83 -12.33 40.15
CA LEU B 144 -9.55 -12.38 38.87
C LEU B 144 -11.04 -12.45 39.12
N ALA B 145 -11.47 -13.18 40.15
CA ALA B 145 -12.89 -13.26 40.49
C ALA B 145 -13.36 -12.00 41.20
N ARG B 146 -12.48 -11.34 41.95
CA ARG B 146 -12.83 -10.09 42.62
C ARG B 146 -12.68 -8.87 41.72
N GLN B 147 -12.37 -9.07 40.44
CA GLN B 147 -12.16 -7.96 39.50
C GLN B 147 -11.12 -6.98 40.02
N MET B 148 -10.13 -7.49 40.75
CA MET B 148 -9.09 -6.65 41.32
C MET B 148 -8.04 -6.26 40.30
N ALA B 149 -7.76 -7.13 39.34
CA ALA B 149 -6.78 -6.86 38.31
C ALA B 149 -7.02 -7.80 37.13
N ALA B 150 -6.40 -7.49 36.00
CA ALA B 150 -6.56 -8.29 34.81
C ALA B 150 -5.40 -8.03 33.85
N PRO B 151 -4.86 -9.06 33.20
CA PRO B 151 -3.84 -8.85 32.18
C PRO B 151 -4.48 -8.35 30.89
N ASN B 152 -3.64 -8.12 29.88
CA ASN B 152 -4.15 -7.69 28.59
C ASN B 152 -5.02 -8.77 27.97
N SER B 153 -5.87 -8.36 27.03
CA SER B 153 -6.87 -9.27 26.47
C SER B 153 -6.29 -10.49 25.77
N PRO B 154 -5.20 -10.40 24.99
CA PRO B 154 -4.63 -11.62 24.41
C PRO B 154 -4.27 -12.67 25.45
N GLN B 155 -4.00 -12.26 26.68
CA GLN B 155 -3.79 -13.23 27.75
C GLN B 155 -5.11 -13.82 28.25
N TRP B 156 -6.20 -13.04 28.19
CA TRP B 156 -7.48 -13.54 28.67
C TRP B 156 -7.98 -14.71 27.85
N PHE B 157 -7.46 -14.89 26.64
CA PHE B 157 -7.85 -16.02 25.81
C PHE B 157 -6.69 -16.97 25.52
N ASN B 158 -5.57 -16.45 25.02
CA ASN B 158 -4.51 -17.29 24.47
C ASN B 158 -3.64 -17.96 25.53
N THR B 159 -3.91 -17.78 26.81
CA THR B 159 -3.07 -18.35 27.87
C THR B 159 -3.77 -19.58 28.46
N GLY B 160 -3.11 -20.73 28.37
CA GLY B 160 -3.56 -21.90 29.09
C GLY B 160 -4.52 -22.81 28.37
N LEU B 161 -4.69 -22.67 27.05
CA LEU B 161 -5.51 -23.62 26.32
C LEU B 161 -4.78 -24.94 26.13
N HIS B 162 -3.46 -24.89 25.94
CA HIS B 162 -2.66 -26.11 25.93
C HIS B 162 -2.40 -26.63 27.35
N TRP B 163 -2.43 -25.74 28.34
CA TRP B 163 -2.20 -26.17 29.71
C TRP B 163 -3.41 -26.90 30.29
N ALA B 164 -4.60 -26.39 30.02
CA ALA B 164 -5.82 -26.92 30.63
C ALA B 164 -6.68 -27.74 29.69
N TYR B 165 -6.49 -27.63 28.37
CA TYR B 165 -7.34 -28.31 27.41
C TYR B 165 -6.60 -29.10 26.34
N GLY B 166 -5.35 -28.76 26.03
CA GLY B 166 -4.61 -29.47 25.01
C GLY B 166 -4.84 -28.99 23.59
N ILE B 167 -5.37 -27.78 23.42
CA ILE B 167 -5.59 -27.23 22.08
C ILE B 167 -4.24 -26.97 21.43
N ASP B 168 -4.09 -27.38 20.17
CA ASP B 168 -2.83 -27.24 19.47
C ASP B 168 -3.07 -27.31 17.97
N GLY B 169 -2.08 -26.84 17.22
CA GLY B 169 -2.10 -26.86 15.78
C GLY B 169 -0.74 -26.51 15.19
N PRO B 170 -0.61 -26.60 13.88
CA PRO B 170 0.67 -26.26 13.25
C PRO B 170 0.93 -24.76 13.31
N SER B 171 2.21 -24.39 13.30
CA SER B 171 2.62 -23.01 13.47
C SER B 171 3.83 -22.71 12.61
N GLN B 172 4.10 -21.42 12.45
CA GLN B 172 5.27 -20.92 11.73
C GLN B 172 5.34 -19.42 11.94
N GLY B 173 6.53 -18.86 11.72
CA GLY B 173 6.73 -17.43 11.87
C GLY B 173 6.94 -17.00 13.31
N HIS B 174 6.39 -17.76 14.25
CA HIS B 174 6.49 -17.46 15.67
C HIS B 174 7.72 -18.16 16.25
N PHE B 175 8.67 -17.37 16.74
CA PHE B 175 9.91 -17.90 17.29
C PHE B 175 10.03 -17.51 18.77
N TYR B 176 10.67 -18.37 19.56
CA TYR B 176 10.81 -18.18 20.99
C TYR B 176 12.23 -18.57 21.42
N VAL B 177 12.48 -18.52 22.73
CA VAL B 177 13.74 -18.97 23.29
C VAL B 177 13.46 -19.87 24.50
N ASP B 178 14.36 -20.83 24.71
CA ASP B 178 14.22 -21.73 25.85
C ASP B 178 14.50 -20.99 27.14
N HIS B 179 13.67 -21.24 28.16
CA HIS B 179 13.81 -20.53 29.42
C HIS B 179 15.04 -20.99 30.19
N ALA B 180 15.50 -22.22 29.97
CA ALA B 180 16.62 -22.80 30.68
C ALA B 180 17.94 -22.64 29.92
N THR B 181 17.94 -22.93 28.62
CA THR B 181 19.19 -22.90 27.86
C THR B 181 19.53 -21.50 27.37
N GLY B 182 18.53 -20.74 26.93
CA GLY B 182 18.76 -19.48 26.29
C GLY B 182 18.93 -19.55 24.79
N LYS B 183 18.59 -20.67 24.17
CA LYS B 183 18.77 -20.86 22.73
C LYS B 183 17.56 -20.31 21.97
N LEU B 184 17.84 -19.72 20.81
CA LEU B 184 16.77 -19.31 19.91
C LEU B 184 16.15 -20.55 19.27
N GLN B 185 14.84 -20.68 19.39
CA GLN B 185 14.12 -21.79 18.78
C GLN B 185 12.93 -21.26 18.01
N LYS B 186 12.45 -22.07 17.08
CA LYS B 186 11.22 -21.78 16.37
C LYS B 186 10.14 -22.76 16.83
N SER B 187 8.90 -22.30 16.82
CA SER B 187 7.82 -23.08 17.41
C SER B 187 7.31 -24.12 16.42
N ASP B 188 6.98 -25.28 16.95
CA ASP B 188 6.20 -26.27 16.25
C ASP B 188 4.72 -26.17 16.58
N SER B 189 4.36 -25.33 17.56
CA SER B 189 2.98 -25.15 17.99
C SER B 189 2.77 -23.68 18.32
N ALA B 190 1.58 -23.17 17.99
CA ALA B 190 1.24 -21.78 18.27
C ALA B 190 0.42 -21.61 19.54
N TYR B 191 0.13 -22.70 20.25
CA TYR B 191 -0.70 -22.66 21.45
C TYR B 191 0.04 -23.08 22.71
N GLU B 192 0.94 -24.06 22.62
CA GLU B 192 1.62 -24.54 23.82
C GLU B 192 2.56 -23.49 24.40
N HIS B 193 3.04 -22.58 23.56
CA HIS B 193 3.76 -21.41 24.03
C HIS B 193 2.86 -20.19 23.82
N PRO B 194 2.15 -19.73 24.85
CA PRO B 194 1.16 -18.66 24.68
C PRO B 194 1.77 -17.37 24.15
N GLN B 195 0.88 -16.48 23.71
CA GLN B 195 1.24 -15.20 23.10
C GLN B 195 0.64 -14.08 23.94
N PRO B 196 1.33 -13.64 24.99
CA PRO B 196 0.76 -12.66 25.93
C PRO B 196 0.94 -11.20 25.55
N HIS B 197 1.61 -10.91 24.44
CA HIS B 197 1.98 -9.54 24.10
C HIS B 197 1.01 -8.95 23.08
N ALA B 198 0.62 -7.69 23.33
CA ALA B 198 -0.23 -6.95 22.40
C ALA B 198 0.42 -5.67 21.88
N CYS B 199 1.47 -5.17 22.51
CA CYS B 199 2.19 -4.00 22.04
C CYS B 199 3.52 -4.44 21.43
N PHE B 200 3.94 -3.71 20.40
CA PHE B 200 5.22 -3.95 19.78
C PHE B 200 5.76 -2.62 19.27
N ILE B 201 7.05 -2.38 19.51
CA ILE B 201 7.72 -1.22 18.92
C ILE B 201 8.71 -1.73 17.88
N GLN B 202 8.26 -1.85 16.63
CA GLN B 202 9.11 -2.39 15.58
C GLN B 202 10.03 -1.31 15.02
N SER B 203 11.12 -1.75 14.40
CA SER B 203 12.09 -0.88 13.78
C SER B 203 11.96 -0.94 12.26
N VAL B 204 12.58 0.03 11.59
CA VAL B 204 12.61 0.06 10.13
C VAL B 204 13.86 0.79 9.68
N GLN B 205 14.49 0.29 8.62
CA GLN B 205 15.71 0.88 8.09
C GLN B 205 15.43 1.52 6.74
N ASP B 206 16.36 2.38 6.31
CA ASP B 206 16.25 3.05 5.03
C ASP B 206 16.51 2.06 3.90
N ASP B 207 15.56 1.16 3.68
CA ASP B 207 15.72 0.05 2.75
C ASP B 207 14.34 -0.47 2.37
N LEU B 208 14.21 -0.92 1.12
CA LEU B 208 12.92 -1.34 0.57
C LEU B 208 12.69 -2.84 0.75
N VAL B 209 13.54 -3.67 0.14
CA VAL B 209 13.23 -5.08 -0.09
C VAL B 209 13.89 -6.03 0.91
N ASN B 210 14.94 -5.58 1.61
CA ASN B 210 15.61 -6.49 2.52
C ASN B 210 14.89 -6.53 3.87
N GLU B 211 15.30 -7.48 4.71
CA GLU B 211 14.70 -7.63 6.03
C GLU B 211 14.92 -6.38 6.86
N GLY B 212 13.94 -6.07 7.70
CA GLY B 212 13.96 -4.84 8.48
C GLY B 212 13.72 -3.59 7.67
N GLY B 213 13.31 -3.72 6.41
CA GLY B 213 13.09 -2.59 5.54
C GLY B 213 11.64 -2.15 5.50
N ILE B 214 11.32 -1.36 4.47
CA ILE B 214 9.99 -0.77 4.36
C ILE B 214 8.95 -1.85 4.04
N MET B 215 9.14 -2.55 2.91
CA MET B 215 8.19 -3.59 2.52
C MET B 215 8.21 -4.77 3.47
N ASP B 216 9.36 -5.05 4.11
CA ASP B 216 9.39 -6.08 5.13
C ASP B 216 8.56 -5.68 6.35
N LEU B 217 8.56 -4.40 6.70
CA LEU B 217 7.79 -3.95 7.86
C LEU B 217 6.30 -4.24 7.67
N TRP B 218 5.78 -4.08 6.45
CA TRP B 218 4.37 -4.38 6.22
C TRP B 218 4.08 -5.86 6.43
N VAL B 219 5.05 -6.73 6.13
CA VAL B 219 4.87 -8.15 6.40
C VAL B 219 4.92 -8.40 7.90
N ARG B 220 5.79 -7.68 8.60
CA ARG B 220 5.87 -7.82 10.05
C ARG B 220 4.63 -7.26 10.74
N GLU B 221 4.13 -6.11 10.28
CA GLU B 221 2.96 -5.52 10.90
C GLU B 221 1.69 -6.32 10.61
N ALA B 222 1.62 -6.96 9.45
CA ALA B 222 0.38 -7.64 9.07
C ALA B 222 0.19 -8.93 9.84
N ARG B 223 1.26 -9.62 10.22
CA ARG B 223 1.11 -10.77 11.10
C ARG B 223 0.79 -10.32 12.52
N LEU B 224 1.21 -9.11 12.91
CA LEU B 224 0.78 -8.53 14.17
C LEU B 224 -0.70 -8.20 14.12
N PHE B 225 -1.14 -7.48 13.07
CA PHE B 225 -2.55 -7.14 12.92
C PHE B 225 -3.43 -8.38 12.81
N LYS B 226 -2.91 -9.45 12.19
CA LYS B 226 -3.70 -10.67 12.04
C LYS B 226 -4.02 -11.28 13.40
N TYR B 227 -3.07 -11.25 14.32
CA TYR B 227 -3.28 -11.79 15.65
C TYR B 227 -4.07 -10.85 16.55
N GLY B 228 -4.04 -9.55 16.28
CA GLY B 228 -4.74 -8.57 17.08
C GLY B 228 -3.86 -7.58 17.82
N SER B 229 -2.54 -7.69 17.67
CA SER B 229 -1.64 -6.79 18.38
C SER B 229 -1.46 -5.49 17.60
N GLY B 230 -1.00 -4.47 18.32
CA GLY B 230 -0.68 -3.19 17.73
C GLY B 230 0.82 -2.99 17.61
N THR B 231 1.21 -2.03 16.78
CA THR B 231 2.60 -1.75 16.52
C THR B 231 2.82 -0.25 16.36
N GLY B 232 4.01 0.19 16.74
CA GLY B 232 4.42 1.57 16.51
C GLY B 232 5.85 1.61 16.03
N THR B 233 6.13 2.60 15.17
CA THR B 233 7.43 2.67 14.53
C THR B 233 7.83 4.14 14.33
N ASN B 234 9.12 4.42 14.49
CA ASN B 234 9.71 5.71 14.16
C ASN B 234 10.28 5.61 12.75
N PHE B 235 9.69 6.35 11.81
CA PHE B 235 9.99 6.22 10.41
C PHE B 235 11.04 7.22 9.93
N SER B 236 11.64 7.99 10.84
CA SER B 236 12.58 9.03 10.41
C SER B 236 13.88 8.47 9.87
N SER B 237 14.11 7.15 9.97
CA SER B 237 15.25 6.55 9.30
C SER B 237 15.12 6.65 7.79
N LEU B 238 13.88 6.75 7.31
CA LEU B 238 13.63 6.84 5.88
C LEU B 238 14.07 8.21 5.34
N ARG B 239 14.82 8.19 4.25
CA ARG B 239 15.31 9.43 3.67
C ARG B 239 14.16 10.20 3.01
N GLY B 240 14.27 11.53 3.02
CA GLY B 240 13.21 12.37 2.56
C GLY B 240 13.03 12.34 1.05
N GLU B 241 11.99 13.02 0.59
CA GLU B 241 11.74 13.12 -0.84
C GLU B 241 12.80 13.98 -1.50
N GLY B 242 13.44 13.44 -2.54
CA GLY B 242 14.53 14.12 -3.20
C GLY B 242 15.91 13.63 -2.80
N GLU B 243 16.03 12.81 -1.76
CA GLU B 243 17.32 12.25 -1.41
C GLU B 243 17.72 11.23 -2.46
N LYS B 244 18.98 11.31 -2.90
CA LYS B 244 19.43 10.57 -4.07
C LYS B 244 19.58 9.09 -3.75
N LEU B 245 19.55 8.28 -4.81
CA LEU B 245 19.82 6.86 -4.73
C LEU B 245 21.21 6.58 -5.28
N SER B 246 21.91 5.64 -4.66
CA SER B 246 23.33 5.44 -4.95
C SER B 246 23.58 5.19 -6.43
N GLY B 247 22.78 4.32 -7.05
CA GLY B 247 22.98 4.00 -8.45
C GLY B 247 21.81 4.38 -9.33
N GLY B 248 20.90 5.19 -8.79
CA GLY B 248 19.70 5.54 -9.52
C GLY B 248 19.33 7.00 -9.41
N GLY B 249 18.06 7.29 -9.17
CA GLY B 249 17.59 8.65 -9.07
C GLY B 249 17.32 9.13 -7.66
N LYS B 250 16.12 9.68 -7.44
CA LYS B 250 15.73 10.21 -6.15
C LYS B 250 14.73 9.27 -5.47
N SER B 251 14.53 9.51 -4.18
CA SER B 251 13.53 8.78 -3.42
C SER B 251 12.17 9.45 -3.55
N SER B 252 11.11 8.65 -3.39
CA SER B 252 9.76 9.21 -3.42
C SER B 252 9.43 9.99 -2.17
N GLY B 253 10.03 9.63 -1.04
CA GLY B 253 9.82 10.35 0.21
C GLY B 253 9.19 9.48 1.27
N LEU B 254 9.16 10.05 2.48
CA LEU B 254 8.62 9.33 3.63
C LEU B 254 7.12 9.08 3.47
N MET B 255 6.38 10.09 3.02
CA MET B 255 4.91 9.97 2.98
C MET B 255 4.46 8.91 1.99
N GLY B 256 5.19 8.72 0.89
CA GLY B 256 4.78 7.73 -0.09
C GLY B 256 4.77 6.32 0.45
N PHE B 257 5.74 6.00 1.31
CA PHE B 257 5.78 4.68 1.92
C PHE B 257 4.87 4.59 3.13
N LEU B 258 4.62 5.71 3.81
CA LEU B 258 3.66 5.70 4.91
C LEU B 258 2.27 5.37 4.43
N LYS B 259 1.94 5.75 3.20
CA LYS B 259 0.62 5.45 2.64
C LYS B 259 0.48 4.00 2.22
N ILE B 260 1.59 3.30 1.94
CA ILE B 260 1.52 1.87 1.72
C ILE B 260 1.11 1.15 2.99
N GLY B 261 1.77 1.49 4.10
CA GLY B 261 1.44 0.86 5.37
C GLY B 261 0.06 1.27 5.87
N ASP B 262 -0.32 2.52 5.64
CA ASP B 262 -1.66 2.97 6.04
C ASP B 262 -2.74 2.23 5.27
N ARG B 263 -2.51 1.99 3.98
CA ARG B 263 -3.48 1.23 3.19
C ARG B 263 -3.52 -0.23 3.62
N ALA B 264 -2.39 -0.78 4.05
CA ALA B 264 -2.37 -2.18 4.49
C ALA B 264 -3.07 -2.34 5.83
N ALA B 265 -2.93 -1.37 6.72
CA ALA B 265 -3.60 -1.43 8.01
C ALA B 265 -5.11 -1.34 7.87
N GLY B 266 -5.59 -0.62 6.86
CA GLY B 266 -7.03 -0.50 6.64
C GLY B 266 -7.68 -1.74 6.08
N ALA B 267 -6.90 -2.62 5.46
CA ALA B 267 -7.46 -3.83 4.85
C ALA B 267 -7.33 -5.06 5.73
N ILE B 268 -6.51 -5.01 6.77
CA ILE B 268 -6.27 -6.17 7.63
C ILE B 268 -6.95 -5.89 8.96
N LYS B 269 -7.97 -6.69 9.29
CA LYS B 269 -8.68 -6.52 10.53
C LYS B 269 -7.93 -7.20 11.67
N SER B 270 -8.26 -6.80 12.90
CA SER B 270 -7.60 -7.32 14.10
C SER B 270 -8.20 -8.69 14.41
N GLY B 271 -7.80 -9.69 13.63
CA GLY B 271 -8.30 -11.03 13.80
C GLY B 271 -9.59 -11.34 13.07
N GLY B 272 -10.08 -10.42 12.23
CA GLY B 272 -11.28 -10.63 11.46
C GLY B 272 -12.51 -9.91 11.97
N THR B 273 -12.48 -9.43 13.22
CA THR B 273 -13.63 -8.77 13.82
C THR B 273 -13.66 -7.29 13.43
N THR B 274 -14.67 -6.58 13.92
CA THR B 274 -14.88 -5.18 13.57
C THR B 274 -13.70 -4.29 13.93
N ARG B 275 -12.82 -4.73 14.82
CA ARG B 275 -11.77 -3.85 15.34
C ARG B 275 -10.83 -3.40 14.23
N ARG B 276 -10.48 -2.12 14.26
CA ARG B 276 -9.48 -1.58 13.36
C ARG B 276 -8.09 -2.10 13.72
N ALA B 277 -7.12 -1.77 12.87
CA ALA B 277 -5.72 -2.08 13.14
C ALA B 277 -5.11 -0.94 13.94
N ALA B 278 -4.47 -1.28 15.06
CA ALA B 278 -3.81 -0.30 15.91
C ALA B 278 -2.38 -0.11 15.42
N LYS B 279 -2.05 1.11 14.99
CA LYS B 279 -0.75 1.38 14.38
C LYS B 279 -0.35 2.82 14.69
N MET B 280 0.90 2.99 15.13
CA MET B 280 1.45 4.30 15.46
C MET B 280 2.58 4.66 14.49
N VAL B 281 2.58 5.91 14.05
CA VAL B 281 3.54 6.41 13.04
C VAL B 281 4.16 7.69 13.59
N ILE B 282 5.41 7.60 14.03
CA ILE B 282 6.11 8.76 14.59
C ILE B 282 7.16 9.23 13.61
N CYS B 283 7.46 10.52 13.65
CA CYS B 283 8.49 11.11 12.81
C CYS B 283 9.21 12.20 13.57
N ASP B 284 10.54 12.24 13.43
CA ASP B 284 11.35 13.21 14.15
C ASP B 284 11.11 14.62 13.61
N MET B 285 11.37 15.62 14.46
CA MET B 285 11.11 17.00 14.10
C MET B 285 12.11 17.55 13.09
N ASP B 286 13.28 16.92 12.97
CA ASP B 286 14.34 17.37 12.07
C ASP B 286 14.28 16.69 10.71
N HIS B 287 13.15 16.07 10.36
CA HIS B 287 13.04 15.39 9.08
C HIS B 287 12.72 16.39 7.98
N PRO B 288 13.29 16.21 6.78
CA PRO B 288 12.94 17.12 5.67
C PRO B 288 11.47 17.13 5.32
N ASP B 289 10.81 15.97 5.39
CA ASP B 289 9.39 15.84 5.06
C ASP B 289 8.49 16.02 6.28
N ILE B 290 8.92 16.81 7.26
CA ILE B 290 8.15 16.96 8.49
C ILE B 290 6.87 17.75 8.23
N GLU B 291 6.91 18.71 7.31
CA GLU B 291 5.70 19.50 7.03
C GLU B 291 4.66 18.68 6.30
N GLN B 292 5.08 17.78 5.41
CA GLN B 292 4.15 16.85 4.79
C GLN B 292 3.56 15.91 5.84
N PHE B 293 4.39 15.51 6.82
CA PHE B 293 3.92 14.61 7.87
C PHE B 293 2.94 15.31 8.80
N ILE B 294 3.23 16.56 9.17
CA ILE B 294 2.38 17.29 10.09
C ILE B 294 1.00 17.52 9.48
N ASN B 295 0.96 17.93 8.21
CA ASN B 295 -0.28 18.27 7.53
C ASN B 295 -0.87 17.10 6.77
N TRP B 296 -0.47 15.86 7.10
CA TRP B 296 -1.01 14.69 6.41
C TRP B 296 -2.52 14.60 6.60
N LYS B 297 -2.99 14.51 7.84
CA LYS B 297 -4.41 14.36 8.09
C LYS B 297 -5.18 15.61 7.68
N VAL B 298 -4.53 16.77 7.68
CA VAL B 298 -5.23 18.01 7.33
C VAL B 298 -5.65 17.99 5.87
N ILE B 299 -4.71 17.71 4.97
CA ILE B 299 -5.03 17.77 3.55
C ILE B 299 -5.86 16.57 3.13
N GLU B 300 -5.66 15.40 3.76
CA GLU B 300 -6.52 14.26 3.47
C GLU B 300 -7.95 14.52 3.94
N GLU B 301 -8.12 15.25 5.04
CA GLU B 301 -9.45 15.66 5.48
C GLU B 301 -10.07 16.63 4.49
N GLN B 302 -9.27 17.49 3.86
CA GLN B 302 -9.80 18.38 2.84
C GLN B 302 -10.18 17.62 1.57
N LYS B 303 -9.45 16.56 1.25
CA LYS B 303 -9.82 15.72 0.11
C LYS B 303 -11.16 15.04 0.35
N VAL B 304 -11.41 14.62 1.60
CA VAL B 304 -12.73 14.08 1.95
C VAL B 304 -13.79 15.14 1.74
N ALA B 305 -13.51 16.38 2.15
CA ALA B 305 -14.48 17.45 1.98
C ALA B 305 -14.74 17.75 0.50
N SER B 306 -13.68 17.79 -0.31
CA SER B 306 -13.87 18.05 -1.73
C SER B 306 -14.53 16.88 -2.44
N LEU B 307 -14.30 15.65 -1.97
CA LEU B 307 -14.93 14.49 -2.59
C LEU B 307 -16.45 14.57 -2.47
N VAL B 308 -16.95 14.99 -1.30
CA VAL B 308 -18.40 15.06 -1.13
C VAL B 308 -18.97 16.27 -1.86
N ALA B 309 -18.25 17.40 -1.86
CA ALA B 309 -18.77 18.57 -2.53
C ALA B 309 -18.76 18.39 -4.05
N GLY B 310 -17.68 17.83 -4.59
CA GLY B 310 -17.59 17.65 -6.02
C GLY B 310 -18.53 16.57 -6.54
N SER B 311 -18.70 15.49 -5.77
CA SER B 311 -19.55 14.40 -6.22
C SER B 311 -21.01 14.84 -6.29
N LYS B 312 -21.49 15.53 -5.26
CA LYS B 312 -22.86 16.04 -5.27
C LYS B 312 -23.04 17.08 -6.38
N GLN B 313 -22.06 17.98 -6.53
CA GLN B 313 -22.12 18.95 -7.63
C GLN B 313 -22.07 18.24 -8.98
N HIS B 314 -21.36 17.12 -9.07
CA HIS B 314 -21.35 16.35 -10.30
C HIS B 314 -22.71 15.72 -10.56
N GLU B 315 -23.28 15.07 -9.53
CA GLU B 315 -24.57 14.41 -9.69
C GLU B 315 -25.65 15.41 -10.09
N ALA B 316 -25.60 16.63 -9.55
CA ALA B 316 -26.62 17.62 -9.84
C ALA B 316 -26.47 18.19 -11.25
N LYS B 317 -25.27 18.66 -11.58
CA LYS B 317 -25.06 19.32 -12.86
C LYS B 317 -25.19 18.33 -14.02
N LEU B 318 -24.67 17.12 -13.86
CA LEU B 318 -24.75 16.13 -14.93
C LEU B 318 -26.17 15.69 -15.20
N ASN B 319 -27.06 15.78 -14.21
CA ASN B 319 -28.47 15.51 -14.47
C ASN B 319 -29.18 16.71 -15.07
N ASP B 320 -28.74 17.94 -14.75
CA ASP B 320 -29.24 19.12 -15.43
C ASP B 320 -28.83 19.17 -16.89
N ILE B 321 -27.74 18.48 -17.25
CA ILE B 321 -27.38 18.36 -18.65
C ILE B 321 -28.22 17.29 -19.32
N PHE B 322 -28.51 16.20 -18.61
CA PHE B 322 -29.57 15.32 -19.02
C PHE B 322 -30.89 16.04 -19.13
N ALA B 323 -31.06 17.18 -18.45
CA ALA B 323 -32.33 17.88 -18.50
C ALA B 323 -32.59 18.46 -19.88
N ALA B 324 -31.60 19.11 -20.46
CA ALA B 324 -31.83 19.88 -21.68
C ALA B 324 -32.04 18.98 -22.89
N ILE B 325 -31.48 17.78 -22.88
CA ILE B 325 -31.61 16.91 -24.06
C ILE B 325 -32.98 16.24 -24.08
N ARG B 326 -33.59 16.00 -22.92
CA ARG B 326 -34.93 15.42 -22.88
C ARG B 326 -36.03 16.46 -22.78
N SER B 327 -35.71 17.67 -22.28
CA SER B 327 -36.66 18.78 -22.41
C SER B 327 -36.92 19.11 -23.86
N PHE B 328 -35.98 18.74 -24.75
CA PHE B 328 -36.17 18.95 -26.17
C PHE B 328 -37.26 18.02 -26.69
N ASP B 329 -38.25 18.62 -27.35
CA ASP B 329 -39.36 17.91 -27.97
C ASP B 329 -39.18 17.77 -29.47
N GLY B 330 -39.03 18.87 -30.19
CA GLY B 330 -39.08 18.83 -31.64
C GLY B 330 -37.82 18.43 -32.37
N ILE B 332 -35.99 13.56 -32.42
CA ILE B 332 -35.11 14.45 -33.12
C ILE B 332 -33.63 14.13 -32.87
N GLU B 333 -33.29 13.94 -31.60
CA GLU B 333 -31.95 14.14 -31.04
C GLU B 333 -31.03 14.94 -31.96
N GLY B 334 -31.37 16.20 -32.15
CA GLY B 334 -30.40 17.25 -32.35
C GLY B 334 -30.00 17.85 -31.04
N ALA B 335 -30.43 17.21 -29.95
CA ALA B 335 -30.22 17.71 -28.60
C ALA B 335 -28.77 17.64 -28.19
N THR B 336 -28.04 16.62 -28.65
CA THR B 336 -26.63 16.50 -28.30
C THR B 336 -25.84 17.73 -28.72
N ASP B 337 -26.20 18.37 -29.82
CA ASP B 337 -25.44 19.50 -30.31
C ASP B 337 -25.66 20.69 -29.38
N PRO B 338 -24.59 21.32 -28.89
CA PRO B 338 -24.69 22.62 -28.20
C PRO B 338 -24.87 23.79 -29.16
N ALA B 339 -25.75 23.64 -30.14
CA ALA B 339 -26.17 24.74 -31.00
C ALA B 339 -27.67 24.98 -30.92
N GLY B 340 -28.48 23.94 -31.09
CA GLY B 340 -29.92 24.10 -31.09
C GLY B 340 -30.66 23.18 -30.16
N ASN B 341 -30.67 23.51 -28.86
CA ASN B 341 -31.45 22.78 -27.87
C ASN B 341 -32.01 23.77 -26.87
N ALA B 342 -33.05 23.33 -26.15
CA ALA B 342 -33.78 24.21 -25.24
C ALA B 342 -32.86 24.88 -24.24
N GLY B 343 -31.94 24.11 -23.64
CA GLY B 343 -31.04 24.68 -22.67
C GLY B 343 -29.73 23.92 -22.50
N LEU B 344 -29.31 23.18 -23.52
CA LEU B 344 -28.06 22.45 -23.41
C LEU B 344 -26.87 23.39 -23.42
N LYS B 345 -26.94 24.44 -24.25
CA LYS B 345 -25.93 25.49 -24.16
C LYS B 345 -25.92 26.13 -22.77
N THR B 346 -27.09 26.18 -22.12
CA THR B 346 -27.15 26.66 -20.74
C THR B 346 -26.63 25.61 -19.77
N ALA B 347 -26.82 24.32 -20.08
CA ALA B 347 -26.40 23.26 -19.16
C ALA B 347 -24.90 22.97 -19.25
N ILE B 348 -24.33 23.01 -20.46
CA ILE B 348 -22.89 22.83 -20.59
C ILE B 348 -22.15 23.95 -19.89
N ARG B 349 -22.67 25.18 -19.98
CA ARG B 349 -22.12 26.30 -19.23
C ARG B 349 -22.65 26.34 -17.81
N ALA B 350 -23.61 25.47 -17.49
CA ALA B 350 -23.97 25.22 -16.10
C ALA B 350 -23.13 24.14 -15.44
N ALA B 351 -22.49 23.26 -16.23
CA ALA B 351 -21.59 22.25 -15.64
C ALA B 351 -20.15 22.76 -15.61
N LYS B 352 -19.68 23.45 -16.64
CA LYS B 352 -18.80 24.58 -16.35
C LYS B 352 -19.61 25.57 -15.50
N LYS B 353 -19.09 26.76 -15.15
CA LYS B 353 -19.69 27.52 -14.05
C LYS B 353 -19.38 26.88 -12.70
N ALA B 354 -19.50 25.56 -12.61
CA ALA B 354 -19.28 24.84 -11.36
C ALA B 354 -18.08 23.91 -11.44
N MET B 355 -17.17 24.13 -12.38
CA MET B 355 -15.90 23.44 -12.47
C MET B 355 -16.04 21.94 -12.78
N ILE B 356 -17.18 21.52 -13.30
CA ILE B 356 -17.29 20.12 -13.75
C ILE B 356 -16.33 19.92 -14.92
N PRO B 357 -15.45 18.92 -14.87
CA PRO B 357 -14.52 18.71 -15.98
C PRO B 357 -15.25 18.50 -17.30
N GLU B 358 -14.66 19.03 -18.38
CA GLU B 358 -15.24 18.89 -19.70
C GLU B 358 -15.35 17.44 -20.14
N THR B 359 -14.53 16.55 -19.59
CA THR B 359 -14.56 15.15 -19.99
C THR B 359 -15.90 14.50 -19.63
N TYR B 360 -16.41 14.76 -18.43
CA TYR B 360 -17.65 14.13 -17.99
C TYR B 360 -18.89 14.80 -18.57
N ILE B 361 -18.77 16.02 -19.10
CA ILE B 361 -19.89 16.66 -19.78
C ILE B 361 -20.10 16.05 -21.16
N ASN B 362 -19.02 15.93 -21.93
CA ASN B 362 -19.11 15.20 -23.19
C ASN B 362 -19.46 13.75 -22.96
N ARG B 363 -19.00 13.18 -21.84
CA ARG B 363 -19.33 11.80 -21.50
C ARG B 363 -20.83 11.62 -21.34
N VAL B 364 -21.50 12.59 -20.71
CA VAL B 364 -22.94 12.45 -20.44
C VAL B 364 -23.74 12.47 -21.74
N LEU B 365 -23.41 13.40 -22.64
CA LEU B 365 -24.08 13.42 -23.93
C LEU B 365 -23.56 12.33 -24.85
N GLN B 366 -22.40 11.74 -24.55
CA GLN B 366 -21.99 10.53 -25.23
C GLN B 366 -22.89 9.36 -24.86
N TYR B 367 -23.32 9.31 -23.58
CA TYR B 367 -24.32 8.33 -23.18
C TYR B 367 -25.64 8.57 -23.87
N ALA B 368 -26.04 9.84 -24.03
CA ALA B 368 -27.32 10.17 -24.64
C ALA B 368 -27.38 9.71 -26.09
N ARG B 369 -26.27 9.82 -26.82
CA ARG B 369 -26.23 9.36 -28.19
C ARG B 369 -26.41 7.85 -28.30
N GLN B 370 -26.18 7.11 -27.23
CA GLN B 370 -26.42 5.68 -27.19
C GLN B 370 -27.79 5.33 -26.64
N GLY B 371 -28.63 6.33 -26.38
CA GLY B 371 -29.96 6.11 -25.84
C GLY B 371 -29.95 5.66 -24.40
N PHE B 372 -29.20 6.35 -23.55
CA PHE B 372 -29.04 5.94 -22.16
C PHE B 372 -29.81 6.86 -21.23
N SER B 373 -30.33 6.26 -20.17
CA SER B 373 -31.35 6.88 -19.33
C SER B 373 -30.77 7.67 -18.16
N SER B 374 -29.53 7.41 -17.78
CA SER B 374 -29.08 7.78 -16.45
C SER B 374 -27.59 8.07 -16.46
N ILE B 375 -27.07 8.35 -15.28
CA ILE B 375 -25.63 8.32 -15.00
C ILE B 375 -25.46 7.82 -13.57
N GLU B 376 -24.62 6.82 -13.39
CA GLU B 376 -24.36 6.27 -12.05
C GLU B 376 -23.12 6.96 -11.49
N PHE B 377 -23.34 8.15 -10.94
CA PHE B 377 -22.30 8.95 -10.29
C PHE B 377 -22.54 8.92 -8.79
N PRO B 378 -21.91 8.00 -8.05
CA PRO B 378 -22.14 7.95 -6.61
C PRO B 378 -21.61 9.20 -5.91
N THR B 379 -22.34 9.65 -4.90
CA THR B 379 -21.94 10.74 -4.05
C THR B 379 -21.44 10.20 -2.71
N TYR B 380 -20.65 11.01 -2.02
CA TYR B 380 -20.04 10.61 -0.77
C TYR B 380 -20.46 11.56 0.34
N ASP B 381 -20.31 11.09 1.58
CA ASP B 381 -20.68 11.83 2.77
C ASP B 381 -19.48 11.91 3.71
N THR B 382 -19.75 12.33 4.95
CA THR B 382 -18.70 12.46 5.96
C THR B 382 -18.75 11.36 7.02
N ASP B 383 -19.57 10.33 6.81
CA ASP B 383 -19.52 9.15 7.68
C ASP B 383 -18.11 8.58 7.66
N TRP B 384 -17.66 8.06 8.81
CA TRP B 384 -16.27 7.64 8.90
C TRP B 384 -15.99 6.34 8.14
N ASP B 385 -16.96 5.44 8.09
CA ASP B 385 -16.82 4.23 7.29
C ASP B 385 -17.22 4.44 5.83
N SER B 386 -17.29 5.69 5.39
CA SER B 386 -17.68 6.02 4.02
C SER B 386 -16.63 5.54 3.03
N GLU B 387 -16.90 5.79 1.75
CA GLU B 387 -15.92 5.52 0.72
C GLU B 387 -14.89 6.62 0.63
N ALA B 388 -15.26 7.85 1.01
CA ALA B 388 -14.33 8.98 0.93
C ALA B 388 -13.16 8.78 1.87
N TYR B 389 -13.42 8.39 3.13
CA TYR B 389 -12.34 8.17 4.08
C TYR B 389 -11.49 6.97 3.69
N THR B 390 -12.13 5.93 3.15
CA THR B 390 -11.37 4.80 2.61
C THR B 390 -10.53 5.20 1.41
N THR B 391 -10.92 6.27 0.70
CA THR B 391 -10.13 6.73 -0.44
C THR B 391 -8.87 7.44 0.02
N VAL B 392 -8.98 8.36 0.96
CA VAL B 392 -7.85 9.13 1.44
C VAL B 392 -6.98 8.26 2.35
N SER B 393 -5.82 8.76 2.73
CA SER B 393 -4.86 8.05 3.57
C SER B 393 -4.75 8.71 4.94
N GLY B 394 -4.14 7.98 5.87
CA GLY B 394 -3.88 8.45 7.20
C GLY B 394 -4.85 7.96 8.24
N GLN B 395 -6.06 7.57 7.84
CA GLN B 395 -7.13 7.23 8.76
C GLN B 395 -6.97 5.85 9.39
N ASN B 396 -5.80 5.23 9.27
CA ASN B 396 -5.52 3.94 9.91
C ASN B 396 -4.30 4.01 10.83
N SER B 397 -3.78 5.20 11.09
CA SER B 397 -2.55 5.36 11.86
C SER B 397 -2.75 6.44 12.92
N ASN B 398 -2.15 6.21 14.08
CA ASN B 398 -1.95 7.26 15.07
C ASN B 398 -0.58 7.88 14.80
N ASN B 399 -0.56 9.19 14.55
CA ASN B 399 0.66 9.86 14.13
C ASN B 399 1.08 10.86 15.20
N SER B 400 2.25 10.63 15.79
CA SER B 400 2.84 11.54 16.76
C SER B 400 4.12 12.13 16.18
N VAL B 401 4.68 13.09 16.91
CA VAL B 401 5.87 13.83 16.48
C VAL B 401 6.89 13.80 17.60
N ARG B 402 8.11 13.33 17.29
CA ARG B 402 9.19 13.35 18.26
C ARG B 402 9.85 14.72 18.26
N VAL B 403 9.85 15.39 19.40
CA VAL B 403 10.43 16.73 19.52
C VAL B 403 11.49 16.68 20.61
N THR B 404 12.67 17.25 20.31
CA THR B 404 13.73 17.35 21.29
C THR B 404 13.60 18.66 22.07
N ASP B 405 14.20 18.69 23.24
CA ASP B 405 14.22 19.92 24.02
C ASP B 405 15.01 21.01 23.32
N ALA B 406 15.89 20.67 22.40
CA ALA B 406 16.57 21.69 21.62
C ALA B 406 15.61 22.41 20.68
N PHE B 407 14.70 21.66 20.04
CA PHE B 407 13.67 22.34 19.25
C PHE B 407 12.81 23.22 20.14
N LEU B 408 12.38 22.70 21.28
CA LEU B 408 11.72 23.57 22.25
C LEU B 408 12.72 24.21 23.20
N GLN B 409 13.88 24.61 22.67
CA GLN B 409 14.62 25.75 23.18
C GLN B 409 14.76 26.84 22.14
N ALA B 410 14.66 26.50 20.86
CA ALA B 410 14.30 27.47 19.84
C ALA B 410 12.84 27.92 19.95
N VAL B 411 12.09 27.45 20.96
CA VAL B 411 10.76 28.01 21.25
C VAL B 411 10.88 29.50 21.56
N LYS B 412 11.84 29.84 22.41
CA LYS B 412 11.91 31.19 22.96
C LYS B 412 12.79 32.08 22.10
N ASP B 413 13.96 31.60 21.70
CA ASP B 413 14.92 32.41 20.98
C ASP B 413 14.47 32.78 19.56
N ASP B 414 13.33 32.27 19.11
CA ASP B 414 12.88 32.49 17.73
C ASP B 414 13.97 32.10 16.74
N ALA B 415 14.67 31.02 17.04
CA ALA B 415 15.84 30.62 16.28
C ALA B 415 15.42 29.94 14.98
N ASP B 416 16.42 29.50 14.22
CA ASP B 416 16.22 28.79 12.97
C ASP B 416 16.40 27.30 13.20
N TRP B 417 15.60 26.50 12.50
CA TRP B 417 15.58 25.05 12.66
C TRP B 417 16.15 24.39 11.40
N ALA B 418 16.96 23.36 11.61
CA ALA B 418 17.62 22.65 10.52
C ALA B 418 16.96 21.28 10.34
N LEU B 419 16.36 21.08 9.18
CA LEU B 419 15.82 19.77 8.79
C LEU B 419 16.90 19.06 7.98
N VAL B 420 17.53 18.08 8.59
CA VAL B 420 18.79 17.52 8.10
C VAL B 420 18.51 16.25 7.31
N ARG B 421 19.25 16.06 6.22
CA ARG B 421 19.06 14.91 5.34
C ARG B 421 19.46 13.62 6.04
N ARG B 422 18.81 12.53 5.64
CA ARG B 422 19.05 11.23 6.25
C ARG B 422 20.24 10.51 5.64
N THR B 423 20.40 10.59 4.33
CA THR B 423 21.52 9.91 3.66
C THR B 423 22.86 10.48 4.12
N ASP B 424 23.05 11.78 3.92
CA ASP B 424 24.34 12.41 4.15
C ASP B 424 24.26 13.48 5.24
N GLY B 425 23.43 13.28 6.25
CA GLY B 425 23.37 14.14 7.43
C GLY B 425 23.65 15.61 7.21
N LYS B 426 23.13 16.16 6.12
CA LYS B 426 23.38 17.55 5.74
C LYS B 426 22.08 18.33 5.75
N VAL B 427 22.19 19.64 5.95
CA VAL B 427 21.00 20.49 6.02
C VAL B 427 20.33 20.55 4.66
N ALA B 428 19.04 20.24 4.63
CA ALA B 428 18.26 20.26 3.39
C ALA B 428 17.43 21.51 3.23
N LYS B 429 16.99 22.11 4.34
CA LYS B 429 16.14 23.28 4.30
C LYS B 429 16.06 23.87 5.70
N THR B 430 16.15 25.20 5.78
CA THR B 430 16.05 25.91 7.05
C THR B 430 14.67 26.53 7.19
N ILE B 431 14.22 26.64 8.44
CA ILE B 431 12.86 27.10 8.73
C ILE B 431 12.85 27.68 10.13
N LYS B 432 12.05 28.72 10.33
CA LYS B 432 11.82 29.24 11.67
C LYS B 432 11.15 28.18 12.53
N ALA B 433 11.66 27.98 13.74
CA ALA B 433 11.15 26.92 14.60
C ALA B 433 9.70 27.18 15.01
N ARG B 434 9.38 28.44 15.36
CA ARG B 434 8.00 28.76 15.73
C ARG B 434 7.07 28.62 14.53
N GLU B 435 7.55 28.90 13.33
CA GLU B 435 6.74 28.68 12.13
C GLU B 435 6.43 27.20 11.96
N LEU B 436 7.42 26.32 12.19
CA LEU B 436 7.14 24.90 12.22
C LEU B 436 6.27 24.53 13.41
N TRP B 437 6.51 25.16 14.55
CA TRP B 437 5.65 24.98 15.71
C TRP B 437 4.24 25.50 15.46
N ASP B 438 4.11 26.50 14.59
CA ASP B 438 2.79 27.00 14.23
C ASP B 438 2.01 25.96 13.45
N GLN B 439 2.69 25.24 12.55
CA GLN B 439 2.01 24.19 11.79
C GLN B 439 1.55 23.05 12.68
N VAL B 440 2.30 22.74 13.74
CA VAL B 440 1.91 21.66 14.64
C VAL B 440 0.64 22.03 15.40
N GLY B 441 0.55 23.29 15.85
CA GLY B 441 -0.64 23.72 16.55
C GLY B 441 -1.87 23.76 15.67
N HIS B 442 -1.72 24.21 14.43
CA HIS B 442 -2.85 24.27 13.51
C HIS B 442 -3.35 22.87 13.16
N ALA B 443 -2.44 21.93 12.90
CA ALA B 443 -2.84 20.59 12.49
C ALA B 443 -3.68 19.92 13.58
N ALA B 444 -3.20 19.93 14.82
CA ALA B 444 -3.95 19.32 15.91
C ALA B 444 -5.24 20.09 16.20
N TRP B 445 -5.24 21.40 15.96
CA TRP B 445 -6.45 22.19 16.18
C TRP B 445 -7.54 21.84 15.16
N ALA B 446 -7.15 21.49 13.94
CA ALA B 446 -8.09 21.10 12.90
C ALA B 446 -8.34 19.60 12.90
N CYS B 447 -7.34 18.80 13.19
CA CYS B 447 -7.51 17.35 13.21
C CYS B 447 -7.03 16.78 14.54
N ASP B 449 -4.33 15.37 15.61
CA ASP B 449 -3.14 14.92 14.88
C ASP B 449 -2.31 16.09 14.36
N PRO B 450 -0.98 16.03 14.57
CA PRO B 450 -0.31 14.89 15.18
C PRO B 450 -0.21 14.98 16.70
N GLY B 451 -0.07 13.84 17.36
CA GLY B 451 0.33 13.81 18.75
C GLY B 451 1.79 14.23 18.90
N ILE B 452 2.23 14.29 20.14
CA ILE B 452 3.58 14.75 20.44
C ILE B 452 4.23 13.81 21.45
N GLN B 453 5.53 13.56 21.25
CA GLN B 453 6.34 12.77 22.17
C GLN B 453 7.66 13.50 22.35
N PHE B 454 8.02 13.78 23.60
CA PHE B 454 9.21 14.56 23.93
C PHE B 454 10.40 13.64 24.07
N HIS B 455 11.29 13.67 23.07
CA HIS B 455 12.36 12.68 22.97
C HIS B 455 13.35 12.79 24.13
N ASP B 456 13.62 14.01 24.59
CA ASP B 456 14.59 14.16 25.67
C ASP B 456 14.01 13.76 27.02
N THR B 457 12.70 13.97 27.22
CA THR B 457 12.07 13.61 28.49
C THR B 457 11.95 12.09 28.62
N VAL B 458 11.59 11.40 27.54
CA VAL B 458 11.43 9.95 27.61
C VAL B 458 12.78 9.27 27.81
N ASN B 459 13.85 9.81 27.23
CA ASN B 459 15.16 9.21 27.36
C ASN B 459 15.84 9.55 28.68
N ALA B 460 15.37 10.59 29.38
CA ALA B 460 15.89 10.86 30.72
C ALA B 460 15.52 9.76 31.70
N TRP B 461 14.52 8.95 31.39
CA TRP B 461 14.12 7.82 32.22
C TRP B 461 14.35 6.49 31.52
N HIS B 462 15.12 6.48 30.44
CA HIS B 462 15.48 5.23 29.77
C HIS B 462 16.47 4.45 30.62
N THR B 463 16.15 3.18 30.88
CA THR B 463 16.94 2.40 31.83
C THR B 463 18.21 1.83 31.22
N CYS B 464 18.25 1.65 29.91
CA CYS B 464 19.36 0.97 29.23
C CYS B 464 19.69 1.67 27.93
N PRO B 465 20.32 2.85 27.98
CA PRO B 465 20.61 3.59 26.75
C PRO B 465 21.76 3.01 25.93
N GLU B 466 22.64 2.20 26.52
CA GLU B 466 23.74 1.60 25.75
C GLU B 466 23.22 0.70 24.63
N ASP B 467 21.96 0.27 24.71
CA ASP B 467 21.34 -0.50 23.64
C ASP B 467 20.53 0.37 22.69
N GLY B 468 20.72 1.68 22.74
CA GLY B 468 20.07 2.60 21.84
C GLY B 468 19.17 3.57 22.58
N GLN B 469 18.71 4.56 21.82
CA GLN B 469 17.81 5.59 22.31
C GLN B 469 16.36 5.14 22.17
N ILE B 470 15.49 5.69 23.01
CA ILE B 470 14.06 5.51 22.84
C ILE B 470 13.64 6.28 21.61
N ARG B 471 13.20 5.57 20.57
CA ARG B 471 12.80 6.21 19.33
C ARG B 471 11.30 6.19 19.08
N GLY B 472 10.58 5.20 19.60
CA GLY B 472 9.17 5.09 19.31
C GLY B 472 8.30 4.62 20.47
N SER B 473 7.07 4.23 20.15
CA SER B 473 6.10 3.81 21.15
C SER B 473 5.14 2.82 20.50
N ASN B 474 4.16 2.39 21.27
CA ASN B 474 3.07 1.57 20.76
C ASN B 474 1.90 2.44 20.34
N PRO B 475 0.88 1.87 19.69
CA PRO B 475 -0.25 2.69 19.20
C PRO B 475 -0.87 3.65 20.21
N CYS B 476 -0.64 3.45 21.50
CA CYS B 476 -1.21 4.31 22.53
C CYS B 476 -0.17 5.12 23.29
N SER B 477 1.10 5.06 22.88
CA SER B 477 2.17 5.84 23.50
C SER B 477 2.30 5.56 24.99
N GLU B 478 1.90 4.35 25.42
CA GLU B 478 2.06 3.94 26.81
C GLU B 478 3.35 3.18 27.04
N TYR B 479 3.83 2.44 26.04
CA TYR B 479 5.02 1.61 26.16
C TYR B 479 6.15 2.26 25.38
N MET B 480 7.25 2.55 26.06
CA MET B 480 8.39 3.25 25.42
C MET B 480 9.67 2.54 25.87
N PHE B 481 10.11 1.57 25.07
CA PHE B 481 11.41 0.95 25.26
C PHE B 481 12.12 0.93 23.92
N LEU B 482 13.14 0.07 23.79
CA LEU B 482 13.93 0.00 22.58
C LEU B 482 13.08 -0.47 21.41
N ASP B 483 13.67 -0.44 20.22
CA ASP B 483 12.98 -0.96 19.04
C ASP B 483 12.94 -2.48 19.08
N ASP B 484 11.98 -3.04 18.35
CA ASP B 484 11.81 -4.49 18.24
C ASP B 484 11.65 -5.15 19.61
N THR B 485 11.02 -4.46 20.54
CA THR B 485 10.66 -5.01 21.84
C THR B 485 9.13 -5.11 21.94
N ALA B 486 8.66 -6.21 22.51
CA ALA B 486 7.25 -6.38 22.81
C ALA B 486 6.98 -5.84 24.21
N CYS B 487 5.80 -6.12 24.76
CA CYS B 487 5.48 -5.80 26.15
C CYS B 487 4.18 -6.51 26.52
N ASN B 488 4.14 -7.01 27.76
CA ASN B 488 2.94 -7.61 28.34
C ASN B 488 2.36 -6.65 29.36
N LEU B 489 1.03 -6.60 29.42
CA LEU B 489 0.34 -5.59 30.21
C LEU B 489 -0.63 -6.23 31.20
N ALA B 490 -0.99 -5.44 32.21
CA ALA B 490 -1.95 -5.79 33.24
C ALA B 490 -2.22 -4.54 34.06
N SER B 491 -3.48 -4.32 34.39
CA SER B 491 -3.89 -3.18 35.19
C SER B 491 -4.80 -3.66 36.32
N MET B 492 -4.73 -2.97 37.45
CA MET B 492 -5.46 -3.37 38.64
C MET B 492 -6.56 -2.36 38.93
N ASN B 493 -7.77 -2.87 39.19
CA ASN B 493 -8.89 -2.02 39.58
C ASN B 493 -8.61 -1.42 40.95
N LEU B 494 -8.52 -0.08 41.01
CA LEU B 494 -7.98 0.57 42.20
C LEU B 494 -8.95 0.53 43.37
N LEU B 495 -10.22 0.88 43.12
CA LEU B 495 -11.18 1.02 44.22
C LEU B 495 -11.57 -0.31 44.87
N THR B 496 -11.28 -1.44 44.24
CA THR B 496 -11.72 -2.71 44.83
C THR B 496 -10.84 -3.18 45.99
N PHE B 497 -9.79 -2.46 46.36
CA PHE B 497 -9.21 -2.63 47.70
C PHE B 497 -9.86 -1.72 48.72
N PHE B 498 -10.79 -0.85 48.33
CA PHE B 498 -11.35 0.18 49.20
C PHE B 498 -12.67 -0.32 49.78
N GLU B 499 -12.60 -0.96 50.94
CA GLU B 499 -13.76 -1.24 51.77
C GLU B 499 -13.62 -0.44 53.07
N ALA B 500 -14.76 -0.12 53.67
CA ALA B 500 -14.85 0.74 54.86
C ALA B 500 -14.32 2.12 54.45
N GLY B 501 -13.45 2.76 55.22
CA GLY B 501 -12.99 4.10 54.92
C GLY B 501 -11.52 4.18 54.59
N ARG B 502 -10.74 3.24 55.10
CA ARG B 502 -9.34 3.13 54.75
C ARG B 502 -9.20 2.47 53.39
N PHE B 503 -7.96 2.46 52.88
CA PHE B 503 -7.65 1.79 51.62
C PHE B 503 -6.60 0.72 51.88
N ASP B 504 -6.81 -0.46 51.29
CA ASP B 504 -6.02 -1.65 51.58
C ASP B 504 -4.62 -1.51 51.00
N ALA B 505 -3.77 -0.77 51.71
CA ALA B 505 -2.34 -0.81 51.41
C ALA B 505 -1.75 -2.18 51.72
N GLU B 506 -2.37 -2.91 52.66
CA GLU B 506 -2.02 -4.30 52.88
C GLU B 506 -2.18 -5.13 51.60
N GLY B 507 -3.15 -4.77 50.77
CA GLY B 507 -3.42 -5.53 49.57
C GLY B 507 -2.90 -4.90 48.29
N TYR B 508 -2.67 -3.59 48.31
CA TYR B 508 -2.12 -2.92 47.14
C TYR B 508 -0.70 -3.39 46.84
N VAL B 509 0.13 -3.50 47.88
CA VAL B 509 1.49 -3.97 47.67
C VAL B 509 1.52 -5.47 47.41
N HIS B 510 0.60 -6.23 48.03
CA HIS B 510 0.51 -7.66 47.74
C HIS B 510 0.03 -7.89 46.31
N ALA B 511 -0.87 -7.03 45.82
CA ALA B 511 -1.31 -7.12 44.43
C ALA B 511 -0.17 -6.77 43.48
N THR B 512 0.50 -5.64 43.72
CA THR B 512 1.60 -5.23 42.87
C THR B 512 2.71 -6.27 42.84
N ARG B 513 3.13 -6.73 44.03
CA ARG B 513 4.21 -7.70 44.10
C ARG B 513 3.84 -9.00 43.39
N LEU B 514 2.60 -9.46 43.59
CA LEU B 514 2.17 -10.69 42.94
C LEU B 514 2.03 -10.50 41.44
N TRP B 515 1.49 -9.35 41.01
CA TRP B 515 1.28 -9.12 39.59
C TRP B 515 2.56 -8.77 38.84
N THR B 516 3.56 -8.21 39.53
CA THR B 516 4.86 -8.04 38.91
C THR B 516 5.47 -9.38 38.55
N VAL B 517 5.16 -10.43 39.31
CA VAL B 517 5.75 -11.75 39.07
C VAL B 517 5.10 -12.43 37.87
N THR B 518 3.75 -12.44 37.82
CA THR B 518 3.04 -13.13 36.74
C THR B 518 3.33 -12.52 35.38
N LEU B 519 3.58 -11.22 35.36
CA LEU B 519 3.96 -10.57 34.12
C LEU B 519 5.31 -11.08 33.60
N GLU B 520 6.26 -11.32 34.51
CA GLU B 520 7.54 -11.85 34.06
C GLU B 520 7.40 -13.28 33.57
N ILE B 521 6.54 -14.07 34.22
CA ILE B 521 6.44 -15.50 33.88
C ILE B 521 6.00 -15.71 32.43
N SER B 522 5.34 -14.72 31.82
CA SER B 522 5.03 -14.80 30.40
C SER B 522 6.02 -14.07 29.52
N VAL B 523 6.98 -13.33 30.09
CA VAL B 523 8.21 -13.07 29.34
C VAL B 523 8.92 -14.38 29.09
N MET B 524 8.71 -15.35 29.99
CA MET B 524 9.25 -16.70 29.92
C MET B 524 8.32 -17.66 29.19
N MET B 525 7.01 -17.44 29.30
CA MET B 525 6.01 -18.32 28.70
C MET B 525 5.74 -18.02 27.23
N ALA B 526 6.27 -16.92 26.71
CA ALA B 526 5.80 -16.34 25.45
C ALA B 526 6.40 -17.00 24.22
N GLN B 527 5.76 -16.74 23.10
CA GLN B 527 6.21 -17.15 21.77
C GLN B 527 5.95 -15.96 20.84
N PHE B 528 7.03 -15.36 20.32
CA PHE B 528 6.97 -14.02 19.72
C PHE B 528 6.90 -14.09 18.20
N PRO B 529 6.28 -13.09 17.56
CA PRO B 529 6.05 -13.14 16.11
C PRO B 529 7.30 -12.98 15.26
N SER B 530 8.44 -12.59 15.85
CA SER B 530 9.69 -12.50 15.11
C SER B 530 10.83 -12.95 16.02
N LYS B 531 11.94 -13.33 15.40
CA LYS B 531 13.06 -13.87 16.18
C LYS B 531 13.84 -12.76 16.90
N GLU B 532 13.93 -11.57 16.29
CA GLU B 532 14.61 -10.46 16.96
C GLU B 532 13.83 -10.00 18.18
N ILE B 533 12.52 -9.75 18.00
CA ILE B 533 11.66 -9.39 19.12
C ILE B 533 11.69 -10.47 20.20
N ALA B 534 11.80 -11.74 19.79
CA ALA B 534 11.83 -12.84 20.75
C ALA B 534 13.04 -12.77 21.66
N GLN B 535 14.23 -12.53 21.09
CA GLN B 535 15.43 -12.45 21.89
C GLN B 535 15.51 -11.12 22.66
N LEU B 536 15.21 -10.00 22.00
CA LEU B 536 15.24 -8.72 22.67
C LEU B 536 14.28 -8.67 23.85
N SER B 537 13.17 -9.40 23.77
CA SER B 537 12.26 -9.51 24.91
C SER B 537 12.89 -10.34 26.03
N TYR B 538 13.53 -11.46 25.67
CA TYR B 538 14.21 -12.27 26.67
C TYR B 538 15.38 -11.51 27.30
N ASP B 539 16.03 -10.64 26.54
CA ASP B 539 17.22 -9.95 27.03
C ASP B 539 16.87 -8.88 28.07
N PHE B 540 15.73 -8.21 27.92
CA PHE B 540 15.36 -7.11 28.80
C PHE B 540 14.11 -7.36 29.62
N ARG B 541 13.28 -8.34 29.26
CA ARG B 541 12.16 -8.78 30.08
C ARG B 541 11.28 -7.61 30.50
N THR B 542 10.91 -6.79 29.52
CA THR B 542 10.13 -5.58 29.79
C THR B 542 8.77 -5.95 30.39
N LEU B 543 8.29 -5.08 31.27
CA LEU B 543 7.01 -5.27 31.93
C LEU B 543 6.12 -4.05 31.72
N GLY B 544 4.82 -4.24 31.91
CA GLY B 544 3.87 -3.16 31.77
C GLY B 544 2.69 -3.26 32.72
N LEU B 545 2.92 -2.96 33.99
CA LEU B 545 1.87 -3.00 35.00
C LEU B 545 1.29 -1.61 35.19
N GLY B 546 -0.03 -1.53 35.29
CA GLY B 546 -0.65 -0.23 35.52
C GLY B 546 -1.84 -0.32 36.44
N TYR B 547 -2.59 0.78 36.55
CA TYR B 547 -3.83 0.79 37.31
C TYR B 547 -4.91 1.46 36.47
N ALA B 548 -6.13 1.49 37.02
CA ALA B 548 -7.26 2.15 36.40
C ALA B 548 -8.23 2.54 37.50
N ASN B 549 -9.37 3.10 37.09
CA ASN B 549 -10.49 3.39 37.99
C ASN B 549 -10.10 4.33 39.11
N ILE B 550 -9.01 5.10 38.95
CA ILE B 550 -8.62 6.02 40.01
C ILE B 550 -9.63 7.16 40.12
N GLY B 551 -10.14 7.64 38.98
CA GLY B 551 -11.22 8.61 39.02
C GLY B 551 -12.51 8.06 39.59
N GLY B 552 -12.67 6.74 39.56
CA GLY B 552 -13.85 6.13 40.14
C GLY B 552 -13.84 6.16 41.66
N LEU B 553 -12.66 6.07 42.26
CA LEU B 553 -12.57 6.15 43.71
C LEU B 553 -12.31 7.55 44.22
N LEU B 554 -11.76 8.44 43.38
CA LEU B 554 -11.37 9.75 43.87
C LEU B 554 -12.55 10.58 44.34
N MET B 555 -13.78 10.28 43.90
CA MET B 555 -14.93 10.88 44.54
C MET B 555 -15.66 9.94 45.51
N ASN B 556 -15.58 8.63 45.31
CA ASN B 556 -15.86 7.72 46.42
C ASN B 556 -14.98 8.08 47.61
N MET B 557 -13.73 8.46 47.32
CA MET B 557 -12.89 9.19 48.25
C MET B 557 -13.65 10.37 48.86
N GLY B 558 -14.12 11.28 48.01
CA GLY B 558 -14.86 12.45 48.45
C GLY B 558 -14.21 13.77 48.10
N LEU B 559 -13.32 13.75 47.10
CA LEU B 559 -12.51 14.91 46.81
C LEU B 559 -12.22 15.00 45.31
N GLY B 560 -12.26 16.22 44.78
CA GLY B 560 -12.36 16.41 43.35
C GLY B 560 -11.17 15.86 42.58
N TYR B 561 -11.43 15.56 41.30
CA TYR B 561 -10.36 15.21 40.38
C TYR B 561 -9.42 16.39 40.16
N ASP B 562 -9.99 17.60 40.03
CA ASP B 562 -9.21 18.83 39.95
C ASP B 562 -8.94 19.32 41.37
N SER B 563 -7.94 18.71 42.01
CA SER B 563 -7.64 18.99 43.41
C SER B 563 -6.27 18.47 43.79
N SER B 564 -5.40 19.35 44.32
CA SER B 564 -4.08 18.94 44.76
C SER B 564 -4.15 17.82 45.79
N GLU B 565 -5.28 17.68 46.49
CA GLU B 565 -5.52 16.54 47.35
C GLU B 565 -5.73 15.25 46.57
N GLY B 566 -6.05 15.35 45.27
CA GLY B 566 -6.24 14.18 44.43
C GLY B 566 -5.01 13.78 43.63
N ARG B 567 -4.27 14.76 43.11
CA ARG B 567 -2.99 14.46 42.46
C ARG B 567 -1.99 13.91 43.46
N ALA B 568 -2.10 14.31 44.73
CA ALA B 568 -1.24 13.73 45.76
C ALA B 568 -1.48 12.24 45.92
N LEU B 569 -2.76 11.87 46.08
CA LEU B 569 -3.11 10.46 46.21
C LEU B 569 -2.74 9.68 44.95
N CYS B 570 -2.92 10.30 43.78
CA CYS B 570 -2.57 9.64 42.52
C CYS B 570 -1.09 9.35 42.45
N GLY B 571 -0.25 10.37 42.66
CA GLY B 571 1.18 10.18 42.65
C GLY B 571 1.71 9.30 43.76
N ALA B 572 0.94 9.17 44.85
CA ALA B 572 1.39 8.35 45.98
C ALA B 572 1.23 6.86 45.71
N LEU B 573 0.07 6.46 45.15
CA LEU B 573 -0.13 5.06 44.82
C LEU B 573 0.56 4.67 43.52
N SER B 574 0.74 5.63 42.60
CA SER B 574 1.57 5.37 41.43
C SER B 574 3.01 5.11 41.84
N ALA B 575 3.49 5.80 42.88
CA ALA B 575 4.81 5.53 43.41
C ALA B 575 4.87 4.16 44.07
N ILE B 576 3.82 3.78 44.80
CA ILE B 576 3.82 2.51 45.51
C ILE B 576 3.86 1.34 44.53
N MET B 577 2.99 1.38 43.51
CA MET B 577 2.94 0.30 42.53
C MET B 577 4.29 0.12 41.84
N THR B 578 4.83 1.20 41.29
CA THR B 578 6.10 1.11 40.59
C THR B 578 7.24 0.78 41.54
N GLY B 579 7.17 1.24 42.79
CA GLY B 579 8.22 0.93 43.74
C GLY B 579 8.18 -0.53 44.19
N VAL B 580 7.00 -1.04 44.51
CA VAL B 580 6.85 -2.45 44.87
C VAL B 580 7.19 -3.34 43.69
N ALA B 581 6.98 -2.84 42.46
CA ALA B 581 7.29 -3.62 41.27
C ALA B 581 8.79 -3.72 41.07
N TYR B 582 9.50 -2.59 41.14
CA TYR B 582 10.97 -2.61 41.01
C TYR B 582 11.59 -3.45 42.12
N ALA B 583 11.13 -3.27 43.36
CA ALA B 583 11.63 -4.07 44.47
C ALA B 583 11.32 -5.55 44.27
N THR B 584 10.18 -5.88 43.67
CA THR B 584 9.88 -7.27 43.36
C THR B 584 10.80 -7.80 42.28
N SER B 585 11.10 -6.98 41.26
CA SER B 585 12.01 -7.41 40.21
C SER B 585 13.43 -7.60 40.74
N ALA B 586 13.84 -6.79 41.72
CA ALA B 586 15.14 -6.99 42.34
C ALA B 586 15.18 -8.28 43.15
N GLU B 587 14.04 -8.67 43.73
CA GLU B 587 13.97 -9.95 44.44
C GLU B 587 14.08 -11.13 43.48
N MET B 588 13.57 -10.99 42.26
CA MET B 588 13.70 -12.04 41.25
C MET B 588 15.08 -12.09 40.64
N ALA B 589 15.83 -10.98 40.68
CA ALA B 589 17.19 -10.98 40.16
C ALA B 589 18.17 -11.67 41.10
N GLY B 590 17.86 -11.73 42.39
CA GLY B 590 18.71 -12.46 43.31
C GLY B 590 18.51 -13.95 43.27
N GLU B 591 17.30 -14.40 42.87
CA GLU B 591 16.99 -15.81 42.81
C GLU B 591 17.26 -16.42 41.44
N LEU B 592 17.07 -15.65 40.36
CA LEU B 592 17.23 -16.18 39.02
C LEU B 592 18.16 -15.38 38.12
N GLY B 593 18.64 -14.22 38.56
CA GLY B 593 19.54 -13.41 37.75
C GLY B 593 18.85 -12.27 37.06
N ALA B 594 19.51 -11.11 36.99
CA ALA B 594 18.94 -9.96 36.30
C ALA B 594 18.81 -10.24 34.81
N PHE B 595 18.03 -9.39 34.13
CA PHE B 595 17.89 -9.55 32.69
C PHE B 595 19.23 -9.32 32.00
N SER B 596 19.44 -10.07 30.91
CA SER B 596 20.77 -10.17 30.31
C SER B 596 21.35 -8.82 29.92
N GLY B 597 20.53 -7.83 29.65
CA GLY B 597 21.02 -6.51 29.30
C GLY B 597 21.23 -5.56 30.46
N TYR B 598 21.21 -6.03 31.70
CA TYR B 598 21.28 -5.11 32.83
C TYR B 598 22.70 -4.65 33.11
N GLU B 599 23.63 -5.60 33.30
CA GLU B 599 25.00 -5.23 33.66
C GLU B 599 25.61 -4.23 32.67
N ARG B 600 25.24 -4.35 31.39
CA ARG B 600 25.61 -3.34 30.41
C ARG B 600 25.19 -1.95 30.86
N ASN B 601 24.01 -1.84 31.47
CA ASN B 601 23.41 -0.55 31.82
C ASN B 601 23.09 -0.48 33.31
N ALA B 602 23.85 -1.20 34.13
CA ALA B 602 23.61 -1.15 35.58
C ALA B 602 23.80 0.26 36.12
N GLY B 603 24.68 1.04 35.50
CA GLY B 603 24.88 2.41 35.95
C GLY B 603 23.75 3.34 35.57
N HIS B 604 23.10 3.09 34.43
CA HIS B 604 22.01 3.94 33.97
C HIS B 604 20.67 3.55 34.60
N MET B 605 20.38 2.26 34.71
CA MET B 605 19.11 1.83 35.27
C MET B 605 18.98 2.23 36.73
N LEU B 606 20.07 2.10 37.49
CA LEU B 606 20.04 2.52 38.88
C LEU B 606 19.88 4.02 39.04
N ARG B 607 20.26 4.80 38.03
CA ARG B 607 20.07 6.25 38.09
C ARG B 607 18.62 6.65 37.84
N VAL B 608 17.92 5.88 37.00
CA VAL B 608 16.48 6.10 36.83
C VAL B 608 15.76 5.91 38.15
N ILE B 609 16.24 4.99 38.98
CA ILE B 609 15.54 4.62 40.20
C ILE B 609 15.80 5.62 41.31
N ARG B 610 17.03 6.16 41.40
CA ARG B 610 17.30 7.16 42.42
C ARG B 610 16.69 8.50 42.07
N ASN B 611 16.62 8.84 40.78
CA ASN B 611 15.84 10.00 40.36
C ASN B 611 14.37 9.82 40.71
N HIS B 612 13.89 8.57 40.69
CA HIS B 612 12.50 8.28 41.00
C HIS B 612 12.19 8.60 42.46
N ARG B 613 12.96 8.03 43.40
CA ARG B 613 12.64 8.20 44.81
C ARG B 613 13.10 9.54 45.36
N THR B 614 14.00 10.23 44.65
CA THR B 614 14.19 11.64 44.97
C THR B 614 12.92 12.42 44.67
N ALA B 615 12.24 12.09 43.58
CA ALA B 615 10.90 12.61 43.35
C ALA B 615 9.88 11.98 44.29
N ALA B 616 10.20 10.83 44.90
CA ALA B 616 9.26 10.24 45.85
C ALA B 616 9.44 10.79 47.26
N HIS B 617 10.64 11.24 47.60
CA HIS B 617 10.86 11.91 48.88
C HIS B 617 10.34 13.34 48.89
N GLY B 618 9.70 13.77 47.81
CA GLY B 618 9.21 15.13 47.70
C GLY B 618 10.26 16.17 47.36
N HIS B 619 11.49 15.74 47.06
CA HIS B 619 12.56 16.69 46.82
C HIS B 619 12.38 17.39 45.48
N THR B 620 12.65 18.69 45.47
CA THR B 620 12.54 19.49 44.25
C THR B 620 13.85 19.58 43.49
N THR B 621 14.94 19.04 44.04
CA THR B 621 16.25 19.07 43.40
C THR B 621 16.97 17.76 43.71
N GLY B 622 18.08 17.54 43.01
CA GLY B 622 18.87 16.35 43.15
C GLY B 622 18.73 15.34 42.03
N TYR B 623 18.29 15.76 40.85
CA TYR B 623 18.04 14.85 39.74
C TYR B 623 19.25 14.83 38.81
N GLU B 624 19.63 13.63 38.38
CA GLU B 624 20.81 13.43 37.56
C GLU B 624 20.39 12.99 36.17
N GLY B 625 20.73 13.80 35.17
CA GLY B 625 20.49 13.44 33.79
C GLY B 625 19.08 13.65 33.28
N VAL B 626 18.23 14.35 34.03
CA VAL B 626 16.87 14.65 33.56
C VAL B 626 16.88 16.04 32.93
N ASN B 627 16.04 16.22 31.91
CA ASN B 627 15.95 17.48 31.19
C ASN B 627 14.96 18.44 31.85
N VAL B 628 13.81 17.94 32.27
CA VAL B 628 12.83 18.67 33.05
C VAL B 628 12.59 17.88 34.33
N SER B 629 12.83 18.51 35.48
CA SER B 629 12.80 17.76 36.73
C SER B 629 11.36 17.36 37.04
N PRO B 630 11.13 16.12 37.48
CA PRO B 630 9.76 15.62 37.58
C PRO B 630 8.98 16.24 38.73
N VAL B 631 7.65 16.20 38.62
CA VAL B 631 6.80 16.71 39.69
C VAL B 631 6.96 15.83 40.92
N ALA B 632 7.43 16.42 42.01
CA ALA B 632 7.61 15.68 43.25
C ALA B 632 6.26 15.23 43.81
N LEU B 633 6.31 14.24 44.70
CA LEU B 633 5.11 13.73 45.33
C LEU B 633 4.69 14.64 46.48
N ASP B 634 3.41 15.00 46.50
CA ASP B 634 2.88 15.90 47.51
C ASP B 634 2.86 15.20 48.87
N GLN B 635 3.79 15.57 49.74
CA GLN B 635 3.75 15.08 51.11
C GLN B 635 2.65 15.75 51.92
N VAL B 636 2.22 16.93 51.52
CA VAL B 636 1.28 17.71 52.33
C VAL B 636 -0.14 17.19 52.16
N ASN B 637 -0.66 17.28 50.93
CA ASN B 637 -2.09 17.14 50.67
C ASN B 637 -2.53 15.72 50.40
N CYS B 638 -1.69 14.72 50.65
CA CYS B 638 -2.17 13.36 50.50
C CYS B 638 -3.05 12.98 51.69
N PRO B 639 -4.18 12.29 51.45
CA PRO B 639 -5.00 11.83 52.59
C PRO B 639 -4.22 10.96 53.56
N ASP B 640 -3.18 10.26 53.08
CA ASP B 640 -2.28 9.48 53.91
C ASP B 640 -2.98 8.47 54.85
N PRO B 641 -3.74 7.51 54.27
CA PRO B 641 -4.08 6.31 55.06
C PRO B 641 -2.90 5.36 55.18
N ARG B 642 -1.82 5.85 55.82
CA ARG B 642 -0.54 5.16 55.89
C ARG B 642 -0.01 4.88 54.48
N LEU B 643 0.26 5.96 53.74
CA LEU B 643 0.52 5.84 52.30
C LEU B 643 1.77 6.57 51.83
N VAL B 644 1.85 7.87 52.08
CA VAL B 644 2.93 8.67 51.50
C VAL B 644 4.29 8.22 52.04
N ALA B 645 4.34 7.78 53.30
CA ALA B 645 5.56 7.17 53.80
C ALA B 645 5.82 5.81 53.15
N LEU B 646 4.75 5.07 52.84
CA LEU B 646 4.90 3.78 52.18
C LEU B 646 5.51 3.91 50.79
N ALA B 647 5.29 5.06 50.14
CA ALA B 647 5.91 5.30 48.83
C ALA B 647 7.42 5.50 48.96
N LYS B 648 7.86 6.24 49.99
CA LYS B 648 9.28 6.33 50.28
C LYS B 648 9.84 4.99 50.78
N SER B 649 8.98 4.09 51.25
CA SER B 649 9.46 2.82 51.78
C SER B 649 9.89 1.88 50.67
N SER B 650 9.08 1.76 49.62
CA SER B 650 9.36 0.78 48.57
C SER B 650 10.60 1.17 47.77
N TRP B 651 10.72 2.43 47.39
CA TRP B 651 11.87 2.85 46.61
C TRP B 651 13.15 2.94 47.44
N ASP B 652 13.02 3.13 48.75
CA ASP B 652 14.18 2.93 49.61
C ASP B 652 14.62 1.46 49.59
N GLU B 653 13.66 0.55 49.41
CA GLU B 653 13.93 -0.87 49.36
C GLU B 653 14.25 -1.34 47.94
N ALA B 654 13.54 -0.80 46.95
CA ALA B 654 13.83 -1.15 45.56
C ALA B 654 15.23 -0.72 45.16
N LEU B 655 15.68 0.46 45.62
CA LEU B 655 17.04 0.89 45.33
C LEU B 655 18.06 0.03 46.07
N ARG B 656 17.78 -0.29 47.33
CA ARG B 656 18.71 -1.10 48.10
C ARG B 656 18.80 -2.53 47.57
N LEU B 657 17.65 -3.12 47.23
CA LEU B 657 17.65 -4.49 46.71
C LEU B 657 18.22 -4.57 45.31
N GLY B 658 17.94 -3.55 44.49
CA GLY B 658 18.49 -3.52 43.15
C GLY B 658 19.99 -3.31 43.10
N GLU B 659 20.56 -2.70 44.14
CA GLU B 659 22.00 -2.53 44.21
C GLU B 659 22.72 -3.84 44.51
N ALA B 660 22.01 -4.85 45.00
CA ALA B 660 22.61 -6.12 45.38
C ALA B 660 22.48 -7.19 44.32
N HIS B 661 21.36 -7.22 43.58
CA HIS B 661 21.12 -8.25 42.58
C HIS B 661 20.78 -7.72 41.20
N GLY B 662 20.56 -6.41 41.04
CA GLY B 662 20.10 -5.89 39.78
C GLY B 662 18.59 -5.97 39.68
N TYR B 663 18.07 -6.19 38.47
CA TYR B 663 16.63 -6.25 38.26
C TYR B 663 16.32 -7.27 37.17
N ARG B 664 15.24 -8.03 37.36
CA ARG B 664 14.83 -8.99 36.36
C ARG B 664 14.20 -8.33 35.15
N ASN B 665 13.68 -7.10 35.29
CA ASN B 665 12.98 -6.41 34.22
C ASN B 665 13.54 -5.01 34.06
N ALA B 666 13.57 -4.55 32.81
CA ALA B 666 14.09 -3.22 32.51
C ALA B 666 13.04 -2.14 32.71
N GLN B 667 11.76 -2.45 32.50
CA GLN B 667 10.68 -1.53 32.80
C GLN B 667 9.67 -2.25 33.68
N VAL B 668 8.99 -1.51 34.56
CA VAL B 668 8.02 -2.11 35.47
C VAL B 668 6.58 -1.73 35.09
N THR B 669 6.32 -0.45 34.85
CA THR B 669 4.95 0.03 34.85
C THR B 669 4.63 0.94 33.65
N VAL B 670 3.33 1.05 33.38
CA VAL B 670 2.76 1.81 32.28
C VAL B 670 1.44 2.39 32.78
N ILE B 671 0.71 3.10 31.93
CA ILE B 671 -0.70 3.39 32.14
C ILE B 671 -1.39 3.22 30.80
N ALA B 672 -2.12 2.13 30.63
CA ALA B 672 -2.73 1.74 29.37
C ALA B 672 -4.18 2.19 29.31
N PRO B 673 -4.72 2.41 28.11
CA PRO B 673 -6.16 2.67 28.00
C PRO B 673 -6.94 1.38 28.17
N THR B 674 -7.27 1.05 29.41
CA THR B 674 -7.90 -0.22 29.74
C THR B 674 -9.35 -0.27 29.25
N GLY B 675 -9.57 -0.08 27.95
CA GLY B 675 -10.90 -0.02 27.39
C GLY B 675 -11.67 -1.33 27.53
N THR B 676 -11.27 -2.35 26.79
CA THR B 676 -11.94 -3.64 26.89
C THR B 676 -11.68 -4.30 28.23
N ILE B 677 -10.44 -4.20 28.73
CA ILE B 677 -10.09 -4.91 29.96
C ILE B 677 -10.72 -4.23 31.17
N GLY B 678 -10.96 -2.92 31.10
CA GLY B 678 -11.64 -2.24 32.18
C GLY B 678 -13.13 -2.43 32.23
N LEU B 679 -13.68 -3.18 31.27
CA LEU B 679 -15.11 -3.47 31.26
C LEU B 679 -15.44 -4.75 32.01
N VAL B 680 -14.60 -5.79 31.89
CA VAL B 680 -14.78 -6.99 32.69
C VAL B 680 -14.39 -6.78 34.14
N MET B 681 -13.75 -5.65 34.45
CA MET B 681 -13.38 -5.32 35.83
C MET B 681 -14.42 -4.43 36.50
N ASP B 682 -15.45 -3.98 35.77
CA ASP B 682 -16.44 -3.03 36.28
C ASP B 682 -15.76 -1.75 36.78
N CYS B 683 -14.81 -1.26 35.99
CA CYS B 683 -14.10 -0.03 36.32
C CYS B 683 -14.97 1.17 35.98
N ASP B 684 -15.29 1.98 37.00
CA ASP B 684 -16.08 3.19 36.76
C ASP B 684 -15.38 4.12 35.79
N THR B 685 -14.07 4.28 35.94
CA THR B 685 -13.25 5.01 34.98
C THR B 685 -12.12 4.10 34.50
N THR B 686 -11.49 4.49 33.40
CA THR B 686 -10.44 3.70 32.79
C THR B 686 -9.11 4.44 32.87
N GLY B 687 -8.05 3.70 33.18
CA GLY B 687 -6.72 4.29 33.21
C GLY B 687 -6.62 5.42 34.20
N ILE B 688 -6.03 6.53 33.76
CA ILE B 688 -5.87 7.72 34.60
C ILE B 688 -7.03 8.69 34.44
N GLU B 689 -8.04 8.33 33.66
CA GLU B 689 -9.13 9.24 33.34
C GLU B 689 -10.10 9.38 34.50
N PRO B 690 -10.88 10.46 34.52
CA PRO B 690 -12.00 10.56 35.46
C PRO B 690 -13.27 9.94 34.89
N ASP B 691 -14.39 10.11 35.58
CA ASP B 691 -15.66 9.66 35.04
C ASP B 691 -16.20 10.71 34.05
N PHE B 692 -17.08 10.25 33.17
CA PHE B 692 -17.61 11.11 32.12
C PHE B 692 -19.04 11.57 32.37
N ALA B 693 -19.74 10.97 33.32
CA ALA B 693 -21.11 11.36 33.60
C ALA B 693 -21.51 10.86 34.99
N LEU B 694 -22.52 11.52 35.56
CA LEU B 694 -23.16 11.07 36.79
C LEU B 694 -24.39 10.22 36.51
N VAL B 695 -24.68 9.94 35.23
CA VAL B 695 -25.86 9.18 34.82
C VAL B 695 -25.48 8.32 33.62
N LYS B 696 -25.74 7.02 33.71
CA LYS B 696 -25.39 6.10 32.63
C LYS B 696 -26.46 5.00 32.55
N PHE B 697 -26.14 3.94 31.81
CA PHE B 697 -27.06 2.86 31.49
C PHE B 697 -26.40 1.52 31.78
N LYS B 698 -27.19 0.45 31.71
CA LYS B 698 -26.64 -0.89 31.92
C LYS B 698 -27.60 -1.95 31.40
N LYS B 699 -27.07 -2.88 30.60
CA LYS B 699 -27.75 -3.97 29.93
C LYS B 699 -27.97 -5.16 30.90
N LEU B 700 -28.90 -6.05 30.53
CA LEU B 700 -29.03 -7.37 31.12
C LEU B 700 -29.73 -8.28 30.12
N ALA B 701 -29.92 -9.54 30.51
CA ALA B 701 -30.39 -10.67 29.69
C ALA B 701 -31.35 -10.33 28.55
N GLY B 702 -32.66 -10.43 28.80
CA GLY B 702 -33.66 -10.25 27.78
C GLY B 702 -33.52 -8.96 26.99
N GLY B 703 -33.79 -7.84 27.65
CA GLY B 703 -33.47 -6.54 27.09
C GLY B 703 -32.62 -5.76 28.07
N GLY B 704 -31.89 -4.79 27.54
CA GLY B 704 -30.95 -4.07 28.38
C GLY B 704 -31.04 -2.55 28.32
N TYR B 705 -30.09 -1.91 29.00
CA TYR B 705 -29.89 -0.46 28.96
C TYR B 705 -31.01 0.30 29.67
N PHE B 706 -31.57 -0.29 30.72
CA PHE B 706 -32.32 0.48 31.71
C PHE B 706 -31.34 1.44 32.40
N LYS B 707 -31.66 2.73 32.36
CA LYS B 707 -30.73 3.73 32.88
C LYS B 707 -30.75 3.74 34.41
N ILE B 708 -29.57 3.94 35.00
CA ILE B 708 -29.36 3.97 36.44
C ILE B 708 -28.45 5.15 36.76
N ILE B 709 -28.17 5.34 38.06
CA ILE B 709 -27.29 6.42 38.51
C ILE B 709 -25.92 5.85 38.81
N ASN B 710 -24.89 6.53 38.32
CA ASN B 710 -23.50 6.16 38.60
C ASN B 710 -23.31 5.92 40.09
N ARG B 711 -23.08 4.66 40.47
CA ARG B 711 -23.01 4.27 41.87
C ARG B 711 -21.85 4.93 42.59
N SER B 712 -21.09 5.75 41.87
CA SER B 712 -19.94 6.41 42.47
C SER B 712 -20.36 7.48 43.46
N VAL B 713 -21.36 8.29 43.12
CA VAL B 713 -21.72 9.45 43.94
C VAL B 713 -22.71 9.12 45.06
N PRO B 714 -23.47 8.02 45.02
CA PRO B 714 -24.12 7.57 46.27
C PRO B 714 -23.11 7.31 47.38
N ALA B 715 -22.06 6.55 47.09
CA ALA B 715 -21.01 6.32 48.08
C ALA B 715 -20.18 7.57 48.32
N ALA B 716 -20.08 8.45 47.32
CA ALA B 716 -19.34 9.69 47.49
C ALA B 716 -19.95 10.52 48.61
N LEU B 717 -21.23 10.88 48.49
CA LEU B 717 -21.87 11.70 49.49
C LEU B 717 -22.08 10.96 50.80
N GLU B 718 -22.07 9.63 50.79
CA GLU B 718 -22.02 8.88 52.04
C GLU B 718 -20.75 9.17 52.82
N THR B 719 -19.64 9.43 52.11
CA THR B 719 -18.39 9.76 52.79
C THR B 719 -18.51 11.09 53.54
N LEU B 720 -19.21 12.06 52.95
CA LEU B 720 -19.45 13.33 53.61
C LEU B 720 -20.62 13.22 54.58
N GLY B 721 -20.73 14.21 55.47
CA GLY B 721 -21.80 14.24 56.45
C GLY B 721 -23.18 14.22 55.82
N TYR B 722 -23.80 13.04 55.76
CA TYR B 722 -25.03 12.86 55.02
C TYR B 722 -25.79 11.66 55.58
N ALA B 723 -27.12 11.77 55.62
CA ALA B 723 -27.98 10.66 56.04
C ALA B 723 -28.46 9.89 54.82
N SER B 724 -28.88 8.64 55.07
CA SER B 724 -29.19 7.72 53.97
C SER B 724 -30.29 8.26 53.07
N ALA B 725 -31.46 8.57 53.66
CA ALA B 725 -32.51 9.21 52.89
C ALA B 725 -32.11 10.60 52.43
N GLN B 726 -31.04 11.15 53.01
CA GLN B 726 -30.58 12.50 52.73
C GLN B 726 -29.57 12.58 51.57
N ILE B 727 -29.54 11.56 50.70
CA ILE B 727 -28.89 11.73 49.39
C ILE B 727 -29.76 11.11 48.30
N SER B 728 -30.69 10.23 48.67
CA SER B 728 -31.73 9.81 47.72
C SER B 728 -32.53 11.01 47.22
N GLN B 729 -32.78 11.95 48.11
CA GLN B 729 -32.56 13.35 47.78
C GLN B 729 -32.29 13.72 46.32
N ILE B 730 -31.07 13.41 45.88
CA ILE B 730 -30.54 13.92 44.62
C ILE B 730 -30.52 12.86 43.52
N VAL B 731 -30.59 11.57 43.84
CA VAL B 731 -30.66 10.56 42.78
C VAL B 731 -31.95 10.71 42.00
N ALA B 732 -33.07 10.85 42.68
CA ALA B 732 -34.34 11.11 41.99
C ALA B 732 -34.29 12.46 41.28
N TYR B 733 -33.56 13.43 41.84
CA TYR B 733 -33.36 14.70 41.17
C TYR B 733 -32.48 14.56 39.93
N ALA B 734 -31.65 13.51 39.86
CA ALA B 734 -30.74 13.31 38.74
C ALA B 734 -31.21 12.24 37.77
N VAL B 735 -31.91 11.21 38.25
CA VAL B 735 -32.41 10.16 37.36
C VAL B 735 -33.89 10.32 37.02
N GLY B 736 -34.63 11.13 37.77
CA GLY B 736 -36.02 11.40 37.46
C GLY B 736 -36.99 10.50 38.19
N HIS B 737 -38.26 10.68 37.85
CA HIS B 737 -39.35 9.95 38.46
C HIS B 737 -40.03 8.97 37.52
N GLY B 738 -39.71 9.00 36.23
CA GLY B 738 -40.27 8.06 35.29
C GLY B 738 -41.76 8.16 35.08
N THR B 739 -42.37 9.28 35.46
CA THR B 739 -43.79 9.50 35.24
C THR B 739 -44.06 10.99 35.25
N LEU B 740 -45.12 11.38 34.55
CA LEU B 740 -45.67 12.73 34.62
C LEU B 740 -46.84 12.80 35.59
N ALA B 741 -46.78 12.06 36.69
CA ALA B 741 -48.00 11.76 37.44
C ALA B 741 -48.42 12.90 38.37
N ASN B 742 -47.48 13.72 38.87
CA ASN B 742 -47.83 14.75 39.84
C ASN B 742 -46.99 16.01 39.64
N CYS B 743 -47.57 16.97 38.92
CA CYS B 743 -47.13 18.36 38.77
C CYS B 743 -45.86 18.60 37.95
N PRO B 744 -45.65 17.91 36.82
CA PRO B 744 -44.84 18.51 35.77
C PRO B 744 -45.71 19.41 34.89
N THR B 745 -45.06 20.15 34.01
CA THR B 745 -45.79 21.04 33.12
C THR B 745 -46.55 20.28 32.03
N ILE B 746 -46.24 19.00 31.82
CA ILE B 746 -46.99 18.17 30.88
C ILE B 746 -47.69 17.06 31.66
N SER B 747 -48.51 17.44 32.64
CA SER B 747 -49.38 16.47 33.29
C SER B 747 -50.82 16.90 33.13
N HIS B 748 -51.70 16.34 33.95
CA HIS B 748 -53.15 16.43 33.77
C HIS B 748 -53.51 15.64 32.50
N SER B 749 -53.84 16.32 31.41
CA SER B 749 -54.40 15.64 30.25
C SER B 749 -53.73 16.08 28.97
N ALA B 750 -53.91 15.23 27.95
CA ALA B 750 -53.45 15.53 26.60
C ALA B 750 -54.62 16.00 25.76
N LYS B 763 -51.11 5.05 31.02
CA LYS B 763 -50.38 4.93 29.76
C LYS B 763 -48.91 5.34 29.92
N ILE B 764 -48.49 5.51 31.18
CA ILE B 764 -47.12 5.93 31.46
C ILE B 764 -46.28 4.69 31.79
N GLU B 765 -46.06 3.84 30.79
CA GLU B 765 -45.18 2.69 30.92
C GLU B 765 -43.98 2.79 30.00
N ALA B 766 -43.54 4.02 29.73
CA ALA B 766 -42.23 4.21 29.11
C ALA B 766 -41.14 3.61 29.98
N ALA B 767 -41.36 3.56 31.30
CA ALA B 767 -40.49 2.88 32.25
C ALA B 767 -39.07 3.46 32.22
N LEU B 768 -39.00 4.78 32.26
CA LEU B 768 -37.75 5.52 32.41
C LEU B 768 -36.76 5.26 31.28
N PRO B 769 -37.08 5.57 30.02
CA PRO B 769 -36.08 5.47 28.96
C PRO B 769 -35.25 6.75 28.83
N SER B 770 -35.93 7.89 28.91
CA SER B 770 -35.28 9.20 29.01
C SER B 770 -34.43 9.56 27.80
N ASP B 773 -39.19 11.65 24.05
CA ASP B 773 -39.75 11.32 22.76
C ASP B 773 -41.18 10.76 22.90
N ILE B 774 -42.05 11.18 22.00
CA ILE B 774 -43.43 10.69 21.94
C ILE B 774 -43.77 10.46 20.47
N ARG B 775 -44.03 9.21 20.11
CA ARG B 775 -44.34 8.86 18.73
C ARG B 775 -45.82 8.50 18.59
N LEU B 810 -44.27 18.98 21.31
CA LEU B 810 -44.29 18.47 19.94
C LEU B 810 -44.77 19.56 18.98
N GLY B 811 -45.50 19.14 17.93
CA GLY B 811 -46.35 20.05 17.19
C GLY B 811 -47.58 20.45 17.96
N PHE B 812 -47.61 20.13 19.27
CA PHE B 812 -48.73 20.30 20.17
C PHE B 812 -48.59 21.53 21.05
N THR B 813 -47.72 22.47 20.66
CA THR B 813 -47.51 23.76 21.31
C THR B 813 -46.99 23.54 22.72
N ARG B 814 -45.68 23.52 22.81
CA ARG B 814 -44.95 23.32 24.05
C ARG B 814 -43.64 24.10 23.93
N ALA B 815 -43.70 25.38 24.35
CA ALA B 815 -42.57 26.31 24.26
C ALA B 815 -41.34 25.80 24.99
N GLN B 816 -40.83 24.64 24.56
CA GLN B 816 -39.74 23.92 25.19
C GLN B 816 -39.81 24.00 26.72
N ILE B 817 -41.00 23.78 27.27
CA ILE B 817 -41.19 23.67 28.71
C ILE B 817 -40.87 22.24 29.09
N GLU B 818 -39.64 21.80 28.80
CA GLU B 818 -39.18 20.46 29.10
C GLU B 818 -38.55 20.36 30.49
N ALA B 819 -39.04 21.16 31.44
CA ALA B 819 -38.84 20.84 32.84
C ALA B 819 -39.45 19.49 33.18
N ALA B 820 -40.34 18.99 32.31
CA ALA B 820 -40.74 17.59 32.37
C ALA B 820 -39.52 16.69 32.32
N ASN B 821 -38.66 16.89 31.32
CA ASN B 821 -37.40 16.16 31.27
C ASN B 821 -36.59 16.34 32.55
N ASP B 822 -36.57 17.56 33.09
CA ASP B 822 -35.96 17.78 34.40
C ASP B 822 -36.68 17.02 35.50
N HIS B 823 -37.94 16.65 35.29
CA HIS B 823 -38.76 15.98 36.30
C HIS B 823 -38.88 14.49 36.04
N VAL B 824 -39.45 14.10 34.90
CA VAL B 824 -39.69 12.69 34.62
C VAL B 824 -38.39 11.92 34.42
N CYS B 825 -37.29 12.60 34.10
CA CYS B 825 -36.05 11.93 33.77
C CYS B 825 -34.81 12.48 34.46
N GLY B 826 -34.91 13.54 35.25
CA GLY B 826 -33.81 14.02 36.04
C GLY B 826 -32.97 15.05 35.32
N THR B 827 -32.24 15.84 36.13
CA THR B 827 -31.40 16.90 35.61
C THR B 827 -30.08 16.40 35.05
N MET B 828 -29.79 15.11 35.17
CA MET B 828 -28.53 14.48 34.74
C MET B 828 -27.30 15.12 35.39
N THR B 829 -27.50 15.96 36.39
CA THR B 829 -26.40 16.68 37.02
C THR B 829 -26.76 16.94 38.47
N LEU B 830 -25.73 17.22 39.27
CA LEU B 830 -25.92 17.61 40.66
C LEU B 830 -25.71 19.11 40.87
N GLU B 831 -25.43 19.84 39.79
CA GLU B 831 -25.26 21.29 39.87
C GLU B 831 -26.59 21.96 40.19
N GLY B 832 -26.65 22.65 41.32
CA GLY B 832 -27.90 23.21 41.78
C GLY B 832 -28.82 22.10 42.26
N ALA B 833 -28.34 21.33 43.22
CA ALA B 833 -29.09 20.20 43.74
C ALA B 833 -29.50 20.48 45.17
N PRO B 834 -30.53 19.79 45.67
CA PRO B 834 -30.94 20.00 47.06
C PRO B 834 -29.84 19.62 48.04
N HIS B 835 -29.73 20.42 49.12
CA HIS B 835 -28.97 20.19 50.36
C HIS B 835 -27.45 20.32 50.18
N LEU B 836 -26.91 19.92 49.04
CA LEU B 836 -25.48 19.69 48.96
C LEU B 836 -24.70 20.99 49.07
N LYS B 837 -23.66 20.97 49.89
CA LYS B 837 -22.89 22.17 50.14
C LYS B 837 -22.08 22.56 48.93
N ALA B 838 -21.99 23.88 48.67
CA ALA B 838 -21.34 24.38 47.47
C ALA B 838 -19.91 23.86 47.33
N GLU B 839 -19.16 23.87 48.42
CA GLU B 839 -17.76 23.46 48.39
C GLU B 839 -17.58 21.96 48.17
N HIS B 840 -18.65 21.18 48.12
CA HIS B 840 -18.56 19.73 47.98
C HIS B 840 -19.07 19.23 46.63
N LEU B 841 -19.26 20.11 45.66
CA LEU B 841 -19.70 19.68 44.33
C LEU B 841 -18.57 19.62 43.31
N PRO B 842 -17.52 20.43 43.43
CA PRO B 842 -16.34 20.22 42.57
C PRO B 842 -15.78 18.82 42.65
N VAL B 843 -16.19 18.03 43.62
CA VAL B 843 -15.72 16.66 43.77
C VAL B 843 -16.57 15.72 42.92
N PHE B 844 -17.47 16.28 42.11
CA PHE B 844 -18.28 15.45 41.21
C PHE B 844 -18.16 15.91 39.75
N ASP B 845 -17.25 16.82 39.44
CA ASP B 845 -17.04 17.25 38.06
C ASP B 845 -16.53 16.08 37.21
N CYS B 846 -17.05 15.98 36.00
CA CYS B 846 -16.74 14.87 35.11
C CYS B 846 -15.94 15.36 33.91
N ALA B 847 -15.71 14.47 32.94
CA ALA B 847 -14.93 14.82 31.77
C ALA B 847 -15.68 15.80 30.88
N ASN B 848 -16.99 15.62 30.74
CA ASN B 848 -17.85 16.48 29.94
C ASN B 848 -18.96 17.05 30.81
N PRO B 849 -19.55 18.18 30.40
CA PRO B 849 -20.68 18.73 31.16
C PRO B 849 -21.83 17.73 31.25
N CYS B 850 -22.22 17.41 32.48
CA CYS B 850 -23.23 16.37 32.71
C CYS B 850 -24.61 16.88 32.32
N GLY B 851 -25.21 16.25 31.32
CA GLY B 851 -26.57 16.57 30.93
C GLY B 851 -26.66 17.63 29.85
N LYS B 852 -27.88 18.11 29.66
CA LYS B 852 -28.14 19.13 28.63
C LYS B 852 -27.84 20.54 29.15
N LYS B 853 -28.22 20.82 30.40
CA LYS B 853 -28.03 22.14 30.98
C LYS B 853 -26.86 22.21 31.96
N GLY B 854 -26.13 21.13 32.15
CA GLY B 854 -24.92 21.18 32.95
C GLY B 854 -23.87 22.04 32.27
N LYS B 855 -23.11 22.78 33.08
CA LYS B 855 -22.17 23.77 32.55
C LYS B 855 -20.75 23.65 33.08
N ARG B 856 -20.51 22.91 34.15
CA ARG B 856 -19.18 22.81 34.75
C ARG B 856 -18.56 21.45 34.44
N TYR B 857 -17.26 21.46 34.15
CA TYR B 857 -16.54 20.24 33.82
C TYR B 857 -15.09 20.40 34.29
N LEU B 858 -14.35 19.29 34.21
CA LEU B 858 -12.93 19.29 34.57
C LEU B 858 -12.13 19.94 33.45
N SER B 859 -11.36 20.97 33.80
CA SER B 859 -10.67 21.78 32.81
C SER B 859 -9.49 21.01 32.21
N VAL B 860 -8.86 21.61 31.21
CA VAL B 860 -7.79 20.93 30.47
C VAL B 860 -6.59 20.68 31.36
N GLU B 861 -6.27 21.62 32.26
CA GLU B 861 -5.13 21.44 33.15
C GLU B 861 -5.43 20.44 34.26
N SER B 862 -6.70 20.22 34.59
CA SER B 862 -7.06 19.18 35.54
C SER B 862 -6.61 17.81 35.04
N HIS B 863 -6.73 17.57 33.73
CA HIS B 863 -6.31 16.28 33.18
C HIS B 863 -4.79 16.18 33.13
N ILE B 864 -4.12 17.27 32.79
CA ILE B 864 -2.68 17.24 32.57
C ILE B 864 -1.93 17.14 33.90
N HIS B 865 -2.29 17.97 34.87
CA HIS B 865 -1.59 17.94 36.16
C HIS B 865 -1.75 16.59 36.84
N MET B 866 -2.89 15.93 36.65
CA MET B 866 -3.05 14.57 37.15
C MET B 866 -2.07 13.62 36.49
N MET B 867 -1.78 13.83 35.21
CA MET B 867 -0.83 12.98 34.49
C MET B 867 0.59 13.16 35.03
N ALA B 868 1.04 14.41 35.13
CA ALA B 868 2.41 14.68 35.55
C ALA B 868 2.69 14.15 36.95
N ALA B 869 1.65 14.08 37.80
CA ALA B 869 1.84 13.56 39.15
C ALA B 869 2.15 12.07 39.13
N ALA B 870 1.66 11.35 38.13
CA ALA B 870 1.85 9.91 38.06
C ALA B 870 3.05 9.50 37.23
N GLN B 871 3.48 10.34 36.28
CA GLN B 871 4.51 9.92 35.33
C GLN B 871 5.89 9.87 35.98
N SER B 872 6.12 10.66 37.02
CA SER B 872 7.40 10.57 37.73
C SER B 872 7.57 9.25 38.45
N PHE B 873 6.57 8.38 38.44
CA PHE B 873 6.61 7.09 39.11
C PHE B 873 6.03 6.00 38.21
N ILE B 874 6.31 6.09 36.91
CA ILE B 874 5.91 5.07 35.94
C ILE B 874 7.02 4.94 34.90
N SER B 875 7.35 3.72 34.51
CA SER B 875 8.41 3.49 33.54
C SER B 875 8.06 4.10 32.18
N GLY B 876 6.96 3.66 31.61
CA GLY B 876 6.50 4.15 30.33
C GLY B 876 5.44 5.21 30.49
N ALA B 877 5.23 5.97 29.43
CA ALA B 877 4.34 7.11 29.49
C ALA B 877 2.90 6.70 29.83
N ILE B 878 2.08 7.70 30.11
CA ILE B 878 0.66 7.53 30.36
C ILE B 878 -0.09 7.84 29.08
N SER B 879 -0.97 6.91 28.66
CA SER B 879 -1.75 7.11 27.45
C SER B 879 -2.95 8.00 27.75
N LYS B 880 -3.15 9.02 26.91
CA LYS B 880 -4.22 9.97 27.17
C LYS B 880 -4.46 10.81 25.91
N THR B 881 -5.74 11.09 25.65
CA THR B 881 -6.15 12.11 24.69
C THR B 881 -7.22 12.95 25.36
N ILE B 882 -6.91 14.23 25.61
CA ILE B 882 -7.79 15.10 26.36
C ILE B 882 -8.68 15.89 25.40
N ASN B 883 -9.99 15.81 25.61
CA ASN B 883 -10.92 16.59 24.79
C ASN B 883 -10.87 18.05 25.21
N MET B 884 -10.71 18.93 24.22
CA MET B 884 -10.79 20.35 24.46
C MET B 884 -12.11 20.90 23.90
N PRO B 885 -12.65 21.97 24.49
CA PRO B 885 -13.91 22.52 23.98
C PRO B 885 -13.74 23.05 22.57
N ASN B 886 -14.87 23.18 21.87
CA ASN B 886 -14.85 23.75 20.53
C ASN B 886 -14.29 25.17 20.55
N SER B 887 -14.43 25.87 21.67
CA SER B 887 -13.90 27.23 21.80
C SER B 887 -12.38 27.28 21.75
N ALA B 888 -11.71 26.15 21.93
CA ALA B 888 -10.26 26.13 22.08
C ALA B 888 -9.57 26.72 20.86
N THR B 889 -8.66 27.64 21.08
CA THR B 889 -7.92 28.29 20.01
C THR B 889 -6.59 27.59 19.78
N ILE B 890 -5.94 27.95 18.66
CA ILE B 890 -4.66 27.34 18.32
C ILE B 890 -3.60 27.67 19.36
N ALA B 891 -3.65 28.87 19.94
CA ALA B 891 -2.70 29.22 20.99
C ALA B 891 -2.88 28.32 22.21
N GLU B 892 -4.13 28.00 22.56
CA GLU B 892 -4.37 27.16 23.73
C GLU B 892 -3.98 25.71 23.49
N THR B 893 -3.99 25.26 22.23
CA THR B 893 -3.61 23.87 21.93
C THR B 893 -2.13 23.65 22.18
N LEU B 894 -1.28 24.55 21.68
CA LEU B 894 0.14 24.47 21.99
C LEU B 894 0.39 24.76 23.47
N ALA B 895 -0.46 25.56 24.10
CA ALA B 895 -0.33 25.81 25.53
C ALA B 895 -0.48 24.52 26.33
N ALA B 896 -1.32 23.60 25.86
CA ALA B 896 -1.44 22.30 26.53
C ALA B 896 -0.20 21.45 26.28
N TYR B 897 0.36 21.52 25.07
CA TYR B 897 1.60 20.79 24.78
C TYR B 897 2.78 21.39 25.53
N GLU B 898 2.90 22.73 25.51
CA GLU B 898 4.01 23.38 26.18
C GLU B 898 3.96 23.18 27.69
N LEU B 899 2.75 23.16 28.26
CA LEU B 899 2.61 22.86 29.68
C LEU B 899 2.98 21.42 29.98
N SER B 900 2.71 20.50 29.04
CA SER B 900 2.99 19.09 29.29
C SER B 900 4.48 18.82 29.40
N HIS B 901 5.29 19.41 28.51
CA HIS B 901 6.73 19.19 28.59
C HIS B 901 7.33 19.80 29.85
N SER B 902 6.88 20.99 30.22
CA SER B 902 7.39 21.63 31.43
C SER B 902 7.05 20.85 32.69
N LEU B 903 6.02 20.00 32.63
CA LEU B 903 5.58 19.22 33.78
C LEU B 903 6.18 17.81 33.79
N GLY B 904 7.01 17.47 32.81
CA GLY B 904 7.69 16.18 32.81
C GLY B 904 6.90 15.04 32.22
N ILE B 905 6.04 15.31 31.24
CA ILE B 905 5.22 14.29 30.59
C ILE B 905 5.93 13.84 29.32
N LYS B 906 5.82 12.54 29.03
CA LYS B 906 6.55 11.95 27.92
C LYS B 906 5.77 12.01 26.61
N ALA B 907 4.47 11.77 26.65
CA ALA B 907 3.65 11.78 25.44
C ALA B 907 2.24 12.22 25.80
N ASN B 908 1.56 12.80 24.80
CA ASN B 908 0.22 13.30 24.99
C ASN B 908 -0.51 13.29 23.65
N ALA B 909 -1.77 13.72 23.65
CA ALA B 909 -2.59 13.77 22.45
C ALA B 909 -3.79 14.65 22.74
N LEU B 910 -4.21 15.42 21.73
CA LEU B 910 -5.33 16.34 21.86
C LEU B 910 -6.41 16.01 20.85
N TYR B 911 -7.62 16.49 21.15
CA TYR B 911 -8.72 16.46 20.19
C TYR B 911 -9.70 17.57 20.55
N ARG B 912 -9.85 18.54 19.65
CA ARG B 912 -10.82 19.61 19.83
C ARG B 912 -12.20 19.13 19.44
N ASP B 913 -13.20 19.45 20.26
CA ASP B 913 -14.55 18.98 20.00
C ASP B 913 -15.09 19.58 18.71
N GLY B 914 -15.62 18.72 17.83
CA GLY B 914 -16.16 19.18 16.57
C GLY B 914 -15.12 19.63 15.56
N SER B 915 -13.86 19.21 15.74
CA SER B 915 -12.81 19.64 14.82
C SER B 915 -12.82 18.81 13.54
N LYS B 916 -13.06 17.51 13.65
CA LYS B 916 -13.03 16.62 12.49
C LYS B 916 -14.42 16.47 11.87
N LEU B 917 -14.45 16.17 10.57
CA LEU B 917 -15.70 15.84 9.90
C LEU B 917 -16.30 14.54 10.39
N SER B 918 -15.52 13.72 11.10
CA SER B 918 -16.01 12.47 11.67
C SER B 918 -16.74 12.76 12.98
N GLN B 919 -17.90 13.39 12.84
CA GLN B 919 -18.72 13.77 14.00
C GLN B 919 -20.07 13.03 14.01
PG DTP C . -7.09 -19.59 6.86
O1G DTP C . -8.29 -20.27 6.26
O2G DTP C . -6.46 -20.39 7.98
O3G DTP C . -7.37 -18.16 7.26
PB DTP C . -4.47 -19.07 5.55
O1B DTP C . -3.82 -19.89 4.47
O2B DTP C . -3.85 -18.99 6.90
O3B DTP C . -5.98 -19.57 5.69
PA DTP C . -4.75 -16.13 5.65
O1A DTP C . -5.77 -16.13 6.73
O2A DTP C . -3.35 -15.70 5.99
O3A DTP C . -4.68 -17.58 4.98
O5' DTP C . -5.30 -15.25 4.42
C5' DTP C . -6.37 -15.78 3.61
C4' DTP C . -7.19 -14.65 3.04
O4' DTP C . -7.79 -13.91 4.13
C3' DTP C . -6.43 -13.63 2.20
O3' DTP C . -7.31 -13.06 1.24
C2' DTP C . -6.05 -12.59 3.27
C1' DTP C . -7.31 -12.57 4.11
N9 DTP C . -7.04 -12.18 5.50
C8 DTP C . -6.25 -12.84 6.40
N7 DTP C . -6.20 -12.24 7.56
C5 DTP C . -7.02 -11.12 7.42
C6 DTP C . -7.39 -10.09 8.29
N6 DTP C . -6.96 -9.99 9.55
N1 DTP C . -8.22 -9.13 7.82
C2 DTP C . -8.64 -9.23 6.55
N3 DTP C . -8.37 -10.16 5.63
C4 DTP C . -7.54 -11.09 6.14
MG MG D . 19.36 1.49 -3.11
MG MG E . -5.55 -17.61 8.08
PG DTP F . 21.14 3.31 -1.74
O1G DTP F . 21.80 4.64 -1.53
O2G DTP F . 22.09 2.28 -2.33
O3G DTP F . 19.87 3.43 -2.53
PB DTP F . 20.07 1.38 0.26
O1B DTP F . 20.42 1.25 1.71
O2B DTP F . 20.37 0.25 -0.68
O3B DTP F . 20.75 2.72 -0.28
PA DTP F . 17.32 1.53 -0.90
O1A DTP F . 17.79 2.02 -2.22
O2A DTP F . 16.80 0.14 -0.80
O3A DTP F . 18.51 1.73 0.18
O5' DTP F . 16.23 2.56 -0.32
C5' DTP F . 16.68 3.74 0.38
C4' DTP F . 15.63 4.82 0.33
O4' DTP F . 15.31 5.07 -1.06
C3' DTP F . 14.30 4.53 1.03
O3' DTP F . 13.76 5.76 1.52
C2' DTP F . 13.46 3.99 -0.12
C1' DTP F . 13.92 4.83 -1.28
N9 DTP F . 13.83 4.14 -2.56
C8 DTP F . 14.49 2.99 -2.92
N7 DTP F . 14.21 2.61 -4.14
C5 DTP F . 13.32 3.57 -4.61
C6 DTP F . 12.66 3.73 -5.84
N6 DTP F . 12.80 2.91 -6.87
N1 DTP F . 11.84 4.81 -5.97
C2 DTP F . 11.71 5.64 -4.93
N3 DTP F . 12.28 5.59 -3.73
C4 DTP F . 13.08 4.52 -3.63
#